data_7B9A
#
_entry.id   7B9A
#
_cell.length_a   69.410
_cell.length_b   230.050
_cell.length_c   82.740
_cell.angle_alpha   90.000
_cell.angle_beta   101.520
_cell.angle_gamma   90.000
#
_symmetry.space_group_name_H-M   'P 1 21 1'
#
loop_
_entity.id
_entity.type
_entity.pdbx_description
1 polymer 'Carbon monoxide dehydrogenase'
2 non-polymer 'IRON/SULFUR CLUSTER'
3 non-polymer XENON
4 non-polymer 'BROMIDE ION'
5 non-polymer 3,5-dioxa-7-thia-1-thionia-2$l^{2},4$l^{2},6$l^{3},8$l^{2}-tetraferrabicyclo[4.2.0]octane
6 non-polymer 'HYDROSULFURIC ACID'
7 non-polymer 'FE2/S2 (INORGANIC) CLUSTER'
#
_entity_poly.entity_id   1
_entity_poly.type   'polypeptide(L)'
_entity_poly.pdbx_seq_one_letter_code
;MATKTSIHPSVNELYQRLAEDQLSNCFDRFDPQEKIRCNYCELGVSCQLCSNGPCRINEKVGATLGVCGINADGMAMRYM
LLRNVMGTSTYTYHAYEAYKTLKMTALGNTPFTITDKDKLYQMAKDLELNTEGKPEDVAVRLSDFLIWELYRDYDEPGKM
IEVYAPLKRKEVWRKLGIYPAGPLHELKDAAASCLTNVDGDYVSLATKGLRLGLSCIYGAQIGLELVQDILFGTGMPHEM
DVDLGIFDADYINIVFNGHEPFVGVALILAAKEAVNQDKAKAAGAKSLRIYGSIESGQEVVQRFQKDEVFRGLTGNWLTI
EPMLATGAVDVLAMDMNCSPPNLGPLAEKYGATLVSVSRLVRFPGIHHFLDYKPSEVREIAQKIIDIAVDSFKNKRHGKI
TPKIPANIQKAITGFTPEAILKALGGSINPLIEVIKAGKIKGAVGLINCTTLKNGPQDYVTVNLAKELIKRDILILSGGC
GNHALEVAGLCNLDAINLAGPGLSEVCRNLNIPPVLSFGTCTDTGRISLVVTALANALNVDTADLPVAVTAPMYMEQKAT
IDALFALAYGLYTHVAPDPPVMGAPNLVKLLTRDLPSITGGRIAVGSDPVKVADDILAHINDRRAKLGI
;
_entity_poly.pdbx_strand_id   A,B,C,D
#
# COMPACT_ATOMS: atom_id res chain seq x y z
N MET A 1 3.16 28.72 2.17
CA MET A 1 2.96 27.66 1.18
C MET A 1 4.26 26.94 0.85
N ALA A 2 4.85 27.24 -0.30
CA ALA A 2 6.11 26.62 -0.68
C ALA A 2 7.22 27.08 0.27
N THR A 3 7.93 26.12 0.86
CA THR A 3 8.92 26.45 1.89
C THR A 3 10.17 27.07 1.29
N LYS A 4 10.49 26.74 0.04
CA LYS A 4 11.66 27.29 -0.64
C LYS A 4 11.25 27.82 -2.00
N THR A 5 11.64 29.06 -2.29
CA THR A 5 11.30 29.68 -3.57
C THR A 5 12.56 30.05 -4.34
N SER A 6 13.12 31.23 -4.09
CA SER A 6 14.26 31.69 -4.87
C SER A 6 14.96 32.82 -4.13
N ILE A 7 16.20 33.09 -4.54
CA ILE A 7 16.91 34.27 -4.07
C ILE A 7 16.66 35.47 -4.96
N HIS A 8 16.20 35.26 -6.19
CA HIS A 8 15.93 36.37 -7.10
C HIS A 8 14.55 36.94 -6.79
N PRO A 9 14.45 38.25 -6.50
CA PRO A 9 13.13 38.81 -6.19
C PRO A 9 12.16 38.79 -7.37
N SER A 10 12.66 38.81 -8.60
CA SER A 10 11.76 38.72 -9.76
C SER A 10 11.08 37.35 -9.81
N VAL A 11 11.87 36.29 -9.60
CA VAL A 11 11.32 34.94 -9.61
C VAL A 11 10.32 34.76 -8.47
N ASN A 12 10.58 35.39 -7.32
CA ASN A 12 9.63 35.34 -6.21
C ASN A 12 8.34 36.06 -6.57
N GLU A 13 8.45 37.27 -7.12
CA GLU A 13 7.27 38.03 -7.52
C GLU A 13 6.43 37.28 -8.54
N LEU A 14 7.07 36.49 -9.40
CA LEU A 14 6.31 35.75 -10.41
C LEU A 14 5.78 34.43 -9.86
N TYR A 15 6.49 33.80 -8.92
CA TYR A 15 5.92 32.63 -8.24
C TYR A 15 4.67 33.00 -7.48
N GLN A 16 4.65 34.20 -6.90
CA GLN A 16 3.44 34.63 -6.18
C GLN A 16 2.25 34.75 -7.13
N ARG A 17 2.48 35.19 -8.37
CA ARG A 17 1.40 35.25 -9.34
C ARG A 17 1.00 33.87 -9.82
N LEU A 18 1.98 32.98 -10.00
CA LEU A 18 1.67 31.59 -10.36
C LEU A 18 0.79 30.94 -9.30
N ALA A 19 1.11 31.18 -8.02
CA ALA A 19 0.32 30.60 -6.94
C ALA A 19 -1.04 31.29 -6.81
N GLU A 20 -1.11 32.58 -7.11
CA GLU A 20 -2.39 33.28 -7.05
C GLU A 20 -3.34 32.80 -8.14
N ASP A 21 -2.80 32.32 -9.27
CA ASP A 21 -3.61 31.73 -10.33
C ASP A 21 -3.87 30.24 -10.12
N GLN A 22 -3.44 29.69 -8.98
CA GLN A 22 -3.68 28.28 -8.64
C GLN A 22 -3.11 27.32 -9.68
N LEU A 23 -2.02 27.70 -10.32
CA LEU A 23 -1.31 26.86 -11.26
C LEU A 23 -0.14 26.17 -10.58
N SER A 24 0.08 24.91 -10.95
CA SER A 24 1.14 24.13 -10.31
C SER A 24 2.51 24.57 -10.82
N ASN A 25 3.49 24.58 -9.91
CA ASN A 25 4.85 24.96 -10.24
C ASN A 25 5.82 24.09 -9.45
N CYS A 26 7.10 24.15 -9.82
CA CYS A 26 8.11 23.31 -9.18
C CYS A 26 8.19 23.59 -7.68
N PHE A 27 8.20 24.87 -7.30
CA PHE A 27 8.31 25.23 -5.90
C PHE A 27 7.13 24.66 -5.10
N ASP A 28 5.92 24.75 -5.64
CA ASP A 28 4.75 24.22 -4.93
C ASP A 28 4.73 22.70 -4.95
N ARG A 29 5.36 22.08 -5.95
CA ARG A 29 5.38 20.63 -6.05
C ARG A 29 6.50 19.97 -5.25
N PHE A 30 7.46 20.76 -4.75
CA PHE A 30 8.58 20.17 -4.02
C PHE A 30 8.14 19.56 -2.69
N ASP A 31 7.33 20.30 -1.91
CA ASP A 31 6.96 19.88 -0.55
C ASP A 31 6.07 18.64 -0.53
N PRO A 32 5.05 18.53 -1.39
CA PRO A 32 4.29 17.26 -1.42
C PRO A 32 5.18 16.05 -1.69
N GLN A 33 6.23 16.22 -2.49
CA GLN A 33 7.20 15.14 -2.66
C GLN A 33 8.08 14.98 -1.43
N GLU A 34 8.31 16.06 -0.69
CA GLU A 34 9.05 15.96 0.57
C GLU A 34 8.28 15.12 1.59
N LYS A 35 6.95 15.13 1.51
CA LYS A 35 6.15 14.39 2.49
C LYS A 35 6.41 12.89 2.45
N ILE A 36 6.72 12.33 1.28
CA ILE A 36 6.83 10.89 1.12
C ILE A 36 8.16 10.50 0.49
N ARG A 37 9.24 11.17 0.89
CA ARG A 37 10.56 10.85 0.35
C ARG A 37 10.98 9.45 0.76
N CYS A 38 11.49 8.71 -0.22
CA CYS A 38 12.02 7.36 -0.02
C CYS A 38 13.51 7.46 0.32
N ASN A 39 13.88 7.01 1.52
CA ASN A 39 15.29 7.06 1.91
C ASN A 39 16.13 6.01 1.18
N TYR A 40 15.51 4.92 0.74
CA TYR A 40 16.21 3.94 -0.08
C TYR A 40 16.74 4.57 -1.36
N CYS A 41 15.86 5.16 -2.16
CA CYS A 41 16.27 5.76 -3.42
C CYS A 41 17.19 6.94 -3.20
N GLU A 42 16.93 7.72 -2.14
CA GLU A 42 17.77 8.88 -1.86
C GLU A 42 19.18 8.46 -1.45
N LEU A 43 19.31 7.33 -0.76
CA LEU A 43 20.63 6.77 -0.48
C LEU A 43 21.17 5.94 -1.64
N GLY A 44 20.33 5.65 -2.65
CA GLY A 44 20.79 4.90 -3.80
C GLY A 44 20.81 3.40 -3.60
N VAL A 45 20.14 2.89 -2.58
CA VAL A 45 20.16 1.45 -2.29
C VAL A 45 18.84 0.82 -2.72
N SER A 46 18.29 1.28 -3.85
CA SER A 46 17.11 0.67 -4.44
C SER A 46 17.35 0.47 -5.93
N CYS A 47 16.68 -0.52 -6.50
CA CYS A 47 16.89 -0.86 -7.91
C CYS A 47 15.56 -1.20 -8.56
N GLN A 48 15.48 -0.96 -9.86
CA GLN A 48 14.28 -1.23 -10.64
C GLN A 48 14.61 -1.80 -12.03
N LEU A 49 15.74 -2.49 -12.16
CA LEU A 49 16.24 -2.87 -13.47
C LEU A 49 15.69 -4.20 -13.99
N CYS A 50 14.98 -4.95 -13.17
CA CYS A 50 14.52 -6.27 -13.61
C CYS A 50 13.25 -6.65 -12.86
N SER A 51 12.57 -7.66 -13.41
CA SER A 51 11.27 -8.07 -12.87
C SER A 51 11.37 -8.74 -11.51
N ASN A 52 12.53 -9.30 -11.17
CA ASN A 52 12.71 -9.82 -9.82
C ASN A 52 12.64 -8.72 -8.77
N GLY A 53 12.81 -7.46 -9.17
CA GLY A 53 12.65 -6.34 -8.28
C GLY A 53 11.21 -5.92 -8.14
N PRO A 54 10.96 -4.71 -7.62
CA PRO A 54 11.95 -3.74 -7.15
C PRO A 54 12.67 -4.20 -5.89
N CYS A 55 13.98 -3.97 -5.83
CA CYS A 55 14.78 -4.45 -4.72
C CYS A 55 15.31 -3.28 -3.90
N ARG A 56 15.36 -3.48 -2.59
CA ARG A 56 15.94 -2.54 -1.65
C ARG A 56 17.04 -3.23 -0.86
N ILE A 57 18.02 -2.46 -0.42
CA ILE A 57 19.11 -2.97 0.40
C ILE A 57 18.78 -2.66 1.86
N ASN A 58 18.56 -3.70 2.66
CA ASN A 58 18.25 -3.54 4.07
C ASN A 58 18.80 -4.78 4.78
N GLU A 59 20.03 -4.65 5.30
CA GLU A 59 20.71 -5.79 5.90
C GLU A 59 20.12 -6.13 7.27
N LYS A 60 19.56 -5.15 7.97
CA LYS A 60 18.99 -5.42 9.29
C LYS A 60 17.69 -6.20 9.22
N VAL A 61 17.10 -6.33 8.04
CA VAL A 61 15.92 -7.18 7.84
C VAL A 61 16.22 -8.42 7.03
N GLY A 62 17.46 -8.59 6.56
CA GLY A 62 17.88 -9.77 5.85
C GLY A 62 18.08 -9.60 4.36
N ALA A 63 17.87 -8.41 3.82
CA ALA A 63 18.02 -8.16 2.38
C ALA A 63 19.37 -7.49 2.12
N THR A 64 20.43 -8.30 2.26
CA THR A 64 21.78 -7.79 2.06
C THR A 64 22.05 -7.48 0.59
N LEU A 65 21.67 -8.38 -0.30
CA LEU A 65 21.83 -8.20 -1.74
C LEU A 65 20.45 -8.17 -2.39
N GLY A 66 20.42 -7.70 -3.63
CA GLY A 66 19.24 -7.86 -4.45
C GLY A 66 19.05 -9.31 -4.83
N VAL A 67 17.91 -9.60 -5.47
CA VAL A 67 17.62 -10.97 -5.89
C VAL A 67 18.71 -11.48 -6.83
N CYS A 68 19.30 -10.59 -7.64
CA CYS A 68 20.37 -11.00 -8.52
C CYS A 68 21.62 -11.41 -7.74
N GLY A 69 21.97 -10.64 -6.71
CA GLY A 69 23.19 -10.85 -5.95
C GLY A 69 24.10 -9.65 -5.88
N ILE A 70 23.74 -8.52 -6.49
CA ILE A 70 24.58 -7.33 -6.44
C ILE A 70 24.50 -6.71 -5.05
N ASN A 71 25.56 -6.03 -4.65
CA ASN A 71 25.58 -5.36 -3.37
C ASN A 71 25.21 -3.89 -3.55
N ALA A 72 25.15 -3.15 -2.44
CA ALA A 72 24.69 -1.77 -2.50
C ALA A 72 25.62 -0.90 -3.35
N ASP A 73 26.93 -1.14 -3.25
CA ASP A 73 27.89 -0.34 -4.00
C ASP A 73 27.68 -0.47 -5.50
N GLY A 74 27.62 -1.71 -5.98
CA GLY A 74 27.36 -1.93 -7.40
C GLY A 74 26.02 -1.37 -7.83
N MET A 75 25.00 -1.50 -6.97
CA MET A 75 23.68 -0.96 -7.29
C MET A 75 23.75 0.55 -7.53
N ALA A 76 24.32 1.29 -6.57
CA ALA A 76 24.38 2.74 -6.69
C ALA A 76 25.22 3.15 -7.90
N MET A 77 26.40 2.56 -8.06
CA MET A 77 27.28 2.99 -9.15
C MET A 77 26.69 2.63 -10.50
N ARG A 78 26.03 1.48 -10.61
CA ARG A 78 25.41 1.09 -11.87
C ARG A 78 24.26 2.02 -12.23
N TYR A 79 23.44 2.41 -11.26
CA TYR A 79 22.36 3.35 -11.56
C TYR A 79 22.93 4.70 -12.00
N MET A 80 23.99 5.16 -11.33
CA MET A 80 24.63 6.42 -11.72
C MET A 80 25.14 6.36 -13.16
N LEU A 81 25.84 5.28 -13.50
CA LEU A 81 26.35 5.14 -14.87
C LEU A 81 25.19 5.07 -15.88
N LEU A 82 24.13 4.35 -15.52
CA LEU A 82 22.98 4.21 -16.41
C LEU A 82 22.39 5.58 -16.75
N ARG A 83 22.21 6.43 -15.75
CA ARG A 83 21.63 7.73 -16.07
C ARG A 83 22.64 8.70 -16.67
N ASN A 84 23.94 8.53 -16.40
CA ASN A 84 24.94 9.35 -17.09
C ASN A 84 25.03 9.02 -18.57
N VAL A 85 24.61 7.81 -18.95
CA VAL A 85 24.44 7.49 -20.37
C VAL A 85 23.57 8.55 -21.04
N MET A 86 22.55 9.05 -20.34
CA MET A 86 21.65 10.05 -20.92
C MET A 86 22.36 11.37 -21.17
N GLY A 87 23.17 11.83 -20.21
CA GLY A 87 23.91 13.06 -20.43
C GLY A 87 24.90 12.94 -21.57
N THR A 88 25.60 11.81 -21.65
CA THR A 88 26.48 11.58 -22.79
C THR A 88 25.69 11.58 -24.09
N SER A 89 24.48 11.01 -24.07
CA SER A 89 23.63 11.01 -25.26
C SER A 89 23.25 12.41 -25.68
N THR A 90 22.92 13.27 -24.72
CA THR A 90 22.54 14.65 -25.05
C THR A 90 23.73 15.40 -25.65
N TYR A 91 24.91 15.26 -25.05
CA TYR A 91 26.08 15.95 -25.59
C TYR A 91 26.44 15.43 -26.98
N THR A 92 26.35 14.11 -27.19
CA THR A 92 26.66 13.54 -28.50
C THR A 92 25.63 13.97 -29.54
N TYR A 93 24.35 14.07 -29.14
CA TYR A 93 23.30 14.58 -30.02
C TYR A 93 23.63 15.99 -30.46
N HIS A 94 23.96 16.86 -29.50
CA HIS A 94 24.34 18.24 -29.82
C HIS A 94 25.51 18.27 -30.77
N ALA A 95 26.55 17.47 -30.49
CA ALA A 95 27.75 17.50 -31.33
C ALA A 95 27.46 17.01 -32.75
N TYR A 96 26.67 15.94 -32.88
CA TYR A 96 26.36 15.42 -34.20
C TYR A 96 25.55 16.42 -35.01
N GLU A 97 24.55 17.04 -34.38
CA GLU A 97 23.78 18.05 -35.10
C GLU A 97 24.62 19.27 -35.45
N ALA A 98 25.60 19.61 -34.60
CA ALA A 98 26.49 20.72 -34.92
C ALA A 98 27.36 20.41 -36.13
N TYR A 99 27.89 19.17 -36.19
CA TYR A 99 28.71 18.78 -37.33
C TYR A 99 27.87 18.74 -38.61
N LYS A 100 26.64 18.24 -38.51
CA LYS A 100 25.74 18.25 -39.67
C LYS A 100 25.43 19.68 -40.11
N THR A 101 25.25 20.58 -39.14
CA THR A 101 24.98 21.98 -39.46
C THR A 101 26.17 22.61 -40.18
N LEU A 102 27.38 22.36 -39.70
CA LEU A 102 28.56 22.90 -40.35
C LEU A 102 28.73 22.33 -41.75
N LYS A 103 28.45 21.04 -41.92
CA LYS A 103 28.57 20.42 -43.24
C LYS A 103 27.56 21.01 -44.22
N MET A 104 26.30 21.14 -43.81
CA MET A 104 25.29 21.73 -44.67
C MET A 104 25.50 23.22 -44.88
N THR A 105 26.23 23.89 -43.98
CA THR A 105 26.53 25.30 -44.15
C THR A 105 27.67 25.50 -45.16
N ALA A 106 28.70 24.66 -45.10
CA ALA A 106 29.82 24.77 -46.03
C ALA A 106 29.38 24.53 -47.47
N LEU A 107 28.24 23.88 -47.69
CA LEU A 107 27.73 23.64 -49.02
C LEU A 107 26.57 24.55 -49.39
N GLY A 108 26.21 25.50 -48.54
CA GLY A 108 25.27 26.54 -48.91
C GLY A 108 23.81 26.23 -48.75
N ASN A 109 23.46 25.31 -47.84
CA ASN A 109 22.06 24.95 -47.62
C ASN A 109 21.52 25.46 -46.28
N THR A 110 22.17 26.48 -45.71
CA THR A 110 21.76 27.06 -44.44
C THR A 110 21.83 28.58 -44.57
N PRO A 111 21.12 29.32 -43.70
CA PRO A 111 21.30 30.77 -43.66
C PRO A 111 22.51 31.16 -42.81
N PHE A 112 23.41 30.20 -42.60
CA PHE A 112 24.60 30.41 -41.78
C PHE A 112 25.83 30.62 -42.67
N THR A 113 26.88 31.17 -42.06
CA THR A 113 28.14 31.37 -42.74
C THR A 113 29.28 30.96 -41.80
N ILE A 114 30.46 30.77 -42.38
CA ILE A 114 31.66 30.43 -41.61
C ILE A 114 32.25 31.73 -41.09
N THR A 115 31.97 32.05 -39.82
CA THR A 115 32.46 33.29 -39.24
C THR A 115 33.95 33.21 -38.92
N ASP A 116 34.32 32.32 -38.00
CA ASP A 116 35.70 32.22 -37.52
C ASP A 116 36.47 31.28 -38.43
N LYS A 117 37.11 31.84 -39.45
CA LYS A 117 37.95 31.04 -40.34
C LYS A 117 39.30 30.73 -39.72
N ASP A 118 39.81 31.61 -38.86
CA ASP A 118 41.07 31.34 -38.17
C ASP A 118 40.98 30.06 -37.37
N LYS A 119 39.89 29.90 -36.60
CA LYS A 119 39.72 28.69 -35.81
C LYS A 119 39.55 27.46 -36.69
N LEU A 120 38.83 27.60 -37.81
CA LEU A 120 38.67 26.49 -38.74
C LEU A 120 40.03 26.00 -39.25
N TYR A 121 40.85 26.93 -39.72
CA TYR A 121 42.15 26.52 -40.27
C TYR A 121 43.09 26.02 -39.18
N GLN A 122 43.03 26.60 -37.98
CA GLN A 122 43.87 26.12 -36.89
C GLN A 122 43.49 24.71 -36.49
N MET A 123 42.18 24.40 -36.42
CA MET A 123 41.75 23.04 -36.15
C MET A 123 42.17 22.10 -37.26
N ALA A 124 42.03 22.52 -38.52
CA ALA A 124 42.45 21.69 -39.63
C ALA A 124 43.93 21.36 -39.54
N LYS A 125 44.75 22.33 -39.13
CA LYS A 125 46.18 22.08 -38.99
C LYS A 125 46.46 21.13 -37.83
N ASP A 126 45.92 21.43 -36.65
CA ASP A 126 46.22 20.63 -35.47
C ASP A 126 45.74 19.20 -35.64
N LEU A 127 44.60 19.01 -36.32
CA LEU A 127 44.08 17.67 -36.58
C LEU A 127 44.63 17.09 -37.87
N GLU A 128 45.57 17.78 -38.53
CA GLU A 128 46.28 17.26 -39.70
C GLU A 128 45.32 16.92 -40.85
N LEU A 129 44.37 17.82 -41.11
CA LEU A 129 43.46 17.66 -42.22
C LEU A 129 43.99 18.40 -43.45
N ASN A 130 43.33 18.18 -44.58
CA ASN A 130 43.73 18.81 -45.84
C ASN A 130 43.25 20.25 -45.86
N THR A 131 44.19 21.19 -45.92
CA THR A 131 43.87 22.62 -45.89
C THR A 131 43.74 23.24 -47.27
N GLU A 132 43.89 22.45 -48.33
CA GLU A 132 43.84 23.00 -49.68
C GLU A 132 42.42 23.42 -50.05
N GLY A 133 42.32 24.29 -51.05
CA GLY A 133 41.05 24.71 -51.59
C GLY A 133 40.34 25.81 -50.83
N LYS A 134 39.02 25.83 -50.91
CA LYS A 134 38.22 26.84 -50.26
C LYS A 134 38.09 26.55 -48.76
N PRO A 135 37.74 27.56 -47.96
CA PRO A 135 37.47 27.31 -46.54
C PRO A 135 36.31 26.34 -46.32
N GLU A 136 35.31 26.36 -47.20
CA GLU A 136 34.17 25.47 -47.04
C GLU A 136 34.54 24.00 -47.23
N ASP A 137 35.50 23.72 -48.12
CA ASP A 137 35.98 22.35 -48.26
C ASP A 137 36.66 21.88 -46.97
N VAL A 138 37.44 22.77 -46.35
CA VAL A 138 38.06 22.43 -45.07
C VAL A 138 37.00 22.24 -44.00
N ALA A 139 35.91 23.01 -44.07
CA ALA A 139 34.82 22.84 -43.12
C ALA A 139 34.15 21.48 -43.28
N VAL A 140 33.96 21.04 -44.54
CA VAL A 140 33.41 19.71 -44.79
C VAL A 140 34.35 18.63 -44.24
N ARG A 141 35.66 18.80 -44.46
CA ARG A 141 36.62 17.84 -43.93
C ARG A 141 36.57 17.77 -42.41
N LEU A 142 36.48 18.94 -41.75
CA LEU A 142 36.41 18.96 -40.30
C LEU A 142 35.12 18.31 -39.80
N SER A 143 34.01 18.56 -40.51
CA SER A 143 32.74 17.92 -40.16
C SER A 143 32.89 16.39 -40.20
N ASP A 144 33.42 15.87 -41.30
CA ASP A 144 33.56 14.42 -41.43
C ASP A 144 34.52 13.85 -40.38
N PHE A 145 35.61 14.57 -40.08
CA PHE A 145 36.56 14.06 -39.10
C PHE A 145 35.97 14.04 -37.70
N LEU A 146 35.21 15.07 -37.33
CA LEU A 146 34.60 15.08 -36.01
C LEU A 146 33.47 14.06 -35.91
N ILE A 147 32.76 13.80 -37.01
CA ILE A 147 31.79 12.71 -37.01
C ILE A 147 32.49 11.38 -36.81
N TRP A 148 33.65 11.20 -37.45
CA TRP A 148 34.43 10.00 -37.22
C TRP A 148 34.88 9.89 -35.77
N GLU A 149 35.29 11.00 -35.16
CA GLU A 149 35.59 11.02 -33.74
C GLU A 149 34.40 10.57 -32.91
N LEU A 150 33.19 10.96 -33.32
CA LEU A 150 31.99 10.45 -32.68
C LEU A 150 31.86 8.94 -32.86
N TYR A 151 32.22 8.43 -34.04
CA TYR A 151 31.96 7.04 -34.41
C TYR A 151 33.07 6.08 -34.01
N ARG A 152 34.16 6.56 -33.39
CA ARG A 152 35.30 5.72 -33.11
C ARG A 152 34.91 4.52 -32.24
N ASP A 153 35.45 3.35 -32.59
CA ASP A 153 35.19 2.14 -31.85
C ASP A 153 36.27 1.92 -30.80
N TYR A 154 36.22 0.79 -30.09
CA TYR A 154 37.10 0.54 -28.97
C TYR A 154 38.56 0.40 -29.37
N ASP A 155 38.85 0.08 -30.64
CA ASP A 155 40.20 -0.26 -31.06
C ASP A 155 40.82 0.78 -31.98
N GLU A 156 40.21 1.96 -32.11
CA GLU A 156 40.72 2.97 -33.02
C GLU A 156 41.21 4.17 -32.23
N PRO A 157 42.49 4.53 -32.30
CA PRO A 157 42.98 5.69 -31.55
C PRO A 157 42.41 7.00 -32.08
N GLY A 158 42.17 7.93 -31.16
CA GLY A 158 41.58 9.21 -31.51
C GLY A 158 42.61 10.34 -31.52
N LYS A 159 42.23 11.45 -32.14
CA LYS A 159 43.12 12.59 -32.31
C LYS A 159 42.77 13.79 -31.43
N MET A 160 41.49 14.00 -31.13
CA MET A 160 41.10 15.14 -30.32
C MET A 160 41.70 15.05 -28.92
N ILE A 161 41.70 13.85 -28.33
CA ILE A 161 42.23 13.69 -26.98
C ILE A 161 43.74 13.85 -26.97
N GLU A 162 44.40 13.59 -28.10
CA GLU A 162 45.84 13.83 -28.18
C GLU A 162 46.17 15.30 -28.35
N VAL A 163 45.28 16.06 -29.00
CA VAL A 163 45.58 17.46 -29.28
C VAL A 163 45.22 18.35 -28.09
N TYR A 164 44.06 18.11 -27.46
CA TYR A 164 43.53 19.04 -26.48
C TYR A 164 43.75 18.61 -25.04
N ALA A 165 44.51 17.54 -24.81
CA ALA A 165 44.80 17.13 -23.44
C ALA A 165 46.30 17.19 -23.17
N PRO A 166 46.70 17.52 -21.95
CA PRO A 166 48.13 17.61 -21.64
C PRO A 166 48.79 16.24 -21.60
N LEU A 167 50.12 16.26 -21.51
CA LEU A 167 50.92 15.04 -21.62
C LEU A 167 50.68 14.12 -20.41
N LYS A 168 50.91 14.65 -19.20
CA LYS A 168 50.84 13.82 -18.01
C LYS A 168 49.45 13.25 -17.77
N ARG A 169 48.41 13.99 -18.16
CA ARG A 169 47.04 13.46 -18.02
C ARG A 169 46.82 12.29 -18.96
N LYS A 170 47.28 12.40 -20.21
CA LYS A 170 47.20 11.27 -21.13
C LYS A 170 47.98 10.08 -20.60
N GLU A 171 49.13 10.34 -19.96
CA GLU A 171 49.90 9.26 -19.35
C GLU A 171 49.11 8.57 -18.24
N VAL A 172 48.47 9.36 -17.38
CA VAL A 172 47.67 8.79 -16.30
C VAL A 172 46.52 7.96 -16.87
N TRP A 173 45.86 8.47 -17.91
CA TRP A 173 44.71 7.76 -18.47
C TRP A 173 45.15 6.46 -19.14
N ARG A 174 46.29 6.47 -19.84
CA ARG A 174 46.76 5.24 -20.47
C ARG A 174 47.27 4.23 -19.45
N LYS A 175 47.80 4.71 -18.31
CA LYS A 175 48.21 3.77 -17.27
C LYS A 175 47.01 3.25 -16.47
N LEU A 176 45.88 3.96 -16.48
CA LEU A 176 44.65 3.46 -15.89
C LEU A 176 43.82 2.64 -16.86
N GLY A 177 44.11 2.71 -18.16
CA GLY A 177 43.32 2.00 -19.14
C GLY A 177 41.94 2.58 -19.36
N ILE A 178 41.77 3.88 -19.14
CA ILE A 178 40.48 4.52 -19.30
C ILE A 178 40.49 5.41 -20.53
N TYR A 179 41.36 5.10 -21.48
CA TYR A 179 41.33 5.76 -22.78
C TYR A 179 40.04 5.39 -23.50
N PRO A 180 39.10 6.31 -23.67
CA PRO A 180 37.78 5.93 -24.17
C PRO A 180 37.75 5.84 -25.69
N ALA A 181 36.71 5.16 -26.18
CA ALA A 181 36.42 5.13 -27.60
C ALA A 181 35.61 6.37 -27.98
N GLY A 182 34.90 6.32 -29.10
CA GLY A 182 33.98 7.36 -29.45
C GLY A 182 32.82 7.39 -28.45
N PRO A 183 32.24 8.56 -28.24
CA PRO A 183 31.11 8.65 -27.29
C PRO A 183 29.96 7.73 -27.63
N LEU A 184 29.68 7.49 -28.90
CA LEU A 184 28.61 6.56 -29.28
C LEU A 184 28.89 5.16 -28.74
N HIS A 185 30.03 4.58 -29.11
CA HIS A 185 30.39 3.26 -28.62
C HIS A 185 30.54 3.25 -27.10
N GLU A 186 31.02 4.35 -26.52
CA GLU A 186 31.25 4.38 -25.09
C GLU A 186 29.93 4.33 -24.32
N LEU A 187 28.95 5.14 -24.70
CA LEU A 187 27.66 5.08 -24.05
C LEU A 187 26.94 3.78 -24.36
N LYS A 188 27.14 3.22 -25.56
CA LYS A 188 26.60 1.90 -25.86
C LYS A 188 27.12 0.86 -24.89
N ASP A 189 28.44 0.84 -24.68
CA ASP A 189 29.05 -0.13 -23.77
C ASP A 189 28.61 0.09 -22.34
N ALA A 190 28.48 1.36 -21.91
CA ALA A 190 28.03 1.64 -20.56
C ALA A 190 26.61 1.12 -20.33
N ALA A 191 25.70 1.44 -21.25
CA ALA A 191 24.33 0.97 -21.12
C ALA A 191 24.26 -0.55 -21.17
N ALA A 192 25.07 -1.18 -22.02
CA ALA A 192 25.10 -2.64 -22.07
C ALA A 192 25.63 -3.23 -20.77
N SER A 193 26.57 -2.54 -20.12
CA SER A 193 27.10 -2.99 -18.85
C SER A 193 26.07 -2.89 -17.74
N CYS A 194 25.23 -1.84 -17.78
CA CYS A 194 24.26 -1.64 -16.71
C CYS A 194 23.11 -2.63 -16.73
N LEU A 195 23.00 -3.47 -17.77
CA LEU A 195 21.93 -4.47 -17.79
C LEU A 195 22.13 -5.48 -16.67
N THR A 196 21.03 -6.11 -16.27
CA THR A 196 21.05 -7.05 -15.16
C THR A 196 21.98 -8.22 -15.45
N ASN A 197 22.78 -8.58 -14.45
CA ASN A 197 23.72 -9.70 -14.52
C ASN A 197 24.75 -9.51 -15.64
N VAL A 198 25.25 -8.28 -15.77
CA VAL A 198 26.33 -7.99 -16.69
C VAL A 198 27.52 -7.47 -15.90
N ASP A 199 27.49 -6.19 -15.53
CA ASP A 199 28.53 -5.57 -14.73
C ASP A 199 27.94 -5.24 -13.37
N GLY A 200 28.50 -5.83 -12.31
CA GLY A 200 28.05 -5.57 -10.96
C GLY A 200 29.19 -5.25 -10.01
N ASP A 201 30.26 -4.67 -10.56
CA ASP A 201 31.45 -4.31 -9.80
C ASP A 201 31.52 -2.79 -9.70
N TYR A 202 31.41 -2.26 -8.48
CA TYR A 202 31.33 -0.82 -8.31
C TYR A 202 32.60 -0.13 -8.78
N VAL A 203 33.76 -0.77 -8.56
CA VAL A 203 35.01 -0.23 -9.08
C VAL A 203 34.97 -0.18 -10.61
N SER A 204 34.49 -1.26 -11.23
CA SER A 204 34.45 -1.31 -12.69
C SER A 204 33.43 -0.32 -13.24
N LEU A 205 32.28 -0.19 -12.58
CA LEU A 205 31.29 0.77 -13.05
C LEU A 205 31.76 2.21 -12.88
N ALA A 206 32.53 2.50 -11.83
CA ALA A 206 33.10 3.83 -11.68
C ALA A 206 34.19 4.09 -12.73
N THR A 207 35.01 3.07 -13.03
CA THR A 207 35.96 3.19 -14.13
C THR A 207 35.25 3.51 -15.43
N LYS A 208 34.14 2.83 -15.70
CA LYS A 208 33.39 3.10 -16.92
C LYS A 208 32.73 4.48 -16.88
N GLY A 209 32.37 4.97 -15.70
CA GLY A 209 31.87 6.34 -15.59
C GLY A 209 32.94 7.37 -15.94
N LEU A 210 34.16 7.17 -15.45
CA LEU A 210 35.26 8.06 -15.82
C LEU A 210 35.55 7.98 -17.32
N ARG A 211 35.51 6.76 -17.87
CA ARG A 211 35.67 6.56 -19.30
C ARG A 211 34.60 7.33 -20.07
N LEU A 212 33.36 7.31 -19.57
CA LEU A 212 32.26 8.00 -20.22
C LEU A 212 32.46 9.51 -20.15
N GLY A 213 32.96 10.02 -19.03
CA GLY A 213 33.24 11.45 -18.92
C GLY A 213 34.30 11.92 -19.90
N LEU A 214 35.41 11.17 -19.98
CA LEU A 214 36.44 11.50 -20.96
C LEU A 214 35.89 11.41 -22.38
N SER A 215 35.09 10.38 -22.66
CA SER A 215 34.44 10.25 -23.96
C SER A 215 33.61 11.48 -24.27
N CYS A 216 32.84 11.95 -23.30
CA CYS A 216 31.96 13.09 -23.53
C CYS A 216 32.77 14.35 -23.83
N ILE A 217 33.83 14.61 -23.06
CA ILE A 217 34.55 15.86 -23.24
C ILE A 217 35.36 15.85 -24.54
N TYR A 218 36.11 14.78 -24.79
CA TYR A 218 37.01 14.80 -25.93
C TYR A 218 36.42 14.25 -27.21
N GLY A 219 35.19 13.71 -27.16
CA GLY A 219 34.58 13.20 -28.37
C GLY A 219 33.33 13.96 -28.77
N ALA A 220 32.91 14.92 -27.96
CA ALA A 220 31.66 15.63 -28.24
C ALA A 220 31.74 17.12 -27.93
N GLN A 221 32.04 17.48 -26.68
CA GLN A 221 31.90 18.86 -26.24
C GLN A 221 32.88 19.78 -26.95
N ILE A 222 34.17 19.46 -26.92
CA ILE A 222 35.18 20.35 -27.47
C ILE A 222 34.93 20.59 -28.95
N GLY A 223 34.71 19.51 -29.71
CA GLY A 223 34.50 19.66 -31.14
C GLY A 223 33.25 20.46 -31.47
N LEU A 224 32.15 20.19 -30.75
CA LEU A 224 30.92 20.90 -31.05
C LEU A 224 31.04 22.38 -30.72
N GLU A 225 31.72 22.72 -29.61
CA GLU A 225 31.86 24.13 -29.27
C GLU A 225 32.79 24.85 -30.22
N LEU A 226 33.85 24.17 -30.69
CA LEU A 226 34.72 24.80 -31.68
C LEU A 226 34.01 24.96 -33.02
N VAL A 227 33.13 24.02 -33.38
CA VAL A 227 32.36 24.17 -34.61
C VAL A 227 31.36 25.33 -34.48
N GLN A 228 30.74 25.47 -33.31
CA GLN A 228 29.86 26.61 -33.07
C GLN A 228 30.65 27.92 -33.11
N ASP A 229 31.91 27.90 -32.65
CA ASP A 229 32.78 29.07 -32.82
C ASP A 229 32.99 29.37 -34.29
N ILE A 230 33.32 28.35 -35.08
CA ILE A 230 33.54 28.54 -36.52
C ILE A 230 32.29 29.11 -37.18
N LEU A 231 31.12 28.66 -36.76
CA LEU A 231 29.88 29.08 -37.41
C LEU A 231 29.50 30.50 -37.01
N PHE A 232 29.38 30.75 -35.70
CA PHE A 232 28.82 32.00 -35.21
C PHE A 232 29.85 32.91 -34.54
N GLY A 233 31.11 32.51 -34.48
CA GLY A 233 32.13 33.39 -33.96
C GLY A 233 32.62 32.94 -32.59
N THR A 234 33.89 33.24 -32.32
CA THR A 234 34.46 33.00 -31.00
C THR A 234 34.06 34.14 -30.07
N GLY A 235 33.54 33.79 -28.90
CA GLY A 235 32.99 34.80 -28.02
C GLY A 235 34.05 35.72 -27.46
N MET A 236 33.72 37.01 -27.41
CA MET A 236 34.52 38.04 -26.78
C MET A 236 33.68 38.78 -25.74
N PRO A 237 34.29 39.29 -24.67
CA PRO A 237 33.51 39.88 -23.59
C PRO A 237 32.72 41.11 -24.05
N HIS A 238 31.47 41.17 -23.63
CA HIS A 238 30.60 42.30 -23.93
C HIS A 238 29.51 42.38 -22.87
N GLU A 239 28.89 43.55 -22.79
CA GLU A 239 27.86 43.79 -21.79
C GLU A 239 26.51 43.25 -22.27
N MET A 240 25.71 42.77 -21.32
CA MET A 240 24.46 42.10 -21.63
C MET A 240 23.48 42.34 -20.48
N ASP A 241 22.20 42.35 -20.82
CA ASP A 241 21.13 42.50 -19.83
C ASP A 241 20.52 41.15 -19.50
N VAL A 242 20.42 40.85 -18.21
CA VAL A 242 19.84 39.61 -17.72
C VAL A 242 18.75 39.95 -16.71
N ASP A 243 18.09 38.89 -16.23
CA ASP A 243 16.90 38.92 -15.39
C ASP A 243 15.68 39.31 -16.21
N LEU A 244 14.48 39.04 -15.70
CA LEU A 244 13.25 39.10 -16.47
C LEU A 244 12.72 40.52 -16.66
N GLY A 245 13.47 41.54 -16.25
CA GLY A 245 13.07 42.91 -16.54
C GLY A 245 13.30 43.33 -17.98
N ILE A 246 14.02 42.53 -18.76
CA ILE A 246 14.27 42.85 -20.16
C ILE A 246 13.04 42.65 -21.04
N PHE A 247 11.97 42.09 -20.50
CA PHE A 247 10.76 41.87 -21.27
C PHE A 247 9.97 43.17 -21.42
N ASP A 248 9.34 43.33 -22.58
CA ASP A 248 8.46 44.46 -22.86
C ASP A 248 7.21 43.91 -23.52
N ALA A 249 6.06 44.14 -22.90
CA ALA A 249 4.81 43.54 -23.37
C ALA A 249 4.33 44.13 -24.68
N ASP A 250 4.83 45.31 -25.06
CA ASP A 250 4.40 45.95 -26.30
C ASP A 250 5.09 45.38 -27.54
N TYR A 251 5.91 44.34 -27.39
CA TYR A 251 6.62 43.74 -28.50
C TYR A 251 6.18 42.29 -28.67
N ILE A 252 6.33 41.78 -29.89
CA ILE A 252 6.12 40.36 -30.17
C ILE A 252 7.39 39.65 -29.71
N ASN A 253 7.32 39.00 -28.55
CA ASN A 253 8.49 38.43 -27.89
C ASN A 253 8.58 36.94 -28.18
N ILE A 254 9.72 36.50 -28.72
CA ILE A 254 9.99 35.10 -28.99
C ILE A 254 11.18 34.68 -28.14
N VAL A 255 11.04 33.56 -27.43
CA VAL A 255 12.07 33.05 -26.54
C VAL A 255 12.45 31.65 -27.02
N PHE A 256 13.74 31.46 -27.32
CA PHE A 256 14.27 30.14 -27.65
C PHE A 256 14.94 29.55 -26.42
N ASN A 257 14.68 28.27 -26.16
CA ASN A 257 14.98 27.66 -24.87
C ASN A 257 15.48 26.24 -25.10
N GLY A 258 16.71 25.96 -24.68
CA GLY A 258 17.25 24.62 -24.82
C GLY A 258 18.75 24.51 -24.60
N HIS A 259 19.48 24.13 -25.65
CA HIS A 259 20.93 23.99 -25.56
C HIS A 259 21.60 24.30 -26.89
N GLU A 260 20.93 23.96 -28.01
CA GLU A 260 21.53 24.21 -29.33
C GLU A 260 21.09 25.57 -29.86
N PRO A 261 22.01 26.41 -30.28
CA PRO A 261 21.68 27.81 -30.65
C PRO A 261 21.27 28.03 -32.09
N PHE A 262 21.13 26.97 -32.90
CA PHE A 262 20.89 27.15 -34.32
C PHE A 262 19.54 27.81 -34.58
N VAL A 263 18.48 27.31 -33.91
CA VAL A 263 17.15 27.89 -34.08
C VAL A 263 17.14 29.34 -33.62
N GLY A 264 17.83 29.64 -32.52
CA GLY A 264 17.85 31.00 -32.01
C GLY A 264 18.50 31.98 -32.96
N VAL A 265 19.65 31.61 -33.53
CA VAL A 265 20.32 32.53 -34.45
C VAL A 265 19.56 32.63 -35.76
N ALA A 266 18.89 31.54 -36.18
CA ALA A 266 18.03 31.63 -37.36
C ALA A 266 16.87 32.58 -37.11
N LEU A 267 16.30 32.54 -35.91
CA LEU A 267 15.24 33.47 -35.55
C LEU A 267 15.74 34.91 -35.53
N ILE A 268 16.95 35.12 -35.02
CA ILE A 268 17.53 36.47 -35.02
C ILE A 268 17.73 36.97 -36.46
N LEU A 269 18.20 36.08 -37.34
CA LEU A 269 18.42 36.47 -38.73
C LEU A 269 17.10 36.78 -39.43
N ALA A 270 16.08 35.94 -39.22
CA ALA A 270 14.79 36.16 -39.87
C ALA A 270 14.07 37.37 -39.30
N ALA A 271 14.30 37.70 -38.03
CA ALA A 271 13.70 38.87 -37.42
C ALA A 271 14.39 40.16 -37.87
N LYS A 272 15.64 40.08 -38.34
CA LYS A 272 16.31 41.24 -38.93
C LYS A 272 15.73 41.61 -40.29
N GLU A 273 14.90 40.76 -40.88
CA GLU A 273 14.28 41.09 -42.15
C GLU A 273 13.18 42.14 -41.94
N ALA A 274 13.13 43.12 -42.85
CA ALA A 274 12.18 44.21 -42.70
C ALA A 274 10.75 43.74 -42.88
N VAL A 275 10.53 42.66 -43.64
CA VAL A 275 9.17 42.17 -43.86
C VAL A 275 8.58 41.62 -42.56
N ASN A 276 9.38 40.91 -41.76
CA ASN A 276 8.87 40.37 -40.50
C ASN A 276 8.65 41.48 -39.48
N GLN A 277 9.49 42.52 -39.48
CA GLN A 277 9.24 43.66 -38.61
C GLN A 277 7.97 44.39 -39.02
N ASP A 278 7.73 44.52 -40.33
CA ASP A 278 6.48 45.10 -40.80
C ASP A 278 5.29 44.23 -40.43
N LYS A 279 5.47 42.91 -40.38
CA LYS A 279 4.40 42.03 -39.92
C LYS A 279 4.13 42.24 -38.43
N ALA A 280 5.19 42.38 -37.63
CA ALA A 280 5.01 42.63 -36.19
C ALA A 280 4.32 43.97 -35.96
N LYS A 281 4.63 44.97 -36.78
CA LYS A 281 4.03 46.29 -36.61
C LYS A 281 2.59 46.33 -37.10
N ALA A 282 2.32 45.74 -38.27
CA ALA A 282 0.96 45.69 -38.80
C ALA A 282 0.04 44.84 -37.95
N ALA A 283 0.60 43.96 -37.11
CA ALA A 283 -0.20 43.19 -36.18
C ALA A 283 -0.56 43.97 -34.93
N GLY A 284 -0.03 45.17 -34.75
CA GLY A 284 -0.34 46.00 -33.61
C GLY A 284 0.76 46.13 -32.56
N ALA A 285 1.94 45.58 -32.81
CA ALA A 285 3.03 45.62 -31.85
C ALA A 285 4.08 46.66 -32.28
N LYS A 286 4.96 46.99 -31.35
CA LYS A 286 6.05 47.92 -31.66
C LYS A 286 7.00 47.32 -32.70
N SER A 287 7.52 46.14 -32.41
CA SER A 287 8.40 45.42 -33.33
C SER A 287 8.52 43.98 -32.86
N LEU A 288 9.34 43.20 -33.57
CA LEU A 288 9.57 41.80 -33.25
C LEU A 288 10.90 41.68 -32.51
N ARG A 289 10.85 41.08 -31.32
CA ARG A 289 12.03 40.92 -30.48
C ARG A 289 12.25 39.45 -30.16
N ILE A 290 13.52 39.08 -29.98
CA ILE A 290 13.92 37.72 -29.67
C ILE A 290 14.68 37.72 -28.34
N TYR A 291 14.41 36.70 -27.52
CA TYR A 291 15.05 36.55 -26.22
C TYR A 291 15.70 35.18 -26.13
N GLY A 292 16.79 35.12 -25.38
CA GLY A 292 17.52 33.87 -25.16
C GLY A 292 17.28 33.36 -23.75
N SER A 293 16.99 32.07 -23.66
CA SER A 293 16.74 31.42 -22.38
C SER A 293 17.77 30.32 -22.15
N ILE A 294 17.91 29.93 -20.88
CA ILE A 294 18.91 28.99 -20.36
C ILE A 294 20.14 28.88 -21.23
N GLU A 295 20.50 27.65 -21.61
CA GLU A 295 21.81 27.40 -22.21
C GLU A 295 21.88 27.79 -23.68
N SER A 296 20.79 27.65 -24.42
CA SER A 296 20.75 28.17 -25.79
C SER A 296 20.99 29.67 -25.79
N GLY A 297 20.22 30.41 -24.98
CA GLY A 297 20.44 31.82 -24.85
C GLY A 297 21.83 32.16 -24.32
N GLN A 298 22.40 31.31 -23.49
CA GLN A 298 23.75 31.55 -23.00
C GLN A 298 24.77 31.41 -24.13
N GLU A 299 24.65 30.35 -24.94
CA GLU A 299 25.47 30.22 -26.13
C GLU A 299 25.37 31.46 -27.02
N VAL A 300 24.15 31.97 -27.20
CA VAL A 300 23.97 33.11 -28.10
C VAL A 300 24.54 34.39 -27.50
N VAL A 301 24.35 34.61 -26.20
CA VAL A 301 24.88 35.81 -25.56
C VAL A 301 26.40 35.73 -25.40
N GLN A 302 26.98 34.54 -25.51
CA GLN A 302 28.44 34.45 -25.52
C GLN A 302 29.03 35.14 -26.75
N ARG A 303 28.33 35.06 -27.88
CA ARG A 303 28.89 35.46 -29.16
C ARG A 303 28.18 36.62 -29.84
N PHE A 304 26.98 36.99 -29.40
CA PHE A 304 26.19 38.00 -30.08
C PHE A 304 25.88 39.17 -29.15
N GLN A 305 25.74 40.34 -29.74
CA GLN A 305 25.58 41.59 -29.01
C GLN A 305 24.10 41.93 -28.82
N LYS A 306 23.84 42.82 -27.87
CA LYS A 306 22.49 43.30 -27.61
C LYS A 306 22.13 44.39 -28.62
N ASP A 307 20.98 44.22 -29.28
CA ASP A 307 20.47 45.21 -30.20
C ASP A 307 18.97 45.35 -29.93
N GLU A 308 18.23 45.90 -30.91
CA GLU A 308 16.80 46.07 -30.72
C GLU A 308 16.04 44.76 -30.80
N VAL A 309 16.59 43.75 -31.49
CA VAL A 309 15.91 42.48 -31.66
C VAL A 309 16.31 41.48 -30.58
N PHE A 310 17.61 41.25 -30.39
CA PHE A 310 18.10 40.38 -29.34
C PHE A 310 18.29 41.20 -28.06
N ARG A 311 17.61 40.78 -26.99
CA ARG A 311 17.52 41.60 -25.79
C ARG A 311 18.23 41.01 -24.58
N GLY A 312 18.72 39.78 -24.66
CA GLY A 312 19.51 39.23 -23.56
C GLY A 312 19.14 37.83 -23.12
N LEU A 313 19.37 37.54 -21.84
CA LEU A 313 19.17 36.21 -21.27
C LEU A 313 18.10 36.28 -20.19
N THR A 314 17.20 35.29 -20.19
CA THR A 314 16.11 35.27 -19.22
C THR A 314 16.58 34.74 -17.87
N GLY A 315 17.19 33.56 -17.85
CA GLY A 315 17.67 32.99 -16.60
C GLY A 315 17.94 31.50 -16.76
N ASN A 316 17.83 30.78 -15.64
CA ASN A 316 18.04 29.35 -15.62
C ASN A 316 16.70 28.63 -15.76
N TRP A 317 16.74 27.29 -15.64
CA TRP A 317 15.56 26.50 -15.96
C TRP A 317 14.44 26.75 -14.95
N LEU A 318 14.77 26.93 -13.68
CA LEU A 318 13.77 27.25 -12.67
C LEU A 318 13.13 28.61 -12.89
N THR A 319 13.59 29.39 -13.87
CA THR A 319 12.93 30.65 -14.24
C THR A 319 11.94 30.49 -15.37
N ILE A 320 11.81 29.30 -15.96
CA ILE A 320 10.95 29.15 -17.14
C ILE A 320 9.49 29.26 -16.76
N GLU A 321 9.07 28.58 -15.69
CA GLU A 321 7.69 28.68 -15.23
C GLU A 321 7.33 30.10 -14.82
N PRO A 322 8.12 30.81 -14.00
CA PRO A 322 7.77 32.22 -13.71
C PRO A 322 7.88 33.13 -14.91
N MET A 323 8.76 32.83 -15.87
CA MET A 323 8.85 33.64 -17.08
C MET A 323 7.52 33.68 -17.83
N LEU A 324 6.92 32.51 -18.01
CA LEU A 324 5.59 32.46 -18.63
C LEU A 324 4.57 33.23 -17.80
N ALA A 325 4.79 33.33 -16.49
CA ALA A 325 3.90 34.10 -15.63
C ALA A 325 3.98 35.59 -15.88
N THR A 326 4.98 36.06 -16.63
CA THR A 326 5.07 37.47 -16.96
C THR A 326 3.95 37.93 -17.88
N GLY A 327 3.32 37.00 -18.60
CA GLY A 327 2.32 37.39 -19.58
C GLY A 327 2.87 38.18 -20.73
N ALA A 328 4.16 38.02 -21.04
CA ALA A 328 4.82 38.78 -22.08
C ALA A 328 5.47 37.91 -23.14
N VAL A 329 5.28 36.59 -23.08
CA VAL A 329 5.88 35.66 -24.03
C VAL A 329 4.83 35.25 -25.05
N ASP A 330 5.17 35.41 -26.34
CA ASP A 330 4.29 34.97 -27.41
C ASP A 330 4.64 33.59 -27.95
N VAL A 331 5.92 33.23 -27.95
CA VAL A 331 6.35 31.92 -28.41
C VAL A 331 7.52 31.46 -27.55
N LEU A 332 7.49 30.20 -27.11
CA LEU A 332 8.58 29.57 -26.39
C LEU A 332 9.09 28.42 -27.25
N ALA A 333 10.14 28.68 -28.04
CA ALA A 333 10.72 27.65 -28.90
C ALA A 333 11.69 26.80 -28.09
N MET A 334 11.42 25.50 -28.02
CA MET A 334 12.17 24.58 -27.15
C MET A 334 12.91 23.56 -28.00
N ASP A 335 14.20 23.37 -27.70
CA ASP A 335 15.04 22.43 -28.45
C ASP A 335 15.64 21.32 -27.59
N MET A 336 15.78 21.52 -26.28
CA MET A 336 16.29 20.45 -25.42
C MET A 336 15.93 20.77 -23.97
N ASN A 337 16.71 20.26 -23.04
CA ASN A 337 16.51 20.55 -21.62
C ASN A 337 17.03 21.96 -21.30
N CYS A 338 16.29 22.67 -20.45
CA CYS A 338 15.08 22.14 -19.83
C CYS A 338 13.80 22.66 -20.48
N SER A 339 12.91 21.73 -20.77
CA SER A 339 11.55 22.02 -21.22
C SER A 339 10.62 21.28 -20.27
N PRO A 340 10.29 21.87 -19.12
CA PRO A 340 9.52 21.15 -18.09
C PRO A 340 8.21 20.65 -18.64
N PRO A 341 7.81 19.42 -18.27
CA PRO A 341 6.67 18.78 -18.95
C PRO A 341 5.31 19.37 -18.62
N ASN A 342 5.19 20.22 -17.61
CA ASN A 342 3.91 20.81 -17.23
C ASN A 342 3.84 22.29 -17.62
N LEU A 343 4.32 22.62 -18.81
CA LEU A 343 4.27 23.98 -19.32
C LEU A 343 2.98 24.30 -20.07
N GLY A 344 2.17 23.28 -20.39
CA GLY A 344 0.96 23.47 -21.15
C GLY A 344 -0.04 24.41 -20.52
N PRO A 345 -0.57 24.04 -19.35
CA PRO A 345 -1.55 24.92 -18.69
C PRO A 345 -1.02 26.31 -18.41
N LEU A 346 0.29 26.44 -18.12
CA LEU A 346 0.86 27.75 -17.86
C LEU A 346 0.83 28.63 -19.10
N ALA A 347 1.19 28.07 -20.26
CA ALA A 347 1.09 28.83 -21.50
C ALA A 347 -0.36 29.10 -21.90
N GLU A 348 -1.28 28.20 -21.50
CA GLU A 348 -2.69 28.43 -21.81
C GLU A 348 -3.27 29.55 -20.97
N LYS A 349 -2.82 29.69 -19.72
CA LYS A 349 -3.37 30.73 -18.85
C LYS A 349 -2.80 32.10 -19.19
N TYR A 350 -1.52 32.18 -19.54
CA TYR A 350 -0.85 33.45 -19.76
C TYR A 350 -0.75 33.82 -21.24
N GLY A 351 -1.41 33.08 -22.12
CA GLY A 351 -1.47 33.46 -23.52
C GLY A 351 -0.21 33.22 -24.31
N ALA A 352 0.48 32.11 -24.07
CA ALA A 352 1.71 31.78 -24.78
C ALA A 352 1.52 30.54 -25.63
N THR A 353 2.33 30.42 -26.68
CA THR A 353 2.29 29.29 -27.59
C THR A 353 3.61 28.54 -27.50
N LEU A 354 3.53 27.22 -27.31
CA LEU A 354 4.70 26.37 -27.14
C LEU A 354 5.02 25.66 -28.45
N VAL A 355 6.26 25.81 -28.91
CA VAL A 355 6.73 25.17 -30.13
C VAL A 355 7.99 24.40 -29.80
N SER A 356 8.05 23.13 -30.23
CA SER A 356 9.22 22.30 -30.07
C SER A 356 9.96 22.20 -31.40
N VAL A 357 11.25 22.53 -31.38
CA VAL A 357 12.07 22.45 -32.57
C VAL A 357 12.99 21.22 -32.53
N SER A 358 12.63 20.20 -31.77
CA SER A 358 13.44 19.00 -31.63
C SER A 358 12.52 17.79 -31.55
N ARG A 359 13.00 16.65 -32.07
CA ARG A 359 12.29 15.40 -31.90
C ARG A 359 12.48 14.80 -30.52
N LEU A 360 13.36 15.38 -29.70
CA LEU A 360 13.55 14.94 -28.33
C LEU A 360 12.55 15.56 -27.37
N VAL A 361 12.12 16.79 -27.63
CA VAL A 361 11.29 17.54 -26.69
C VAL A 361 9.83 17.28 -27.01
N ARG A 362 9.15 16.58 -26.10
CA ARG A 362 7.71 16.35 -26.19
C ARG A 362 7.14 16.34 -24.78
N PHE A 363 5.98 16.97 -24.61
CA PHE A 363 5.26 16.95 -23.35
C PHE A 363 3.83 17.46 -23.61
N PRO A 364 2.89 17.17 -22.72
CA PRO A 364 1.51 17.61 -22.95
C PRO A 364 1.40 19.12 -23.00
N GLY A 365 0.72 19.62 -24.04
CA GLY A 365 0.42 21.03 -24.18
C GLY A 365 1.10 21.73 -25.33
N ILE A 366 2.00 21.06 -26.04
CA ILE A 366 2.73 21.71 -27.12
C ILE A 366 1.79 21.94 -28.30
N HIS A 367 1.90 23.11 -28.92
CA HIS A 367 1.01 23.50 -30.00
C HIS A 367 1.56 23.14 -31.38
N HIS A 368 2.87 23.32 -31.60
CA HIS A 368 3.48 23.08 -32.90
C HIS A 368 4.76 22.27 -32.73
N PHE A 369 5.06 21.47 -33.75
CA PHE A 369 6.26 20.64 -33.77
C PHE A 369 7.01 20.90 -35.07
N LEU A 370 8.28 21.29 -34.95
CA LEU A 370 9.13 21.60 -36.12
C LEU A 370 10.51 20.97 -35.87
N ASP A 371 10.60 19.66 -36.06
CA ASP A 371 11.86 18.95 -35.86
C ASP A 371 13.00 19.62 -36.60
N TYR A 372 14.11 19.82 -35.90
CA TYR A 372 15.22 20.57 -36.47
C TYR A 372 15.82 19.83 -37.66
N LYS A 373 16.31 20.62 -38.62
CA LYS A 373 16.98 20.11 -39.81
C LYS A 373 17.78 21.26 -40.42
N PRO A 374 19.11 21.09 -40.54
CA PRO A 374 19.94 22.21 -41.03
C PRO A 374 19.50 22.78 -42.37
N SER A 375 19.00 21.94 -43.28
CA SER A 375 18.53 22.41 -44.56
C SER A 375 17.16 23.09 -44.49
N GLU A 376 16.49 23.03 -43.33
CA GLU A 376 15.16 23.58 -43.17
C GLU A 376 15.07 24.72 -42.17
N VAL A 377 16.12 24.95 -41.37
CA VAL A 377 16.03 25.82 -40.20
C VAL A 377 15.48 27.19 -40.59
N ARG A 378 15.96 27.74 -41.71
CA ARG A 378 15.47 29.02 -42.19
C ARG A 378 13.94 29.02 -42.24
N GLU A 379 13.37 28.12 -43.04
CA GLU A 379 11.92 27.99 -43.09
C GLU A 379 11.35 27.83 -41.68
N ILE A 380 11.95 26.93 -40.89
CA ILE A 380 11.51 26.73 -39.51
C ILE A 380 11.42 28.07 -38.80
N ALA A 381 12.52 28.84 -38.83
CA ALA A 381 12.53 30.15 -38.20
C ALA A 381 11.33 30.97 -38.65
N GLN A 382 11.16 31.10 -39.97
CA GLN A 382 10.06 31.89 -40.49
C GLN A 382 8.73 31.39 -39.94
N LYS A 383 8.52 30.08 -39.93
CA LYS A 383 7.26 29.55 -39.43
C LYS A 383 7.03 29.98 -37.99
N ILE A 384 8.07 29.90 -37.15
CA ILE A 384 7.94 30.34 -35.77
C ILE A 384 7.53 31.81 -35.73
N ILE A 385 8.13 32.64 -36.58
CA ILE A 385 7.78 34.06 -36.62
C ILE A 385 6.33 34.22 -37.05
N ASP A 386 5.84 33.35 -37.93
CA ASP A 386 4.44 33.43 -38.32
C ASP A 386 3.53 32.92 -37.21
N ILE A 387 4.03 32.04 -36.35
CA ILE A 387 3.21 31.54 -35.25
C ILE A 387 3.03 32.63 -34.20
N ALA A 388 4.15 33.21 -33.74
CA ALA A 388 4.09 34.27 -32.74
C ALA A 388 3.14 35.38 -33.17
N VAL A 389 3.32 35.90 -34.39
CA VAL A 389 2.47 36.97 -34.90
C VAL A 389 1.00 36.58 -34.78
N ASP A 390 0.68 35.32 -35.08
CA ASP A 390 -0.69 34.85 -34.91
C ASP A 390 -1.05 34.81 -33.42
N SER A 391 -0.20 34.16 -32.62
CA SER A 391 -0.45 34.05 -31.18
C SER A 391 -0.68 35.42 -30.56
N PHE A 392 0.27 36.33 -30.77
CA PHE A 392 0.15 37.69 -30.26
C PHE A 392 -1.22 38.29 -30.57
N LYS A 393 -1.73 38.06 -31.78
CA LYS A 393 -2.96 38.69 -32.19
C LYS A 393 -4.19 38.02 -31.59
N ASN A 394 -4.10 36.73 -31.27
CA ASN A 394 -5.29 35.95 -30.93
C ASN A 394 -5.32 35.46 -29.49
N LYS A 395 -4.30 35.76 -28.69
CA LYS A 395 -4.24 35.16 -27.36
C LYS A 395 -3.75 36.13 -26.29
N ARG A 396 -2.70 36.91 -26.58
CA ARG A 396 -2.07 37.73 -25.56
C ARG A 396 -2.45 39.21 -25.66
N HIS A 397 -2.31 39.81 -26.84
CA HIS A 397 -2.53 41.25 -26.98
C HIS A 397 -3.98 41.61 -26.64
N GLY A 398 -4.13 42.53 -25.69
CA GLY A 398 -5.45 42.96 -25.27
C GLY A 398 -6.25 41.93 -24.51
N LYS A 399 -5.64 40.82 -24.11
CA LYS A 399 -6.33 39.78 -23.34
C LYS A 399 -5.58 39.37 -22.09
N ILE A 400 -4.25 39.29 -22.14
CA ILE A 400 -3.44 38.85 -21.01
C ILE A 400 -2.80 40.06 -20.35
N THR A 401 -2.94 40.16 -19.04
CA THR A 401 -2.35 41.27 -18.29
C THR A 401 -0.91 40.95 -17.95
N PRO A 402 0.04 41.80 -18.32
CA PRO A 402 1.46 41.49 -18.06
C PRO A 402 1.89 41.85 -16.65
N LYS A 403 2.82 41.04 -16.13
CA LYS A 403 3.41 41.25 -14.82
C LYS A 403 4.93 41.07 -14.94
N ILE A 404 5.57 42.05 -15.57
CA ILE A 404 7.01 42.01 -15.83
C ILE A 404 7.73 42.68 -14.65
N PRO A 405 8.60 41.98 -13.94
CA PRO A 405 9.34 42.63 -12.85
C PRO A 405 10.28 43.69 -13.38
N ALA A 406 10.69 44.59 -12.48
CA ALA A 406 11.55 45.71 -12.85
C ALA A 406 13.04 45.38 -12.80
N ASN A 407 13.40 44.20 -12.33
CA ASN A 407 14.80 43.86 -12.11
C ASN A 407 15.51 43.59 -13.44
N ILE A 408 16.46 44.45 -13.79
CA ILE A 408 17.37 44.24 -14.91
C ILE A 408 18.78 44.29 -14.37
N GLN A 409 19.62 43.35 -14.78
CA GLN A 409 20.99 43.27 -14.29
C GLN A 409 21.98 43.32 -15.44
N LYS A 410 23.12 43.95 -15.21
CA LYS A 410 24.21 43.98 -16.17
C LYS A 410 25.15 42.80 -15.93
N ALA A 411 25.65 42.22 -17.02
CA ALA A 411 26.55 41.08 -16.93
C ALA A 411 27.51 41.10 -18.10
N ILE A 412 28.77 40.80 -17.84
CA ILE A 412 29.78 40.70 -18.89
C ILE A 412 29.85 39.25 -19.33
N THR A 413 29.46 38.99 -20.57
CA THR A 413 29.41 37.64 -21.12
C THR A 413 30.41 37.49 -22.25
N GLY A 414 30.56 36.25 -22.71
CA GLY A 414 31.42 35.96 -23.83
C GLY A 414 32.88 35.73 -23.50
N PHE A 415 33.20 35.40 -22.25
CA PHE A 415 34.59 35.13 -21.89
C PHE A 415 35.02 33.79 -22.45
N THR A 416 36.17 33.77 -23.10
CA THR A 416 36.75 32.58 -23.72
C THR A 416 38.22 32.50 -23.34
N PRO A 417 38.86 31.35 -23.59
CA PRO A 417 40.32 31.30 -23.42
C PRO A 417 41.05 32.34 -24.25
N GLU A 418 40.58 32.56 -25.49
CA GLU A 418 41.14 33.63 -26.31
C GLU A 418 40.91 34.99 -25.66
N ALA A 419 39.76 35.18 -25.00
CA ALA A 419 39.51 36.43 -24.30
C ALA A 419 40.44 36.59 -23.10
N ILE A 420 40.75 35.49 -22.41
CA ILE A 420 41.72 35.55 -21.31
C ILE A 420 43.08 35.95 -21.85
N LEU A 421 43.50 35.33 -22.96
CA LEU A 421 44.78 35.70 -23.58
C LEU A 421 44.80 37.17 -23.95
N LYS A 422 43.69 37.67 -24.50
CA LYS A 422 43.65 39.06 -24.95
C LYS A 422 43.70 40.02 -23.77
N ALA A 423 42.93 39.75 -22.72
CA ALA A 423 42.94 40.60 -21.53
C ALA A 423 44.30 40.57 -20.83
N LEU A 424 44.98 39.42 -20.85
CA LEU A 424 46.30 39.34 -20.26
C LEU A 424 47.39 39.89 -21.17
N GLY A 425 47.14 39.96 -22.47
CA GLY A 425 48.12 40.49 -23.40
C GLY A 425 48.68 39.44 -24.34
N GLY A 426 47.88 38.43 -24.68
CA GLY A 426 48.31 37.38 -25.58
C GLY A 426 49.07 36.25 -24.92
N SER A 427 49.36 36.34 -23.62
CA SER A 427 50.13 35.32 -22.93
C SER A 427 49.44 34.96 -21.62
N ILE A 428 49.64 33.70 -21.19
CA ILE A 428 49.08 33.24 -19.92
C ILE A 428 50.04 33.48 -18.75
N ASN A 429 51.24 34.00 -19.03
CA ASN A 429 52.25 34.18 -17.98
C ASN A 429 51.86 35.20 -16.92
N PRO A 430 51.21 36.32 -17.22
CA PRO A 430 50.78 37.21 -16.12
C PRO A 430 49.84 36.54 -15.13
N LEU A 431 48.94 35.69 -15.62
CA LEU A 431 48.10 34.92 -14.70
C LEU A 431 48.96 34.01 -13.83
N ILE A 432 49.99 33.39 -14.42
CA ILE A 432 50.93 32.59 -13.64
C ILE A 432 51.54 33.41 -12.53
N GLU A 433 51.98 34.63 -12.85
CA GLU A 433 52.71 35.43 -11.87
C GLU A 433 51.80 35.93 -10.77
N VAL A 434 50.55 36.29 -11.09
CA VAL A 434 49.65 36.69 -10.01
C VAL A 434 49.14 35.50 -9.22
N ILE A 435 49.20 34.29 -9.77
CA ILE A 435 48.89 33.11 -8.97
C ILE A 435 50.05 32.78 -8.02
N LYS A 436 51.28 32.88 -8.51
CA LYS A 436 52.43 32.58 -7.67
C LYS A 436 52.66 33.65 -6.62
N ALA A 437 52.24 34.90 -6.89
CA ALA A 437 52.40 35.98 -5.93
C ALA A 437 51.40 35.92 -4.78
N GLY A 438 50.37 35.07 -4.88
CA GLY A 438 49.39 34.94 -3.83
C GLY A 438 48.19 35.86 -3.95
N LYS A 439 48.15 36.73 -4.97
CA LYS A 439 46.99 37.60 -5.13
C LYS A 439 45.76 36.82 -5.54
N ILE A 440 45.92 35.86 -6.45
CA ILE A 440 44.87 34.91 -6.79
C ILE A 440 45.30 33.55 -6.25
N LYS A 441 44.59 33.05 -5.25
CA LYS A 441 44.93 31.76 -4.67
C LYS A 441 44.77 30.64 -5.70
N GLY A 442 43.68 30.67 -6.45
CA GLY A 442 43.45 29.66 -7.46
C GLY A 442 42.19 29.96 -8.23
N ALA A 443 41.92 29.10 -9.21
CA ALA A 443 40.74 29.22 -10.07
C ALA A 443 39.78 28.07 -9.80
N VAL A 444 38.49 28.38 -9.81
CA VAL A 444 37.44 27.41 -9.54
C VAL A 444 36.53 27.33 -10.76
N GLY A 445 36.35 26.11 -11.28
CA GLY A 445 35.42 25.89 -12.36
C GLY A 445 34.04 25.57 -11.85
N LEU A 446 33.16 26.58 -11.83
CA LEU A 446 31.79 26.41 -11.34
C LEU A 446 30.92 26.07 -12.53
N ILE A 447 30.83 24.77 -12.84
CA ILE A 447 29.96 24.25 -13.88
C ILE A 447 28.75 23.65 -13.19
N ASN A 448 27.62 24.34 -13.25
CA ASN A 448 26.52 24.05 -12.34
C ASN A 448 25.17 24.18 -13.03
N CYS A 449 24.18 23.47 -12.48
CA CYS A 449 22.78 23.63 -12.83
C CYS A 449 22.07 24.45 -11.76
N THR A 450 20.83 24.07 -11.45
CA THR A 450 20.11 24.64 -10.31
C THR A 450 19.03 23.66 -9.90
N THR A 451 18.66 23.72 -8.62
CA THR A 451 17.68 22.79 -8.08
C THR A 451 17.15 23.33 -6.77
N LEU A 452 16.04 22.75 -6.31
CA LEU A 452 15.42 23.09 -5.05
C LEU A 452 15.77 22.10 -3.94
N LYS A 453 16.68 21.16 -4.22
CA LYS A 453 16.95 20.09 -3.27
C LYS A 453 17.69 20.59 -2.04
N ASN A 454 18.80 21.32 -2.25
CA ASN A 454 19.64 21.77 -1.15
C ASN A 454 19.43 23.24 -0.83
N GLY A 455 18.26 23.80 -1.13
CA GLY A 455 17.96 25.17 -0.84
C GLY A 455 17.10 25.82 -1.90
N PRO A 456 16.74 27.09 -1.69
CA PRO A 456 16.00 27.82 -2.72
C PRO A 456 16.84 28.00 -3.98
N GLN A 457 16.19 28.48 -5.03
CA GLN A 457 16.84 28.60 -6.33
C GLN A 457 18.07 29.49 -6.24
N ASP A 458 19.24 28.90 -6.55
CA ASP A 458 20.53 29.57 -6.71
C ASP A 458 21.10 30.13 -5.42
N TYR A 459 20.59 29.71 -4.26
CA TYR A 459 21.13 30.18 -2.98
C TYR A 459 22.55 29.67 -2.77
N VAL A 460 22.71 28.35 -2.81
CA VAL A 460 24.03 27.74 -2.59
C VAL A 460 25.04 28.29 -3.58
N THR A 461 24.65 28.33 -4.87
CA THR A 461 25.59 28.73 -5.90
C THR A 461 26.09 30.17 -5.69
N VAL A 462 25.15 31.11 -5.50
CA VAL A 462 25.53 32.52 -5.41
C VAL A 462 26.30 32.79 -4.11
N ASN A 463 25.83 32.24 -2.99
CA ASN A 463 26.52 32.51 -1.73
C ASN A 463 27.89 31.85 -1.70
N LEU A 464 28.02 30.66 -2.30
CA LEU A 464 29.33 30.01 -2.39
C LEU A 464 30.25 30.79 -3.34
N ALA A 465 29.72 31.37 -4.41
CA ALA A 465 30.55 32.18 -5.28
C ALA A 465 31.07 33.42 -4.56
N LYS A 466 30.21 34.05 -3.76
CA LYS A 466 30.65 35.17 -2.93
C LYS A 466 31.74 34.73 -1.97
N GLU A 467 31.54 33.60 -1.28
CA GLU A 467 32.54 33.10 -0.35
C GLU A 467 33.85 32.79 -1.06
N LEU A 468 33.77 32.27 -2.30
CA LEU A 468 34.98 31.92 -3.05
C LEU A 468 35.75 33.17 -3.43
N ILE A 469 35.08 34.15 -4.05
CA ILE A 469 35.78 35.36 -4.45
C ILE A 469 36.24 36.17 -3.26
N LYS A 470 35.64 35.97 -2.08
CA LYS A 470 36.10 36.65 -0.88
C LYS A 470 37.48 36.16 -0.46
N ARG A 471 37.83 34.92 -0.82
CA ARG A 471 39.11 34.32 -0.45
C ARG A 471 40.12 34.37 -1.59
N ASP A 472 40.04 35.39 -2.45
CA ASP A 472 40.99 35.58 -3.54
C ASP A 472 41.01 34.39 -4.49
N ILE A 473 39.84 33.87 -4.83
CA ILE A 473 39.71 32.72 -5.72
C ILE A 473 38.91 33.15 -6.95
N LEU A 474 39.56 33.12 -8.11
CA LEU A 474 38.89 33.44 -9.36
C LEU A 474 37.90 32.34 -9.71
N ILE A 475 36.85 32.69 -10.44
CA ILE A 475 35.79 31.75 -10.80
C ILE A 475 35.56 31.81 -12.30
N LEU A 476 35.59 30.64 -12.95
CA LEU A 476 35.12 30.48 -14.32
C LEU A 476 33.77 29.77 -14.25
N SER A 477 32.71 30.46 -14.66
CA SER A 477 31.34 30.01 -14.42
C SER A 477 30.69 29.53 -15.72
N GLY A 478 30.12 28.33 -15.68
CA GLY A 478 29.38 27.80 -16.80
C GLY A 478 28.17 27.04 -16.34
N GLY A 479 27.15 27.04 -17.18
CA GLY A 479 25.91 26.35 -16.89
C GLY A 479 24.83 27.28 -16.37
N CYS A 480 23.83 26.69 -15.73
CA CYS A 480 22.75 27.49 -15.17
C CYS A 480 23.19 28.20 -13.90
N GLY A 481 24.15 27.64 -13.17
CA GLY A 481 24.79 28.39 -12.11
C GLY A 481 25.41 29.67 -12.62
N ASN A 482 25.89 29.67 -13.87
CA ASN A 482 26.42 30.89 -14.47
C ASN A 482 25.30 31.90 -14.73
N HIS A 483 24.13 31.43 -15.17
CA HIS A 483 22.99 32.33 -15.27
C HIS A 483 22.66 32.93 -13.91
N ALA A 484 22.68 32.09 -12.87
CA ALA A 484 22.42 32.57 -11.50
C ALA A 484 23.43 33.64 -11.10
N LEU A 485 24.70 33.44 -11.44
CA LEU A 485 25.72 34.42 -11.07
C LEU A 485 25.56 35.71 -11.87
N GLU A 486 25.16 35.59 -13.14
CA GLU A 486 24.98 36.79 -13.96
C GLU A 486 23.79 37.61 -13.48
N VAL A 487 22.73 36.94 -13.04
CA VAL A 487 21.56 37.67 -12.55
C VAL A 487 21.84 38.29 -11.19
N ALA A 488 22.64 37.61 -10.35
CA ALA A 488 22.92 38.10 -9.01
C ALA A 488 23.89 39.28 -8.99
N GLY A 489 24.43 39.68 -10.14
CA GLY A 489 25.31 40.83 -10.19
C GLY A 489 26.78 40.55 -9.91
N LEU A 490 27.21 39.30 -10.04
CA LEU A 490 28.59 38.93 -9.77
C LEU A 490 29.46 38.90 -11.02
N CYS A 491 28.87 39.14 -12.20
CA CYS A 491 29.59 39.04 -13.47
C CYS A 491 29.80 40.38 -14.14
N ASN A 492 29.77 41.47 -13.37
CA ASN A 492 30.04 42.81 -13.88
C ASN A 492 31.17 43.45 -13.07
N LEU A 493 31.52 44.68 -13.45
CA LEU A 493 32.65 45.35 -12.83
C LEU A 493 32.35 45.76 -11.39
N ASP A 494 31.08 46.06 -11.09
CA ASP A 494 30.72 46.37 -9.71
C ASP A 494 31.04 45.23 -8.76
N ALA A 495 31.06 44.00 -9.27
CA ALA A 495 31.39 42.84 -8.46
C ALA A 495 32.86 42.80 -8.06
N ILE A 496 33.71 43.62 -8.68
CA ILE A 496 35.14 43.62 -8.35
C ILE A 496 35.34 43.81 -6.85
N ASN A 497 34.56 44.71 -6.25
CA ASN A 497 34.72 45.03 -4.84
C ASN A 497 34.06 44.02 -3.91
N LEU A 498 33.42 42.99 -4.45
CA LEU A 498 32.96 41.86 -3.65
C LEU A 498 34.03 40.80 -3.47
N ALA A 499 35.17 40.95 -4.14
CA ALA A 499 36.27 40.00 -4.04
C ALA A 499 37.25 40.43 -2.95
N GLY A 500 38.12 39.50 -2.57
CA GLY A 500 39.12 39.77 -1.58
C GLY A 500 40.17 40.76 -2.08
N PRO A 501 41.17 41.02 -1.24
CA PRO A 501 42.17 42.04 -1.60
C PRO A 501 42.87 41.76 -2.92
N GLY A 502 43.57 40.62 -3.02
CA GLY A 502 44.35 40.33 -4.22
C GLY A 502 43.47 40.19 -5.46
N LEU A 503 42.38 39.45 -5.34
CA LEU A 503 41.51 39.21 -6.49
C LEU A 503 40.88 40.51 -6.98
N SER A 504 40.38 41.33 -6.05
CA SER A 504 39.80 42.61 -6.44
C SER A 504 40.83 43.52 -7.07
N GLU A 505 42.04 43.56 -6.50
CA GLU A 505 43.09 44.41 -7.06
C GLU A 505 43.44 43.99 -8.49
N VAL A 506 43.66 42.69 -8.69
CA VAL A 506 44.04 42.19 -10.02
C VAL A 506 42.90 42.42 -11.01
N CYS A 507 41.66 42.15 -10.59
CA CYS A 507 40.52 42.32 -11.49
C CYS A 507 40.29 43.79 -11.83
N ARG A 508 40.59 44.70 -10.91
CA ARG A 508 40.46 46.12 -11.22
C ARG A 508 41.56 46.57 -12.17
N ASN A 509 42.78 46.04 -12.01
CA ASN A 509 43.85 46.38 -12.93
C ASN A 509 43.58 45.85 -14.32
N LEU A 510 42.96 44.67 -14.42
CA LEU A 510 42.65 44.07 -15.71
C LEU A 510 41.29 44.46 -16.25
N ASN A 511 40.46 45.15 -15.45
CA ASN A 511 39.12 45.56 -15.85
C ASN A 511 38.25 44.36 -16.23
N ILE A 512 38.23 43.37 -15.33
CA ILE A 512 37.40 42.18 -15.52
C ILE A 512 36.74 41.81 -14.21
N PRO A 513 35.59 41.16 -14.26
CA PRO A 513 34.91 40.72 -13.04
C PRO A 513 35.64 39.54 -12.41
N PRO A 514 35.42 39.29 -11.12
CA PRO A 514 36.00 38.09 -10.50
C PRO A 514 35.33 36.80 -10.93
N VAL A 515 34.18 36.86 -11.60
CA VAL A 515 33.48 35.70 -12.12
C VAL A 515 33.38 35.85 -13.63
N LEU A 516 34.10 35.01 -14.36
CA LEU A 516 34.17 35.07 -15.81
C LEU A 516 33.16 34.06 -16.38
N SER A 517 32.15 34.57 -17.08
CA SER A 517 31.10 33.74 -17.66
C SER A 517 31.64 33.07 -18.92
N PHE A 518 31.97 31.79 -18.81
CA PHE A 518 32.45 31.02 -19.95
C PHE A 518 31.33 30.34 -20.73
N GLY A 519 30.08 30.51 -20.29
CA GLY A 519 28.95 30.00 -21.05
C GLY A 519 28.15 28.90 -20.39
N THR A 520 28.13 27.73 -21.01
CA THR A 520 27.25 26.64 -20.64
C THR A 520 28.04 25.49 -20.03
N CYS A 521 27.32 24.44 -19.62
CA CYS A 521 27.98 23.21 -19.21
C CYS A 521 28.74 22.57 -20.35
N THR A 522 28.25 22.74 -21.58
CA THR A 522 28.96 22.26 -22.75
C THR A 522 30.36 22.85 -22.87
N ASP A 523 30.59 24.02 -22.27
CA ASP A 523 31.89 24.66 -22.28
C ASP A 523 32.86 24.08 -21.26
N THR A 524 32.46 23.02 -20.55
CA THR A 524 33.37 22.38 -19.59
C THR A 524 34.69 22.02 -20.26
N GLY A 525 34.62 21.33 -21.40
CA GLY A 525 35.83 21.06 -22.17
C GLY A 525 36.61 22.33 -22.47
N ARG A 526 35.90 23.38 -22.90
CA ARG A 526 36.55 24.66 -23.12
C ARG A 526 37.27 25.13 -21.86
N ILE A 527 36.62 25.01 -20.70
CA ILE A 527 37.28 25.39 -19.47
C ILE A 527 38.48 24.51 -19.20
N SER A 528 38.40 23.22 -19.56
CA SER A 528 39.57 22.36 -19.45
C SER A 528 40.72 22.91 -20.26
N LEU A 529 40.43 23.49 -21.43
CA LEU A 529 41.47 24.09 -22.26
C LEU A 529 42.21 25.17 -21.51
N VAL A 530 41.56 25.85 -20.56
CA VAL A 530 42.26 26.77 -19.69
C VAL A 530 43.20 26.02 -18.77
N VAL A 531 42.66 25.03 -18.04
CA VAL A 531 43.46 24.30 -17.06
C VAL A 531 44.63 23.59 -17.75
N THR A 532 44.34 22.91 -18.86
CA THR A 532 45.40 22.31 -19.67
C THR A 532 46.49 23.33 -19.99
N ALA A 533 46.08 24.54 -20.39
CA ALA A 533 47.06 25.61 -20.61
C ALA A 533 47.88 25.86 -19.35
N LEU A 534 47.20 26.06 -18.23
CA LEU A 534 47.90 26.21 -16.95
C LEU A 534 48.77 24.99 -16.66
N ALA A 535 48.37 23.81 -17.14
CA ALA A 535 49.18 22.61 -16.93
C ALA A 535 50.35 22.55 -17.89
N ASN A 536 50.21 23.13 -19.09
CA ASN A 536 51.29 23.06 -20.07
C ASN A 536 52.36 24.11 -19.83
N ALA A 537 51.97 25.29 -19.33
CA ALA A 537 52.95 26.33 -19.08
C ALA A 537 53.86 26.00 -17.90
N LEU A 538 53.34 25.23 -16.94
CA LEU A 538 54.10 24.89 -15.74
C LEU A 538 54.76 23.51 -15.83
N ASN A 539 54.41 22.71 -16.84
CA ASN A 539 54.88 21.33 -16.95
C ASN A 539 54.53 20.51 -15.71
N VAL A 540 53.45 20.89 -15.03
CA VAL A 540 52.95 20.15 -13.87
C VAL A 540 51.60 19.56 -14.24
N ASP A 541 51.28 18.44 -13.59
CA ASP A 541 50.06 17.72 -13.90
C ASP A 541 48.84 18.52 -13.43
N THR A 542 47.68 18.21 -14.02
CA THR A 542 46.45 18.91 -13.66
C THR A 542 46.10 18.71 -12.19
N ALA A 543 46.38 17.52 -11.66
CA ALA A 543 46.06 17.24 -10.26
C ALA A 543 46.88 18.08 -9.28
N ASP A 544 47.96 18.70 -9.75
CA ASP A 544 48.80 19.53 -8.90
C ASP A 544 48.51 21.02 -9.03
N LEU A 545 47.64 21.42 -9.95
CA LEU A 545 47.32 22.83 -10.12
C LEU A 545 46.38 23.29 -9.01
N PRO A 546 46.53 24.53 -8.54
CA PRO A 546 45.60 25.05 -7.52
C PRO A 546 44.24 25.39 -8.13
N VAL A 547 43.56 24.39 -8.67
CA VAL A 547 42.26 24.58 -9.30
C VAL A 547 41.25 23.68 -8.61
N ALA A 548 39.98 24.05 -8.74
CA ALA A 548 38.89 23.29 -8.16
C ALA A 548 37.69 23.34 -9.09
N VAL A 549 36.79 22.39 -8.91
CA VAL A 549 35.58 22.26 -9.72
C VAL A 549 34.41 22.04 -8.79
N THR A 550 33.32 22.78 -9.01
CA THR A 550 32.17 22.70 -8.13
C THR A 550 30.88 22.72 -8.93
N ALA A 551 29.93 21.90 -8.52
CA ALA A 551 28.55 21.91 -9.02
C ALA A 551 27.64 21.99 -7.79
N PRO A 552 27.52 23.18 -7.19
CA PRO A 552 26.87 23.28 -5.87
C PRO A 552 25.38 23.02 -5.87
N MET A 553 24.71 23.05 -7.04
CA MET A 553 23.28 22.78 -7.12
C MET A 553 22.98 21.98 -8.39
N TYR A 554 23.66 20.84 -8.53
CA TYR A 554 23.41 19.97 -9.67
C TYR A 554 21.98 19.43 -9.63
N MET A 555 21.48 19.03 -10.80
CA MET A 555 20.15 18.43 -10.90
C MET A 555 20.22 17.10 -11.63
N GLU A 556 20.39 17.09 -12.96
CA GLU A 556 20.43 15.86 -13.72
C GLU A 556 21.87 15.54 -14.15
N GLN A 557 22.02 14.79 -15.24
CA GLN A 557 23.29 14.16 -15.56
C GLN A 557 24.18 14.98 -16.49
N LYS A 558 23.69 16.09 -17.05
CA LYS A 558 24.56 16.91 -17.87
C LYS A 558 25.68 17.52 -17.05
N ALA A 559 25.48 17.66 -15.75
CA ALA A 559 26.54 18.09 -14.84
C ALA A 559 27.27 16.91 -14.18
N THR A 560 26.58 15.78 -14.00
CA THR A 560 27.28 14.62 -13.46
C THR A 560 28.34 14.10 -14.42
N ILE A 561 28.09 14.21 -15.73
CA ILE A 561 29.11 13.78 -16.69
C ILE A 561 30.31 14.72 -16.65
N ASP A 562 30.07 16.01 -16.44
CA ASP A 562 31.18 16.95 -16.29
C ASP A 562 31.95 16.70 -15.00
N ALA A 563 31.23 16.33 -13.93
CA ALA A 563 31.90 15.98 -12.68
C ALA A 563 32.74 14.71 -12.84
N LEU A 564 32.22 13.71 -13.55
CA LEU A 564 32.99 12.50 -13.81
C LEU A 564 34.22 12.81 -14.66
N PHE A 565 34.08 13.73 -15.62
CA PHE A 565 35.24 14.18 -16.39
C PHE A 565 36.27 14.82 -15.48
N ALA A 566 35.84 15.76 -14.64
CA ALA A 566 36.76 16.43 -13.72
C ALA A 566 37.44 15.44 -12.78
N LEU A 567 36.74 14.36 -12.42
CA LEU A 567 37.37 13.30 -11.64
C LEU A 567 38.43 12.58 -12.46
N ALA A 568 38.09 12.18 -13.68
CA ALA A 568 39.09 11.62 -14.58
C ALA A 568 40.18 12.64 -14.90
N TYR A 569 39.81 13.92 -14.96
CA TYR A 569 40.80 14.98 -15.15
C TYR A 569 41.70 15.13 -13.94
N GLY A 570 41.33 14.53 -12.81
CA GLY A 570 42.16 14.58 -11.62
C GLY A 570 41.97 15.82 -10.77
N LEU A 571 40.75 16.35 -10.68
CA LEU A 571 40.50 17.59 -9.96
C LEU A 571 39.62 17.36 -8.74
N TYR A 572 39.84 18.19 -7.72
CA TYR A 572 38.93 18.31 -6.59
C TYR A 572 37.57 18.76 -7.09
N THR A 573 36.56 17.89 -7.04
CA THR A 573 35.26 18.14 -7.64
C THR A 573 34.20 18.15 -6.55
N HIS A 574 33.69 19.33 -6.22
CA HIS A 574 32.62 19.46 -5.24
C HIS A 574 31.27 19.34 -5.94
N VAL A 575 30.41 18.47 -5.42
CA VAL A 575 29.09 18.26 -5.98
C VAL A 575 28.07 18.30 -4.86
N ALA A 576 27.07 19.18 -4.99
CA ALA A 576 25.97 19.30 -4.05
C ALA A 576 24.69 19.49 -4.85
N PRO A 577 23.56 18.91 -4.40
CA PRO A 577 23.42 18.04 -3.22
C PRO A 577 24.05 16.67 -3.43
N ASP A 578 23.86 15.78 -2.47
CA ASP A 578 24.50 14.46 -2.51
C ASP A 578 23.95 13.64 -3.67
N PRO A 579 24.79 13.19 -4.61
CA PRO A 579 24.33 12.20 -5.57
C PRO A 579 23.93 10.93 -4.83
N PRO A 580 22.92 10.21 -5.34
CA PRO A 580 22.37 9.09 -4.56
C PRO A 580 23.29 7.88 -4.54
N VAL A 581 24.35 7.96 -3.73
CA VAL A 581 25.30 6.87 -3.58
C VAL A 581 25.70 6.74 -2.11
N MET A 582 25.09 7.56 -1.25
CA MET A 582 25.50 7.61 0.15
C MET A 582 25.13 6.33 0.91
N GLY A 583 24.18 5.56 0.42
CA GLY A 583 23.90 4.26 1.00
C GLY A 583 24.89 3.18 0.64
N ALA A 584 25.90 3.52 -0.15
CA ALA A 584 26.94 2.58 -0.57
C ALA A 584 28.28 2.99 0.03
N PRO A 585 28.68 2.43 1.18
CA PRO A 585 29.89 2.94 1.85
C PRO A 585 31.16 2.73 1.06
N ASN A 586 31.34 1.58 0.41
CA ASN A 586 32.57 1.33 -0.33
C ASN A 586 32.70 2.28 -1.51
N LEU A 587 31.61 2.53 -2.24
CA LEU A 587 31.66 3.48 -3.35
C LEU A 587 31.93 4.89 -2.84
N VAL A 588 31.36 5.26 -1.70
CA VAL A 588 31.65 6.57 -1.11
C VAL A 588 33.13 6.69 -0.78
N LYS A 589 33.71 5.64 -0.18
CA LYS A 589 35.13 5.66 0.13
C LYS A 589 35.97 5.77 -1.12
N LEU A 590 35.57 5.07 -2.20
CA LEU A 590 36.31 5.17 -3.45
C LEU A 590 36.25 6.58 -4.02
N LEU A 591 35.05 7.18 -4.02
CA LEU A 591 34.87 8.46 -4.69
C LEU A 591 35.50 9.61 -3.91
N THR A 592 35.47 9.54 -2.57
CA THR A 592 35.89 10.66 -1.73
C THR A 592 37.23 10.47 -1.06
N ARG A 593 37.85 9.30 -1.17
CA ARG A 593 39.09 9.05 -0.44
C ARG A 593 40.14 8.34 -1.29
N ASP A 594 39.71 7.38 -2.11
CA ASP A 594 40.65 6.52 -2.83
C ASP A 594 41.09 7.11 -4.17
N LEU A 595 40.20 7.82 -4.86
CA LEU A 595 40.52 8.31 -6.19
C LEU A 595 41.76 9.21 -6.28
N PRO A 596 42.09 10.07 -5.27
CA PRO A 596 43.31 10.88 -5.39
C PRO A 596 44.58 10.08 -5.67
N SER A 597 44.58 8.81 -5.27
CA SER A 597 45.69 7.91 -5.59
C SER A 597 45.44 7.11 -6.86
N ILE A 598 44.31 7.34 -7.54
CA ILE A 598 43.98 6.67 -8.79
C ILE A 598 44.03 7.65 -9.96
N THR A 599 43.16 8.66 -9.95
CA THR A 599 43.15 9.69 -10.98
C THR A 599 43.76 11.00 -10.51
N GLY A 600 43.72 11.28 -9.21
CA GLY A 600 44.25 12.50 -8.63
C GLY A 600 43.21 13.35 -7.92
N GLY A 601 41.96 13.31 -8.39
CA GLY A 601 40.88 14.08 -7.82
C GLY A 601 40.00 13.26 -6.90
N ARG A 602 39.04 13.96 -6.29
CA ARG A 602 38.09 13.33 -5.39
C ARG A 602 36.78 14.10 -5.45
N ILE A 603 35.78 13.57 -4.74
CA ILE A 603 34.43 14.15 -4.69
C ILE A 603 34.26 14.81 -3.33
N ALA A 604 33.83 16.07 -3.34
CA ALA A 604 33.57 16.84 -2.14
C ALA A 604 32.07 17.05 -1.98
N VAL A 605 31.63 17.09 -0.73
CA VAL A 605 30.20 17.16 -0.40
C VAL A 605 29.91 18.43 0.38
N GLY A 606 28.65 18.64 0.74
CA GLY A 606 28.28 19.75 1.60
C GLY A 606 27.53 20.83 0.84
N SER A 607 26.56 21.45 1.54
CA SER A 607 25.78 22.54 0.98
C SER A 607 25.99 23.85 1.74
N ASP A 608 26.92 23.88 2.69
CA ASP A 608 27.21 25.11 3.42
C ASP A 608 28.24 25.92 2.64
N PRO A 609 27.88 27.11 2.15
CA PRO A 609 28.83 27.88 1.31
C PRO A 609 30.14 28.18 2.01
N VAL A 610 30.11 28.53 3.30
CA VAL A 610 31.33 28.86 4.02
C VAL A 610 32.25 27.66 4.11
N LYS A 611 31.70 26.49 4.48
CA LYS A 611 32.54 25.32 4.68
C LYS A 611 33.05 24.76 3.36
N VAL A 612 32.21 24.79 2.32
CA VAL A 612 32.65 24.35 1.00
C VAL A 612 33.77 25.26 0.50
N ALA A 613 33.62 26.57 0.70
CA ALA A 613 34.68 27.50 0.29
C ALA A 613 35.95 27.26 1.09
N ASP A 614 35.82 26.97 2.39
CA ASP A 614 37.00 26.71 3.21
C ASP A 614 37.72 25.45 2.75
N ASP A 615 36.98 24.39 2.42
CA ASP A 615 37.62 23.16 1.96
C ASP A 615 38.26 23.35 0.59
N ILE A 616 37.61 24.10 -0.30
CA ILE A 616 38.20 24.39 -1.60
C ILE A 616 39.50 25.17 -1.43
N LEU A 617 39.48 26.19 -0.55
CA LEU A 617 40.68 26.96 -0.30
C LEU A 617 41.77 26.10 0.34
N ALA A 618 41.39 25.14 1.18
CA ALA A 618 42.37 24.27 1.80
C ALA A 618 43.06 23.37 0.77
N HIS A 619 42.27 22.81 -0.15
CA HIS A 619 42.88 22.01 -1.22
C HIS A 619 43.78 22.88 -2.10
N ILE A 620 43.32 24.09 -2.43
CA ILE A 620 44.12 25.00 -3.25
C ILE A 620 45.43 25.33 -2.54
N ASN A 621 45.38 25.53 -1.22
CA ASN A 621 46.60 25.87 -0.47
C ASN A 621 47.52 24.67 -0.34
N ASP A 622 46.98 23.45 -0.26
CA ASP A 622 47.83 22.27 -0.35
C ASP A 622 48.59 22.24 -1.67
N ARG A 623 47.87 22.47 -2.77
CA ARG A 623 48.52 22.50 -4.08
C ARG A 623 49.56 23.60 -4.16
N ARG A 624 49.29 24.74 -3.51
CA ARG A 624 50.25 25.84 -3.50
C ARG A 624 51.50 25.46 -2.72
N ALA A 625 51.33 24.93 -1.51
CA ALA A 625 52.47 24.57 -0.68
C ALA A 625 53.35 23.54 -1.36
N LYS A 626 52.74 22.56 -2.03
CA LYS A 626 53.57 21.58 -2.73
C LYS A 626 54.18 22.14 -4.01
N LEU A 627 53.67 23.26 -4.52
CA LEU A 627 54.29 23.96 -5.63
C LEU A 627 55.34 24.98 -5.18
N GLY A 628 55.58 25.10 -3.87
CA GLY A 628 56.51 26.09 -3.36
C GLY A 628 55.98 27.51 -3.39
N ILE A 629 54.70 27.71 -3.69
CA ILE A 629 54.12 29.04 -3.74
C ILE A 629 53.10 29.20 -2.62
N ALA B 2 13.14 -21.44 0.90
CA ALA B 2 12.54 -20.40 0.08
C ALA B 2 11.15 -20.79 -0.38
N THR B 3 10.23 -19.83 -0.41
CA THR B 3 8.87 -20.10 -0.85
C THR B 3 8.78 -20.46 -2.32
N LYS B 4 9.81 -20.15 -3.11
CA LYS B 4 9.81 -20.45 -4.53
C LYS B 4 11.18 -21.00 -4.93
N THR B 5 11.18 -22.08 -5.72
CA THR B 5 12.41 -22.67 -6.22
C THR B 5 12.30 -22.95 -7.71
N SER B 6 12.11 -24.22 -8.06
CA SER B 6 12.08 -24.61 -9.46
C SER B 6 11.11 -25.76 -9.66
N ILE B 7 10.61 -25.88 -10.90
CA ILE B 7 9.84 -27.05 -11.31
C ILE B 7 10.73 -28.20 -11.76
N HIS B 8 12.02 -27.94 -12.01
CA HIS B 8 12.96 -28.96 -12.43
C HIS B 8 13.57 -29.64 -11.20
N PRO B 9 13.60 -30.97 -11.15
CA PRO B 9 14.15 -31.64 -9.96
C PRO B 9 15.62 -31.37 -9.73
N SER B 10 16.42 -31.28 -10.81
CA SER B 10 17.86 -31.11 -10.66
C SER B 10 18.19 -29.79 -9.96
N VAL B 11 17.56 -28.70 -10.38
CA VAL B 11 17.81 -27.40 -9.78
C VAL B 11 17.36 -27.38 -8.33
N ASN B 12 16.28 -28.07 -8.00
CA ASN B 12 15.84 -28.15 -6.61
C ASN B 12 16.87 -28.90 -5.76
N GLU B 13 17.41 -30.01 -6.28
CA GLU B 13 18.43 -30.77 -5.56
C GLU B 13 19.67 -29.91 -5.32
N LEU B 14 20.11 -29.18 -6.35
CA LEU B 14 21.32 -28.38 -6.20
C LEU B 14 21.07 -27.15 -5.33
N TYR B 15 19.83 -26.62 -5.32
CA TYR B 15 19.49 -25.59 -4.35
C TYR B 15 19.54 -26.15 -2.93
N GLN B 16 19.13 -27.41 -2.76
CA GLN B 16 19.29 -28.06 -1.46
C GLN B 16 20.76 -28.08 -1.05
N ARG B 17 21.65 -28.43 -1.98
CA ARG B 17 23.07 -28.42 -1.63
C ARG B 17 23.56 -27.01 -1.33
N LEU B 18 23.10 -26.01 -2.09
CA LEU B 18 23.50 -24.63 -1.83
C LEU B 18 23.05 -24.17 -0.45
N ALA B 19 21.85 -24.57 -0.03
CA ALA B 19 21.38 -24.23 1.30
C ALA B 19 22.14 -25.01 2.37
N GLU B 20 22.59 -26.22 2.06
CA GLU B 20 23.42 -26.97 3.00
C GLU B 20 24.70 -26.22 3.31
N ASP B 21 25.29 -25.57 2.30
CA ASP B 21 26.56 -24.86 2.44
C ASP B 21 26.39 -23.44 2.95
N GLN B 22 25.18 -23.07 3.41
CA GLN B 22 24.91 -21.75 3.97
C GLN B 22 25.24 -20.63 2.98
N LEU B 23 25.10 -20.90 1.69
CA LEU B 23 25.45 -19.97 0.64
C LEU B 23 24.21 -19.23 0.14
N SER B 24 24.40 -17.97 -0.22
CA SER B 24 23.30 -17.15 -0.73
C SER B 24 23.00 -17.49 -2.18
N ASN B 25 21.73 -17.36 -2.55
CA ASN B 25 21.27 -17.69 -3.88
C ASN B 25 20.02 -16.89 -4.20
N CYS B 26 19.68 -16.83 -5.49
CA CYS B 26 18.55 -16.03 -5.94
C CYS B 26 17.26 -16.48 -5.26
N PHE B 27 17.03 -17.79 -5.19
CA PHE B 27 15.81 -18.31 -4.55
C PHE B 27 15.72 -17.86 -3.11
N ASP B 28 16.84 -17.90 -2.38
CA ASP B 28 16.84 -17.45 -0.99
C ASP B 28 16.79 -15.93 -0.88
N ARG B 29 17.38 -15.22 -1.83
CA ARG B 29 17.39 -13.76 -1.79
C ARG B 29 16.05 -13.15 -2.20
N PHE B 30 15.15 -13.93 -2.80
CA PHE B 30 13.87 -13.36 -3.23
C PHE B 30 12.98 -13.01 -2.05
N ASP B 31 12.97 -13.86 -1.01
CA ASP B 31 12.01 -13.65 0.07
C ASP B 31 12.30 -12.41 0.92
N PRO B 32 13.54 -12.15 1.36
CA PRO B 32 13.77 -10.91 2.13
C PRO B 32 13.39 -9.65 1.38
N GLN B 33 13.48 -9.67 0.04
CA GLN B 33 12.99 -8.55 -0.76
C GLN B 33 11.47 -8.46 -0.76
N GLU B 34 10.78 -9.59 -0.55
CA GLU B 34 9.32 -9.59 -0.55
C GLU B 34 8.73 -8.93 0.69
N LYS B 35 9.48 -8.88 1.80
CA LYS B 35 8.95 -8.28 3.01
C LYS B 35 8.87 -6.76 2.88
N ILE B 36 9.70 -6.16 2.03
CA ILE B 36 9.85 -4.72 1.97
C ILE B 36 9.69 -4.21 0.54
N ARG B 37 8.83 -4.85 -0.24
CA ARG B 37 8.61 -4.43 -1.62
C ARG B 37 8.04 -3.02 -1.68
N CYS B 38 8.59 -2.21 -2.57
CA CYS B 38 8.08 -0.86 -2.80
C CYS B 38 6.94 -0.93 -3.80
N ASN B 39 5.74 -0.59 -3.36
CA ASN B 39 4.59 -0.60 -4.26
C ASN B 39 4.71 0.48 -5.32
N TYR B 40 5.36 1.59 -4.99
CA TYR B 40 5.56 2.67 -5.96
C TYR B 40 6.36 2.18 -7.16
N CYS B 41 7.59 1.70 -6.92
CA CYS B 41 8.40 1.18 -8.02
C CYS B 41 7.75 -0.01 -8.69
N GLU B 42 7.01 -0.83 -7.92
CA GLU B 42 6.29 -1.96 -8.51
C GLU B 42 5.27 -1.48 -9.54
N LEU B 43 4.59 -0.37 -9.25
CA LEU B 43 3.60 0.18 -10.16
C LEU B 43 4.19 1.16 -11.17
N GLY B 44 5.50 1.43 -11.10
CA GLY B 44 6.11 2.36 -12.02
C GLY B 44 5.86 3.81 -11.74
N VAL B 45 5.43 4.15 -10.52
CA VAL B 45 5.16 5.54 -10.16
C VAL B 45 6.29 6.06 -9.28
N SER B 46 7.53 5.82 -9.69
CA SER B 46 8.71 6.33 -9.00
C SER B 46 9.69 6.85 -10.03
N CYS B 47 10.61 7.70 -9.57
CA CYS B 47 11.61 8.27 -10.45
C CYS B 47 12.79 8.75 -9.61
N GLN B 48 14.00 8.56 -10.14
CA GLN B 48 15.23 8.97 -9.48
C GLN B 48 16.18 9.61 -10.47
N LEU B 49 15.65 10.44 -11.38
CA LEU B 49 16.44 10.94 -12.50
C LEU B 49 17.16 12.24 -12.21
N CYS B 50 16.71 13.04 -11.24
CA CYS B 50 17.35 14.31 -10.95
C CYS B 50 17.40 14.51 -9.44
N SER B 51 18.07 15.59 -9.01
CA SER B 51 18.29 15.85 -7.60
C SER B 51 17.04 16.36 -6.87
N ASN B 52 16.11 17.00 -7.60
CA ASN B 52 14.84 17.36 -6.99
C ASN B 52 14.05 16.15 -6.54
N GLY B 53 14.41 14.95 -7.00
CA GLY B 53 13.80 13.73 -6.55
C GLY B 53 14.49 13.18 -5.32
N PRO B 54 14.23 11.90 -4.99
CA PRO B 54 13.35 10.99 -5.74
C PRO B 54 11.88 11.33 -5.54
N CYS B 55 11.05 11.01 -6.54
CA CYS B 55 9.65 11.40 -6.52
C CYS B 55 8.75 10.18 -6.65
N ARG B 56 7.54 10.31 -6.13
CA ARG B 56 6.52 9.28 -6.19
C ARG B 56 5.19 9.93 -6.55
N ILE B 57 4.36 9.20 -7.29
CA ILE B 57 3.04 9.67 -7.67
C ILE B 57 2.05 9.22 -6.61
N ASN B 58 1.38 10.19 -5.98
CA ASN B 58 0.44 9.89 -4.90
C ASN B 58 -0.55 11.06 -4.84
N GLU B 59 -1.68 10.90 -5.53
CA GLU B 59 -2.66 11.99 -5.63
C GLU B 59 -3.31 12.29 -4.27
N LYS B 60 -3.37 11.30 -3.38
CA LYS B 60 -4.08 11.49 -2.12
C LYS B 60 -3.41 12.54 -1.24
N VAL B 61 -2.09 12.44 -1.09
CA VAL B 61 -1.36 13.39 -0.24
C VAL B 61 -0.90 14.63 -1.00
N GLY B 62 -1.27 14.77 -2.26
CA GLY B 62 -0.94 15.94 -3.04
C GLY B 62 0.21 15.78 -4.00
N ALA B 63 0.81 14.59 -4.10
CA ALA B 63 1.91 14.35 -5.02
C ALA B 63 1.40 13.81 -6.36
N THR B 64 0.56 14.62 -7.01
CA THR B 64 0.01 14.23 -8.30
C THR B 64 1.11 14.19 -9.36
N LEU B 65 2.04 15.13 -9.32
CA LEU B 65 3.13 15.20 -10.27
C LEU B 65 4.46 15.28 -9.54
N GLY B 66 5.53 14.93 -10.23
CA GLY B 66 6.86 15.16 -9.70
C GLY B 66 7.20 16.64 -9.70
N VAL B 67 8.34 16.95 -9.07
CA VAL B 67 8.77 18.34 -8.98
C VAL B 67 8.96 18.94 -10.37
N CYS B 68 9.39 18.12 -11.34
CA CYS B 68 9.51 18.59 -12.71
C CYS B 68 8.15 18.97 -13.30
N GLY B 69 7.12 18.17 -13.01
CA GLY B 69 5.81 18.36 -13.59
C GLY B 69 5.32 17.19 -14.42
N ILE B 70 6.06 16.08 -14.50
CA ILE B 70 5.62 14.94 -15.29
C ILE B 70 4.51 14.20 -14.54
N ASN B 71 3.69 13.48 -15.31
CA ASN B 71 2.64 12.68 -14.75
C ASN B 71 3.08 11.21 -14.66
N ALA B 72 2.22 10.38 -14.08
CA ALA B 72 2.58 8.98 -13.87
C ALA B 72 2.84 8.25 -15.18
N ASP B 73 2.05 8.55 -16.21
CA ASP B 73 2.21 7.89 -17.50
C ASP B 73 3.58 8.18 -18.10
N GLY B 74 3.94 9.46 -18.18
CA GLY B 74 5.25 9.81 -18.70
C GLY B 74 6.39 9.27 -17.86
N MET B 75 6.23 9.30 -16.53
CA MET B 75 7.25 8.77 -15.65
C MET B 75 7.52 7.29 -15.94
N ALA B 76 6.47 6.47 -15.94
CA ALA B 76 6.62 5.03 -16.16
C ALA B 76 7.17 4.74 -17.55
N MET B 77 6.61 5.40 -18.58
CA MET B 77 7.07 5.12 -19.94
C MET B 77 8.51 5.58 -20.15
N ARG B 78 8.91 6.68 -19.50
CA ARG B 78 10.28 7.14 -19.63
C ARG B 78 11.26 6.18 -18.96
N TYR B 79 10.91 5.68 -17.77
CA TYR B 79 11.79 4.69 -17.16
C TYR B 79 11.88 3.43 -18.00
N MET B 80 10.76 3.02 -18.61
CA MET B 80 10.78 1.85 -19.47
C MET B 80 11.69 2.06 -20.68
N LEU B 81 11.60 3.24 -21.31
CA LEU B 81 12.45 3.54 -22.46
C LEU B 81 13.92 3.58 -22.07
N LEU B 82 14.23 4.20 -20.93
CA LEU B 82 15.61 4.24 -20.47
C LEU B 82 16.15 2.84 -20.20
N ARG B 83 15.33 1.96 -19.62
CA ARG B 83 15.77 0.60 -19.38
C ARG B 83 15.99 -0.16 -20.70
N ASN B 84 15.06 -0.02 -21.65
CA ASN B 84 15.21 -0.73 -22.92
C ASN B 84 16.38 -0.19 -23.74
N VAL B 85 16.86 1.02 -23.44
CA VAL B 85 18.13 1.47 -24.01
C VAL B 85 19.23 0.45 -23.74
N MET B 86 19.22 -0.17 -22.55
CA MET B 86 20.26 -1.13 -22.21
C MET B 86 20.17 -2.39 -23.07
N GLY B 87 18.96 -2.91 -23.29
CA GLY B 87 18.81 -4.06 -24.16
C GLY B 87 19.19 -3.76 -25.59
N THR B 88 18.79 -2.58 -26.09
CA THR B 88 19.23 -2.15 -27.42
C THR B 88 20.75 -2.10 -27.49
N SER B 89 21.39 -1.61 -26.43
CA SER B 89 22.84 -1.52 -26.41
C SER B 89 23.48 -2.90 -26.43
N THR B 90 22.93 -3.85 -25.68
CA THR B 90 23.47 -5.20 -25.68
C THR B 90 23.36 -5.83 -27.08
N TYR B 91 22.20 -5.68 -27.72
CA TYR B 91 22.04 -6.23 -29.06
C TYR B 91 22.98 -5.57 -30.06
N THR B 92 23.14 -4.25 -29.97
CA THR B 92 24.05 -3.55 -30.87
C THR B 92 25.50 -3.96 -30.64
N TYR B 93 25.88 -4.14 -29.37
CA TYR B 93 27.22 -4.62 -29.03
C TYR B 93 27.48 -5.99 -29.67
N HIS B 94 26.54 -6.92 -29.48
CA HIS B 94 26.69 -8.25 -30.08
C HIS B 94 26.80 -8.16 -31.60
N ALA B 95 25.95 -7.35 -32.23
CA ALA B 95 25.95 -7.26 -33.68
C ALA B 95 27.25 -6.66 -34.20
N TYR B 96 27.75 -5.60 -33.56
CA TYR B 96 28.99 -4.99 -33.99
C TYR B 96 30.17 -5.94 -33.81
N GLU B 97 30.21 -6.65 -32.68
CA GLU B 97 31.27 -7.63 -32.48
C GLU B 97 31.19 -8.73 -33.52
N ALA B 98 29.97 -9.14 -33.89
CA ALA B 98 29.82 -10.17 -34.92
C ALA B 98 30.30 -9.69 -36.27
N TYR B 99 30.02 -8.44 -36.63
CA TYR B 99 30.47 -7.91 -37.91
C TYR B 99 31.99 -7.79 -37.95
N LYS B 100 32.60 -7.29 -36.87
CA LYS B 100 34.05 -7.25 -36.81
C LYS B 100 34.65 -8.65 -36.85
N THR B 101 34.00 -9.61 -36.19
CA THR B 101 34.48 -10.98 -36.22
C THR B 101 34.44 -11.56 -37.63
N LEU B 102 33.35 -11.31 -38.37
CA LEU B 102 33.24 -11.79 -39.74
C LEU B 102 34.31 -11.15 -40.62
N LYS B 103 34.52 -9.83 -40.49
CA LYS B 103 35.52 -9.19 -41.33
C LYS B 103 36.93 -9.69 -41.01
N MET B 104 37.26 -9.84 -39.73
CA MET B 104 38.58 -10.34 -39.37
C MET B 104 38.76 -11.79 -39.77
N THR B 105 37.68 -12.58 -39.78
CA THR B 105 37.75 -13.94 -40.26
C THR B 105 37.98 -13.97 -41.77
N ALA B 106 37.40 -13.00 -42.49
CA ALA B 106 37.63 -12.91 -43.93
C ALA B 106 39.08 -12.58 -44.27
N LEU B 107 39.82 -11.98 -43.34
CA LEU B 107 41.22 -11.67 -43.55
C LEU B 107 42.15 -12.75 -42.99
N GLY B 108 41.61 -13.84 -42.47
CA GLY B 108 42.43 -14.93 -41.98
C GLY B 108 43.13 -14.65 -40.66
N ASN B 109 42.46 -13.93 -39.75
CA ASN B 109 43.02 -13.60 -38.45
C ASN B 109 42.32 -14.32 -37.31
N THR B 110 41.42 -15.25 -37.60
CA THR B 110 40.65 -15.97 -36.60
C THR B 110 40.77 -17.46 -36.85
N PRO B 111 40.46 -18.30 -35.85
CA PRO B 111 40.36 -19.74 -36.09
C PRO B 111 39.09 -20.14 -36.80
N PHE B 112 38.31 -19.17 -37.26
CA PHE B 112 37.04 -19.42 -37.91
C PHE B 112 37.22 -19.42 -39.43
N THR B 113 36.14 -19.75 -40.13
CA THR B 113 36.12 -19.72 -41.58
C THR B 113 34.69 -19.40 -42.02
N ILE B 114 34.45 -19.49 -43.32
CA ILE B 114 33.14 -19.21 -43.91
C ILE B 114 32.49 -20.56 -44.19
N THR B 115 31.54 -20.96 -43.35
CA THR B 115 30.90 -22.26 -43.48
C THR B 115 29.77 -22.22 -44.51
N ASP B 116 28.90 -21.22 -44.41
CA ASP B 116 27.73 -21.11 -45.28
C ASP B 116 27.99 -20.04 -46.32
N LYS B 117 28.61 -20.43 -47.44
CA LYS B 117 28.84 -19.49 -48.53
C LYS B 117 27.56 -19.22 -49.33
N ASP B 118 26.67 -20.20 -49.41
CA ASP B 118 25.41 -20.00 -50.12
C ASP B 118 24.61 -18.85 -49.51
N LYS B 119 24.48 -18.84 -48.19
CA LYS B 119 23.78 -17.74 -47.53
C LYS B 119 24.54 -16.43 -47.69
N LEU B 120 25.87 -16.48 -47.64
CA LEU B 120 26.67 -15.28 -47.86
C LEU B 120 26.32 -14.63 -49.20
N TYR B 121 26.30 -15.43 -50.27
CA TYR B 121 26.07 -14.87 -51.59
C TYR B 121 24.60 -14.51 -51.81
N GLN B 122 23.67 -15.29 -51.25
CA GLN B 122 22.26 -14.94 -51.40
C GLN B 122 21.93 -13.64 -50.67
N MET B 123 22.52 -13.43 -49.49
CA MET B 123 22.32 -12.18 -48.77
C MET B 123 23.04 -11.03 -49.46
N ALA B 124 24.20 -11.29 -50.07
CA ALA B 124 24.86 -10.25 -50.85
C ALA B 124 24.01 -9.82 -52.03
N LYS B 125 23.32 -10.77 -52.66
CA LYS B 125 22.47 -10.43 -53.81
C LYS B 125 21.16 -9.78 -53.38
N ASP B 126 20.61 -10.18 -52.23
CA ASP B 126 19.37 -9.55 -51.76
C ASP B 126 19.61 -8.11 -51.33
N LEU B 127 20.82 -7.79 -50.89
CA LEU B 127 21.20 -6.43 -50.51
C LEU B 127 21.84 -5.67 -51.67
N GLU B 128 21.90 -6.28 -52.86
CA GLU B 128 22.41 -5.62 -54.06
C GLU B 128 23.87 -5.18 -53.90
N LEU B 129 24.65 -6.01 -53.20
CA LEU B 129 26.07 -5.74 -53.02
C LEU B 129 26.86 -6.26 -54.22
N ASN B 130 28.18 -6.13 -54.14
CA ASN B 130 29.07 -6.59 -55.21
C ASN B 130 29.46 -8.03 -54.95
N THR B 131 29.06 -8.93 -55.86
CA THR B 131 29.38 -10.34 -55.75
C THR B 131 30.76 -10.69 -56.31
N GLU B 132 31.51 -9.69 -56.76
CA GLU B 132 32.77 -9.94 -57.47
C GLU B 132 33.86 -10.40 -56.50
N GLY B 133 34.77 -11.22 -57.03
CA GLY B 133 35.93 -11.65 -56.28
C GLY B 133 35.78 -13.01 -55.64
N LYS B 134 36.48 -13.23 -54.53
CA LYS B 134 36.40 -14.45 -53.74
C LYS B 134 35.56 -14.21 -52.49
N PRO B 135 35.03 -15.28 -51.89
CA PRO B 135 34.11 -15.11 -50.74
C PRO B 135 34.65 -14.25 -49.61
N GLU B 136 35.97 -14.15 -49.44
CA GLU B 136 36.52 -13.27 -48.42
C GLU B 136 36.16 -11.81 -48.71
N ASP B 137 36.28 -11.40 -49.98
CA ASP B 137 35.94 -10.02 -50.35
C ASP B 137 34.45 -9.76 -50.14
N VAL B 138 33.60 -10.71 -50.53
CA VAL B 138 32.15 -10.53 -50.38
C VAL B 138 31.79 -10.45 -48.90
N ALA B 139 32.46 -11.25 -48.07
CA ALA B 139 32.21 -11.20 -46.63
C ALA B 139 32.62 -9.85 -46.05
N VAL B 140 33.76 -9.32 -46.50
CA VAL B 140 34.17 -7.99 -46.05
C VAL B 140 33.14 -6.94 -46.45
N ARG B 141 32.64 -7.03 -47.69
CA ARG B 141 31.64 -6.05 -48.15
C ARG B 141 30.35 -6.15 -47.34
N LEU B 142 29.90 -7.38 -47.05
CA LEU B 142 28.70 -7.54 -46.25
C LEU B 142 28.89 -7.01 -44.84
N SER B 143 30.07 -7.26 -44.24
CA SER B 143 30.37 -6.72 -42.92
C SER B 143 30.30 -5.20 -42.91
N ASP B 144 30.92 -4.58 -43.92
CA ASP B 144 30.90 -3.12 -44.00
C ASP B 144 29.48 -2.59 -44.18
N PHE B 145 28.67 -3.27 -44.99
CA PHE B 145 27.29 -2.83 -45.20
C PHE B 145 26.49 -2.92 -43.91
N LEU B 146 26.62 -4.02 -43.18
CA LEU B 146 25.87 -4.15 -41.92
C LEU B 146 26.36 -3.16 -40.87
N ILE B 147 27.67 -2.88 -40.85
CA ILE B 147 28.18 -1.85 -39.95
C ILE B 147 27.61 -0.49 -40.31
N TRP B 148 27.48 -0.20 -41.62
CA TRP B 148 26.81 1.02 -42.03
C TRP B 148 25.37 1.05 -41.53
N GLU B 149 24.68 -0.09 -41.61
CA GLU B 149 23.34 -0.19 -41.04
C GLU B 149 23.35 0.18 -39.56
N LEU B 150 24.40 -0.22 -38.84
CA LEU B 150 24.50 0.13 -37.41
C LEU B 150 24.63 1.64 -37.23
N TYR B 151 25.36 2.32 -38.10
CA TYR B 151 25.64 3.75 -37.98
C TYR B 151 24.63 4.63 -38.68
N ARG B 152 23.57 4.06 -39.24
CA ARG B 152 22.66 4.82 -40.09
C ARG B 152 21.93 5.89 -39.28
N ASP B 153 21.81 7.08 -39.87
CA ASP B 153 21.08 8.16 -39.21
C ASP B 153 19.71 8.36 -39.84
N TYR B 154 19.24 9.60 -39.88
CA TYR B 154 17.82 9.88 -40.06
C TYR B 154 17.43 10.15 -41.50
N ASP B 155 18.36 10.62 -42.34
CA ASP B 155 18.08 10.86 -43.75
C ASP B 155 18.62 9.75 -44.64
N GLU B 156 19.21 8.71 -44.07
CA GLU B 156 19.67 7.55 -44.82
C GLU B 156 18.66 6.43 -44.66
N PRO B 157 17.83 6.14 -45.65
CA PRO B 157 16.87 5.04 -45.51
C PRO B 157 17.58 3.70 -45.42
N GLY B 158 17.03 2.80 -44.61
CA GLY B 158 17.60 1.49 -44.45
C GLY B 158 17.27 0.56 -45.61
N LYS B 159 18.11 -0.45 -45.78
CA LYS B 159 17.89 -1.48 -46.79
C LYS B 159 17.51 -2.83 -46.20
N MET B 160 17.95 -3.13 -44.98
CA MET B 160 17.54 -4.36 -44.32
C MET B 160 16.03 -4.38 -44.09
N ILE B 161 15.46 -3.24 -43.69
CA ILE B 161 14.04 -3.19 -43.40
C ILE B 161 13.21 -3.30 -44.68
N GLU B 162 13.74 -2.83 -45.81
CA GLU B 162 13.02 -2.98 -47.06
C GLU B 162 13.09 -4.41 -47.57
N VAL B 163 14.18 -5.12 -47.27
CA VAL B 163 14.36 -6.47 -47.81
C VAL B 163 13.64 -7.51 -46.95
N TYR B 164 13.65 -7.35 -45.63
CA TYR B 164 13.19 -8.40 -44.73
C TYR B 164 11.87 -8.06 -44.02
N ALA B 165 11.16 -7.02 -44.45
CA ALA B 165 9.89 -6.72 -43.82
C ALA B 165 8.76 -6.81 -44.84
N PRO B 166 7.55 -7.17 -44.41
CA PRO B 166 6.43 -7.27 -45.36
C PRO B 166 5.97 -5.89 -45.82
N LEU B 167 5.11 -5.91 -46.85
CA LEU B 167 4.71 -4.69 -47.53
C LEU B 167 3.84 -3.81 -46.65
N LYS B 168 2.72 -4.34 -46.18
CA LYS B 168 1.75 -3.55 -45.43
C LYS B 168 2.34 -3.06 -44.10
N ARG B 169 3.21 -3.85 -43.49
CA ARG B 169 3.90 -3.38 -42.29
C ARG B 169 4.77 -2.17 -42.59
N LYS B 170 5.44 -2.17 -43.74
CA LYS B 170 6.27 -1.02 -44.11
C LYS B 170 5.41 0.21 -44.38
N GLU B 171 4.26 0.02 -45.04
CA GLU B 171 3.37 1.17 -45.27
C GLU B 171 2.84 1.72 -43.96
N VAL B 172 2.51 0.83 -43.01
CA VAL B 172 2.04 1.28 -41.70
C VAL B 172 3.14 2.03 -40.96
N TRP B 173 4.37 1.52 -41.01
CA TRP B 173 5.48 2.18 -40.35
C TRP B 173 5.77 3.54 -40.99
N ARG B 174 5.50 3.68 -42.29
CA ARG B 174 5.65 4.99 -42.93
C ARG B 174 4.59 5.97 -42.45
N LYS B 175 3.31 5.57 -42.53
CA LYS B 175 2.24 6.49 -42.12
C LYS B 175 2.30 6.82 -40.63
N LEU B 176 2.88 5.94 -39.80
CA LEU B 176 3.08 6.24 -38.40
C LEU B 176 4.30 7.10 -38.16
N GLY B 177 5.29 7.06 -39.04
CA GLY B 177 6.52 7.79 -38.82
C GLY B 177 7.48 7.12 -37.86
N ILE B 178 7.40 5.80 -37.72
CA ILE B 178 8.26 5.07 -36.80
C ILE B 178 9.39 4.35 -37.51
N TYR B 179 9.65 4.69 -38.77
CA TYR B 179 10.80 4.16 -39.47
C TYR B 179 12.07 4.59 -38.76
N PRO B 180 12.85 3.67 -38.19
CA PRO B 180 13.97 4.06 -37.34
C PRO B 180 15.25 4.27 -38.14
N ALA B 181 16.20 4.96 -37.48
CA ALA B 181 17.55 5.08 -38.01
C ALA B 181 18.35 3.83 -37.63
N GLY B 182 19.66 3.94 -37.59
CA GLY B 182 20.49 2.88 -37.06
C GLY B 182 20.25 2.71 -35.58
N PRO B 183 20.45 1.49 -35.07
CA PRO B 183 20.18 1.26 -33.64
C PRO B 183 21.05 2.10 -32.72
N LEU B 184 22.26 2.45 -33.14
CA LEU B 184 23.10 3.30 -32.31
C LEU B 184 22.47 4.68 -32.12
N HIS B 185 22.15 5.33 -33.24
CA HIS B 185 21.49 6.63 -33.19
C HIS B 185 20.15 6.55 -32.47
N GLU B 186 19.40 5.47 -32.68
CA GLU B 186 18.09 5.36 -32.04
C GLU B 186 18.21 5.22 -30.53
N LEU B 187 19.14 4.37 -30.06
CA LEU B 187 19.32 4.23 -28.62
C LEU B 187 19.85 5.52 -28.01
N LYS B 188 20.72 6.24 -28.72
CA LYS B 188 21.21 7.50 -28.19
C LYS B 188 20.09 8.54 -28.12
N ASP B 189 19.27 8.61 -29.17
CA ASP B 189 18.13 9.54 -29.15
C ASP B 189 17.16 9.21 -28.03
N ALA B 190 16.90 7.93 -27.82
CA ALA B 190 15.97 7.51 -26.76
C ALA B 190 16.53 7.85 -25.38
N ALA B 191 17.81 7.54 -25.15
CA ALA B 191 18.42 7.87 -23.87
C ALA B 191 18.42 9.37 -23.63
N ALA B 192 18.65 10.17 -24.68
CA ALA B 192 18.62 11.62 -24.52
C ALA B 192 17.20 12.13 -24.28
N SER B 193 16.20 11.45 -24.83
CA SER B 193 14.81 11.85 -24.58
C SER B 193 14.41 11.63 -23.13
N CYS B 194 15.04 10.67 -22.45
CA CYS B 194 14.66 10.32 -21.09
C CYS B 194 15.29 11.23 -20.05
N LEU B 195 16.12 12.19 -20.44
CA LEU B 195 16.67 13.13 -19.49
C LEU B 195 15.59 14.06 -18.97
N THR B 196 15.79 14.56 -17.76
CA THR B 196 14.79 15.40 -17.10
C THR B 196 14.48 16.64 -17.95
N ASN B 197 13.20 16.96 -18.06
CA ASN B 197 12.71 18.15 -18.77
C ASN B 197 13.09 18.11 -20.25
N VAL B 198 12.91 16.95 -20.88
CA VAL B 198 13.10 16.81 -22.32
C VAL B 198 11.83 16.24 -22.92
N ASP B 199 11.66 14.93 -22.81
CA ASP B 199 10.48 14.23 -23.32
C ASP B 199 9.65 13.74 -22.14
N GLY B 200 8.49 14.35 -21.93
CA GLY B 200 7.63 13.97 -20.84
C GLY B 200 6.24 13.54 -21.27
N ASP B 201 6.09 13.16 -22.54
CA ASP B 201 4.82 12.69 -23.08
C ASP B 201 4.90 11.19 -23.30
N TYR B 202 4.01 10.45 -22.64
CA TYR B 202 4.08 9.00 -22.69
C TYR B 202 3.78 8.45 -24.08
N VAL B 203 2.97 9.14 -24.87
CA VAL B 203 2.70 8.70 -26.23
C VAL B 203 3.96 8.80 -27.09
N SER B 204 4.67 9.93 -26.97
CA SER B 204 5.93 10.10 -27.70
C SER B 204 6.96 9.06 -27.26
N LEU B 205 7.05 8.82 -25.95
CA LEU B 205 8.02 7.84 -25.45
C LEU B 205 7.68 6.42 -25.90
N ALA B 206 6.39 6.09 -25.99
CA ALA B 206 6.00 4.78 -26.49
C ALA B 206 6.29 4.63 -27.98
N THR B 207 6.05 5.69 -28.75
CA THR B 207 6.43 5.69 -30.15
C THR B 207 7.94 5.49 -30.30
N LYS B 208 8.72 6.15 -29.44
CA LYS B 208 10.17 5.97 -29.47
C LYS B 208 10.59 4.56 -29.08
N GLY B 209 9.87 3.94 -28.14
CA GLY B 209 10.15 2.54 -27.83
C GLY B 209 9.87 1.62 -29.00
N LEU B 210 8.78 1.87 -29.72
CA LEU B 210 8.49 1.10 -30.93
C LEU B 210 9.60 1.28 -31.96
N ARG B 211 10.03 2.53 -32.17
CA ARG B 211 11.15 2.79 -33.08
C ARG B 211 12.41 2.07 -32.62
N LEU B 212 12.62 2.01 -31.30
CA LEU B 212 13.80 1.34 -30.75
C LEU B 212 13.78 -0.15 -31.06
N GLY B 213 12.64 -0.80 -30.83
CA GLY B 213 12.52 -2.21 -31.18
C GLY B 213 12.72 -2.45 -32.67
N LEU B 214 12.14 -1.58 -33.50
CA LEU B 214 12.32 -1.71 -34.95
C LEU B 214 13.79 -1.61 -35.34
N SER B 215 14.49 -0.60 -34.82
CA SER B 215 15.91 -0.46 -35.10
C SER B 215 16.73 -1.61 -34.53
N CYS B 216 16.21 -2.28 -33.50
CA CYS B 216 16.94 -3.41 -32.93
C CYS B 216 16.81 -4.66 -33.80
N ILE B 217 15.62 -4.95 -34.31
CA ILE B 217 15.44 -6.17 -35.09
C ILE B 217 16.06 -6.03 -36.48
N TYR B 218 15.74 -4.95 -37.19
CA TYR B 218 16.18 -4.78 -38.57
C TYR B 218 17.52 -4.06 -38.68
N GLY B 219 18.12 -3.67 -37.56
CA GLY B 219 19.40 -3.00 -37.61
C GLY B 219 20.51 -3.76 -36.90
N ALA B 220 20.17 -4.90 -36.31
CA ALA B 220 21.16 -5.66 -35.55
C ALA B 220 20.88 -7.16 -35.53
N GLN B 221 19.70 -7.56 -35.05
CA GLN B 221 19.44 -8.97 -34.79
C GLN B 221 19.52 -9.81 -36.05
N ILE B 222 18.78 -9.43 -37.09
CA ILE B 222 18.75 -10.20 -38.33
C ILE B 222 20.16 -10.33 -38.91
N GLY B 223 20.86 -9.20 -39.03
CA GLY B 223 22.18 -9.21 -39.62
C GLY B 223 23.18 -10.01 -38.80
N LEU B 224 23.14 -9.85 -37.46
CA LEU B 224 24.10 -10.57 -36.63
C LEU B 224 23.86 -12.06 -36.66
N GLU B 225 22.60 -12.49 -36.67
CA GLU B 225 22.33 -13.92 -36.72
C GLU B 225 22.67 -14.50 -38.09
N LEU B 226 22.42 -13.74 -39.16
CA LEU B 226 22.83 -14.20 -40.49
C LEU B 226 24.34 -14.30 -40.61
N VAL B 227 25.08 -13.37 -40.00
CA VAL B 227 26.53 -13.42 -40.03
C VAL B 227 27.04 -14.60 -39.23
N GLN B 228 26.45 -14.86 -38.05
CA GLN B 228 26.85 -16.02 -37.28
C GLN B 228 26.51 -17.32 -38.01
N ASP B 229 25.43 -17.34 -38.79
CA ASP B 229 25.15 -18.49 -39.64
C ASP B 229 26.22 -18.67 -40.70
N ILE B 230 26.56 -17.58 -41.39
CA ILE B 230 27.62 -17.64 -42.41
C ILE B 230 28.92 -18.14 -41.81
N LEU B 231 29.19 -17.80 -40.55
CA LEU B 231 30.44 -18.21 -39.91
C LEU B 231 30.40 -19.68 -39.48
N PHE B 232 29.32 -20.10 -38.83
CA PHE B 232 29.26 -21.42 -38.20
C PHE B 232 28.12 -22.27 -38.74
N GLY B 233 27.70 -22.03 -39.99
CA GLY B 233 26.67 -22.84 -40.61
C GLY B 233 25.26 -22.54 -40.12
N THR B 234 24.29 -22.69 -41.01
CA THR B 234 22.89 -22.51 -40.65
C THR B 234 22.38 -23.74 -39.92
N GLY B 235 21.77 -23.53 -38.77
CA GLY B 235 21.35 -24.66 -37.95
C GLY B 235 20.28 -25.50 -38.59
N MET B 236 20.29 -26.79 -38.25
CA MET B 236 19.31 -27.77 -38.71
C MET B 236 18.92 -28.64 -37.52
N PRO B 237 17.71 -29.20 -37.54
CA PRO B 237 17.23 -29.96 -36.38
C PRO B 237 18.08 -31.20 -36.13
N HIS B 238 18.45 -31.40 -34.86
CA HIS B 238 19.24 -32.55 -34.46
C HIS B 238 19.08 -32.75 -32.95
N GLU B 239 19.37 -33.97 -32.52
CA GLU B 239 19.18 -34.36 -31.13
C GLU B 239 20.23 -33.70 -30.24
N MET B 240 19.85 -33.43 -29.00
CA MET B 240 20.74 -32.77 -28.05
C MET B 240 20.34 -33.16 -26.64
N ASP B 241 21.35 -33.32 -25.78
CA ASP B 241 21.13 -33.57 -24.36
C ASP B 241 21.05 -32.24 -23.61
N VAL B 242 20.09 -32.15 -22.68
CA VAL B 242 19.89 -30.95 -21.87
C VAL B 242 19.67 -31.37 -20.43
N ASP B 243 19.63 -30.36 -19.56
CA ASP B 243 19.61 -30.45 -18.10
C ASP B 243 20.98 -30.81 -17.57
N LEU B 244 21.17 -30.65 -16.26
CA LEU B 244 22.50 -30.74 -15.63
C LEU B 244 23.01 -32.16 -15.50
N GLY B 245 22.22 -33.17 -15.90
CA GLY B 245 22.69 -34.54 -15.84
C GLY B 245 23.77 -34.89 -16.83
N ILE B 246 24.04 -34.00 -17.79
CA ILE B 246 25.08 -34.23 -18.79
C ILE B 246 26.49 -34.07 -18.22
N PHE B 247 26.61 -33.58 -16.99
CA PHE B 247 27.92 -33.36 -16.40
C PHE B 247 28.51 -34.68 -15.89
N ASP B 248 29.82 -34.81 -16.04
CA ASP B 248 30.59 -35.93 -15.50
C ASP B 248 31.80 -35.36 -14.78
N ALA B 249 31.94 -35.70 -13.50
CA ALA B 249 32.97 -35.10 -12.67
C ALA B 249 34.38 -35.58 -13.04
N ASP B 250 34.50 -36.69 -13.75
CA ASP B 250 35.80 -37.24 -14.09
C ASP B 250 36.50 -36.49 -15.23
N TYR B 251 35.79 -35.62 -15.93
CA TYR B 251 36.35 -34.86 -17.05
C TYR B 251 36.68 -33.44 -16.60
N ILE B 252 37.49 -32.76 -17.43
CA ILE B 252 37.77 -31.34 -17.24
C ILE B 252 36.72 -30.56 -18.00
N ASN B 253 35.84 -29.88 -17.26
CA ASN B 253 34.63 -29.28 -17.81
C ASN B 253 34.80 -27.77 -17.96
N ILE B 254 34.71 -27.28 -19.19
CA ILE B 254 34.74 -25.86 -19.48
C ILE B 254 33.37 -25.46 -20.02
N VAL B 255 32.71 -24.55 -19.33
CA VAL B 255 31.34 -24.14 -19.66
C VAL B 255 31.38 -22.69 -20.13
N PHE B 256 30.97 -22.46 -21.38
CA PHE B 256 30.82 -21.11 -21.89
C PHE B 256 29.39 -20.63 -21.68
N ASN B 257 29.27 -19.39 -21.20
CA ASN B 257 28.01 -18.87 -20.67
C ASN B 257 27.87 -17.40 -21.03
N GLY B 258 26.75 -17.04 -21.64
CA GLY B 258 26.50 -15.65 -21.98
C GLY B 258 25.53 -15.45 -23.13
N HIS B 259 26.02 -14.86 -24.23
CA HIS B 259 25.18 -14.59 -25.39
C HIS B 259 25.98 -14.74 -26.68
N GLU B 260 27.21 -14.23 -26.70
CA GLU B 260 28.04 -14.26 -27.89
C GLU B 260 28.81 -15.57 -27.96
N PRO B 261 28.66 -16.34 -29.04
CA PRO B 261 29.18 -17.72 -29.06
C PRO B 261 30.60 -17.88 -29.60
N PHE B 262 31.30 -16.80 -29.93
CA PHE B 262 32.61 -16.93 -30.59
C PHE B 262 33.62 -17.61 -29.68
N VAL B 263 33.64 -17.24 -28.40
CA VAL B 263 34.55 -17.87 -27.45
C VAL B 263 34.24 -19.35 -27.32
N GLY B 264 32.95 -19.70 -27.35
CA GLY B 264 32.58 -21.11 -27.25
C GLY B 264 33.07 -21.93 -28.44
N VAL B 265 32.92 -21.39 -29.65
CA VAL B 265 33.39 -22.11 -30.84
C VAL B 265 34.91 -22.23 -30.83
N ALA B 266 35.60 -21.16 -30.41
CA ALA B 266 37.06 -21.24 -30.31
C ALA B 266 37.48 -22.28 -29.28
N LEU B 267 36.76 -22.34 -28.15
CA LEU B 267 37.07 -23.33 -27.12
C LEU B 267 36.86 -24.75 -27.63
N ILE B 268 35.76 -24.98 -28.36
CA ILE B 268 35.51 -26.31 -28.92
C ILE B 268 36.62 -26.69 -29.89
N LEU B 269 36.96 -25.77 -30.80
CA LEU B 269 38.02 -26.02 -31.78
C LEU B 269 39.34 -26.37 -31.10
N ALA B 270 39.71 -25.58 -30.09
CA ALA B 270 40.98 -25.83 -29.40
C ALA B 270 40.94 -27.11 -28.58
N ALA B 271 39.77 -27.44 -28.03
CA ALA B 271 39.66 -28.67 -27.23
C ALA B 271 39.72 -29.91 -28.09
N LYS B 272 39.32 -29.81 -29.36
CA LYS B 272 39.46 -30.96 -30.25
C LYS B 272 40.91 -31.25 -30.61
N GLU B 273 41.84 -30.33 -30.34
CA GLU B 273 43.25 -30.58 -30.61
C GLU B 273 43.79 -31.68 -29.69
N ALA B 274 44.65 -32.52 -30.24
CA ALA B 274 45.15 -33.66 -29.48
C ALA B 274 46.05 -33.24 -28.32
N VAL B 275 46.80 -32.14 -28.49
CA VAL B 275 47.71 -31.71 -27.45
C VAL B 275 46.95 -31.28 -26.20
N ASN B 276 45.80 -30.61 -26.38
CA ASN B 276 45.01 -30.20 -25.23
C ASN B 276 44.34 -31.39 -24.56
N GLN B 277 43.91 -32.38 -25.33
CA GLN B 277 43.39 -33.62 -24.72
C GLN B 277 44.47 -34.35 -23.95
N ASP B 278 45.72 -34.30 -24.43
CA ASP B 278 46.82 -34.89 -23.68
C ASP B 278 47.10 -34.10 -22.41
N LYS B 279 47.00 -32.77 -22.47
CA LYS B 279 47.09 -31.96 -21.26
C LYS B 279 46.02 -32.37 -20.25
N ALA B 280 44.81 -32.63 -20.74
CA ALA B 280 43.72 -33.06 -19.86
C ALA B 280 44.03 -34.41 -19.23
N LYS B 281 44.51 -35.36 -20.04
CA LYS B 281 44.78 -36.71 -19.53
C LYS B 281 45.95 -36.73 -18.55
N ALA B 282 46.96 -35.88 -18.77
CA ALA B 282 48.10 -35.84 -17.87
C ALA B 282 47.74 -35.31 -16.48
N ALA B 283 46.60 -34.65 -16.35
CA ALA B 283 46.15 -34.12 -15.06
C ALA B 283 45.35 -35.12 -14.25
N GLY B 284 45.07 -36.30 -14.80
CA GLY B 284 44.27 -37.30 -14.12
C GLY B 284 42.82 -37.37 -14.56
N ALA B 285 42.45 -36.69 -15.64
CA ALA B 285 41.09 -36.71 -16.15
C ALA B 285 41.00 -37.60 -17.38
N LYS B 286 39.78 -38.07 -17.65
CA LYS B 286 39.57 -38.95 -18.81
C LYS B 286 39.76 -38.19 -20.11
N SER B 287 39.20 -36.99 -20.22
CA SER B 287 39.40 -36.14 -21.40
C SER B 287 38.98 -34.72 -21.04
N LEU B 288 38.82 -33.90 -22.07
CA LEU B 288 38.49 -32.47 -21.93
C LEU B 288 37.19 -32.20 -22.69
N ARG B 289 36.22 -31.63 -21.99
CA ARG B 289 34.89 -31.40 -22.57
C ARG B 289 34.49 -29.95 -22.43
N ILE B 290 33.68 -29.49 -23.39
CA ILE B 290 33.18 -28.12 -23.42
C ILE B 290 31.66 -28.18 -23.31
N TYR B 291 31.09 -27.33 -22.45
CA TYR B 291 29.66 -27.29 -22.22
C TYR B 291 29.12 -25.90 -22.53
N GLY B 292 27.89 -25.84 -23.01
CA GLY B 292 27.22 -24.59 -23.30
C GLY B 292 26.24 -24.23 -22.20
N SER B 293 26.14 -22.93 -21.92
CA SER B 293 25.21 -22.43 -20.92
C SER B 293 24.46 -21.23 -21.49
N ILE B 294 23.22 -21.05 -21.01
CA ILE B 294 22.25 -20.07 -21.48
C ILE B 294 22.34 -19.85 -22.99
N GLU B 295 22.38 -18.58 -23.42
CA GLU B 295 22.14 -18.25 -24.82
C GLU B 295 23.32 -18.56 -25.73
N SER B 296 24.56 -18.38 -25.25
CA SER B 296 25.72 -18.82 -26.04
C SER B 296 25.64 -20.33 -26.29
N GLY B 297 25.38 -21.08 -25.22
CA GLY B 297 25.11 -22.50 -25.37
C GLY B 297 24.02 -22.77 -26.40
N GLN B 298 22.95 -21.97 -26.36
CA GLN B 298 21.83 -22.21 -27.26
C GLN B 298 22.23 -22.00 -28.71
N GLU B 299 23.02 -20.96 -28.99
CA GLU B 299 23.53 -20.77 -30.34
C GLU B 299 24.33 -21.98 -30.79
N VAL B 300 25.25 -22.44 -29.94
CA VAL B 300 26.10 -23.56 -30.33
C VAL B 300 25.28 -24.83 -30.54
N VAL B 301 24.29 -25.07 -29.68
CA VAL B 301 23.47 -26.28 -29.82
C VAL B 301 22.50 -26.14 -30.98
N GLN B 302 22.20 -24.91 -31.40
CA GLN B 302 21.46 -24.71 -32.64
C GLN B 302 22.30 -25.12 -33.84
N ARG B 303 23.62 -24.87 -33.76
CA ARG B 303 24.47 -25.12 -34.91
C ARG B 303 25.37 -26.35 -34.80
N PHE B 304 25.63 -26.86 -33.61
CA PHE B 304 26.59 -27.94 -33.41
C PHE B 304 25.93 -29.15 -32.79
N GLN B 305 26.30 -30.34 -33.27
CA GLN B 305 25.84 -31.60 -32.72
C GLN B 305 26.65 -31.97 -31.48
N LYS B 306 26.17 -32.99 -30.77
CA LYS B 306 26.90 -33.52 -29.63
C LYS B 306 27.96 -34.49 -30.10
N ASP B 307 29.14 -34.39 -29.50
CA ASP B 307 30.23 -35.30 -29.84
C ASP B 307 31.08 -35.53 -28.58
N GLU B 308 32.29 -36.07 -28.77
CA GLU B 308 33.15 -36.40 -27.65
C GLU B 308 33.54 -35.18 -26.83
N VAL B 309 33.61 -34.01 -27.47
CA VAL B 309 34.06 -32.79 -26.80
C VAL B 309 32.86 -32.01 -26.29
N PHE B 310 32.11 -31.39 -27.22
CA PHE B 310 30.95 -30.60 -26.84
C PHE B 310 29.79 -31.49 -26.45
N ARG B 311 29.17 -31.20 -25.30
CA ARG B 311 28.15 -32.07 -24.72
C ARG B 311 26.75 -31.51 -24.77
N GLY B 312 26.58 -30.20 -24.87
CA GLY B 312 25.25 -29.62 -24.98
C GLY B 312 25.00 -28.42 -24.08
N LEU B 313 23.75 -28.24 -23.67
CA LEU B 313 23.34 -27.10 -22.86
C LEU B 313 23.11 -27.53 -21.41
N THR B 314 23.53 -26.68 -20.48
CA THR B 314 23.33 -26.97 -19.06
C THR B 314 21.94 -26.54 -18.61
N GLY B 315 21.60 -25.27 -18.82
CA GLY B 315 20.31 -24.78 -18.40
C GLY B 315 20.16 -23.32 -18.77
N ASN B 316 19.30 -22.63 -18.04
CA ASN B 316 19.09 -21.21 -18.25
C ASN B 316 19.73 -20.43 -17.08
N TRP B 317 19.41 -19.14 -16.99
CA TRP B 317 20.16 -18.27 -16.09
C TRP B 317 19.95 -18.65 -14.63
N LEU B 318 18.71 -18.93 -14.23
CA LEU B 318 18.45 -19.38 -12.86
C LEU B 318 19.04 -20.75 -12.57
N THR B 319 19.70 -21.39 -13.54
CA THR B 319 20.40 -22.64 -13.31
C THR B 319 21.90 -22.43 -13.11
N ILE B 320 22.38 -21.19 -13.19
CA ILE B 320 23.82 -20.96 -13.11
C ILE B 320 24.34 -21.25 -11.71
N GLU B 321 23.70 -20.69 -10.68
CA GLU B 321 24.12 -20.94 -9.31
C GLU B 321 24.02 -22.41 -8.92
N PRO B 322 22.95 -23.15 -9.24
CA PRO B 322 22.97 -24.59 -8.96
C PRO B 322 23.98 -25.36 -9.79
N MET B 323 24.28 -24.90 -11.01
CA MET B 323 25.27 -25.59 -11.83
C MET B 323 26.63 -25.63 -11.15
N LEU B 324 27.10 -24.47 -10.66
CA LEU B 324 28.31 -24.45 -9.85
C LEU B 324 28.20 -25.38 -8.66
N ALA B 325 26.99 -25.53 -8.12
CA ALA B 325 26.76 -26.40 -6.98
C ALA B 325 26.99 -27.88 -7.30
N THR B 326 27.11 -28.25 -8.57
CA THR B 326 27.37 -29.65 -8.91
C THR B 326 28.74 -30.11 -8.43
N GLY B 327 29.69 -29.20 -8.25
CA GLY B 327 31.04 -29.59 -7.93
C GLY B 327 31.79 -30.23 -9.08
N ALA B 328 31.40 -29.93 -10.31
CA ALA B 328 32.02 -30.52 -11.49
C ALA B 328 32.57 -29.49 -12.47
N VAL B 329 32.33 -28.21 -12.26
CA VAL B 329 32.80 -27.17 -13.17
C VAL B 329 34.23 -26.79 -12.81
N ASP B 330 35.07 -26.62 -13.84
CA ASP B 330 36.44 -26.16 -13.67
C ASP B 330 36.61 -24.71 -14.10
N VAL B 331 36.05 -24.34 -15.25
CA VAL B 331 36.09 -22.97 -15.74
C VAL B 331 34.70 -22.60 -16.26
N LEU B 332 34.17 -21.49 -15.76
CA LEU B 332 32.94 -20.89 -16.26
C LEU B 332 33.32 -19.61 -17.00
N ALA B 333 33.42 -19.70 -18.33
CA ALA B 333 33.74 -18.54 -19.15
C ALA B 333 32.46 -17.75 -19.40
N MET B 334 32.48 -16.46 -19.04
CA MET B 334 31.31 -15.60 -19.11
C MET B 334 31.54 -14.51 -20.14
N ASP B 335 30.65 -14.41 -21.13
CA ASP B 335 30.75 -13.40 -22.17
C ASP B 335 29.70 -12.31 -22.06
N MET B 336 28.59 -12.54 -21.35
CA MET B 336 27.54 -11.54 -21.22
C MET B 336 26.55 -11.93 -20.13
N ASN B 337 25.33 -11.39 -20.20
CA ASN B 337 24.27 -11.78 -19.29
C ASN B 337 23.67 -13.11 -19.71
N CYS B 338 23.22 -13.89 -18.73
CA CYS B 338 23.32 -13.54 -17.32
C CYS B 338 24.61 -14.05 -16.68
N SER B 339 25.30 -13.15 -15.98
CA SER B 339 26.44 -13.51 -15.14
C SER B 339 26.13 -12.98 -13.74
N PRO B 340 25.53 -13.82 -12.88
CA PRO B 340 25.14 -13.36 -11.54
C PRO B 340 26.33 -12.77 -10.79
N PRO B 341 26.18 -11.58 -10.22
CA PRO B 341 27.33 -10.87 -9.63
C PRO B 341 27.85 -11.50 -8.35
N ASN B 342 27.22 -12.52 -7.80
CA ASN B 342 27.65 -13.15 -6.55
C ASN B 342 28.09 -14.59 -6.78
N LEU B 343 28.75 -14.86 -7.90
CA LEU B 343 29.25 -16.20 -8.19
C LEU B 343 30.58 -16.49 -7.50
N GLY B 344 31.20 -15.49 -6.89
CA GLY B 344 32.51 -15.65 -6.29
C GLY B 344 32.57 -16.66 -5.16
N PRO B 345 31.80 -16.43 -4.09
CA PRO B 345 31.79 -17.39 -2.98
C PRO B 345 31.34 -18.79 -3.39
N LEU B 346 30.40 -18.90 -4.33
CA LEU B 346 29.96 -20.21 -4.77
C LEU B 346 31.07 -20.94 -5.54
N ALA B 347 31.73 -20.24 -6.46
CA ALA B 347 32.85 -20.83 -7.18
C ALA B 347 33.99 -21.19 -6.23
N GLU B 348 34.16 -20.43 -5.15
CA GLU B 348 35.17 -20.77 -4.17
C GLU B 348 34.78 -22.03 -3.40
N LYS B 349 33.50 -22.17 -3.06
CA LYS B 349 33.06 -23.34 -2.30
C LYS B 349 33.15 -24.61 -3.14
N TYR B 350 32.76 -24.54 -4.41
CA TYR B 350 32.69 -25.74 -5.24
C TYR B 350 33.91 -25.91 -6.15
N GLY B 351 34.93 -25.06 -6.00
CA GLY B 351 36.19 -25.28 -6.68
C GLY B 351 36.20 -25.00 -8.16
N ALA B 352 35.34 -24.09 -8.63
CA ALA B 352 35.32 -23.69 -10.03
C ALA B 352 36.02 -22.34 -10.20
N THR B 353 36.59 -22.13 -11.38
CA THR B 353 37.30 -20.90 -11.70
C THR B 353 36.47 -20.06 -12.65
N LEU B 354 36.26 -18.80 -12.29
CA LEU B 354 35.45 -17.87 -13.08
C LEU B 354 36.35 -17.05 -13.99
N VAL B 355 36.02 -17.06 -15.28
CA VAL B 355 36.77 -16.30 -16.29
C VAL B 355 35.80 -15.40 -17.03
N SER B 356 36.17 -14.13 -17.18
CA SER B 356 35.37 -13.15 -17.93
C SER B 356 36.04 -12.94 -19.28
N VAL B 357 35.31 -13.22 -20.36
CA VAL B 357 35.87 -13.10 -21.70
C VAL B 357 35.28 -11.88 -22.39
N SER B 358 34.86 -10.89 -21.60
CA SER B 358 34.27 -9.69 -22.16
C SER B 358 34.48 -8.54 -21.19
N ARG B 359 34.74 -7.35 -21.74
CA ARG B 359 34.91 -6.15 -20.92
C ARG B 359 33.60 -5.69 -20.30
N LEU B 360 32.47 -6.29 -20.67
CA LEU B 360 31.19 -5.90 -20.08
C LEU B 360 30.92 -6.62 -18.77
N VAL B 361 31.47 -7.81 -18.59
CA VAL B 361 31.15 -8.67 -17.44
C VAL B 361 32.22 -8.44 -16.37
N ARG B 362 31.81 -7.85 -15.25
CA ARG B 362 32.69 -7.64 -14.10
C ARG B 362 31.87 -7.78 -12.82
N PHE B 363 32.40 -8.53 -11.87
CA PHE B 363 31.80 -8.63 -10.54
C PHE B 363 32.84 -9.25 -9.60
N PRO B 364 32.71 -9.03 -8.29
CA PRO B 364 33.73 -9.52 -7.36
C PRO B 364 33.86 -11.04 -7.39
N GLY B 365 35.11 -11.51 -7.46
CA GLY B 365 35.41 -12.93 -7.40
C GLY B 365 35.94 -13.52 -8.69
N ILE B 366 35.96 -12.77 -9.78
CA ILE B 366 36.43 -13.30 -11.06
C ILE B 366 37.94 -13.40 -11.02
N HIS B 367 38.47 -14.57 -11.41
CA HIS B 367 39.90 -14.84 -11.29
C HIS B 367 40.69 -14.37 -12.51
N HIS B 368 40.07 -14.32 -13.69
CA HIS B 368 40.79 -13.95 -14.90
C HIS B 368 39.88 -13.13 -15.82
N PHE B 369 40.47 -12.14 -16.47
CA PHE B 369 39.77 -11.31 -17.44
C PHE B 369 40.48 -11.40 -18.79
N LEU B 370 39.72 -11.78 -19.83
CA LEU B 370 40.25 -11.97 -21.18
C LEU B 370 39.32 -11.29 -22.16
N ASP B 371 39.41 -9.96 -22.25
CA ASP B 371 38.52 -9.19 -23.10
C ASP B 371 38.60 -9.67 -24.55
N TYR B 372 37.44 -10.01 -25.11
CA TYR B 372 37.39 -10.65 -26.43
C TYR B 372 37.84 -9.70 -27.53
N LYS B 373 38.66 -10.20 -28.43
CA LYS B 373 39.05 -9.53 -29.66
C LYS B 373 39.11 -10.63 -30.70
N PRO B 374 38.50 -10.44 -31.88
CA PRO B 374 38.54 -11.49 -32.91
C PRO B 374 39.95 -12.00 -33.22
N SER B 375 40.94 -11.11 -33.27
CA SER B 375 42.31 -11.50 -33.58
C SER B 375 43.02 -12.13 -32.39
N GLU B 376 42.35 -12.28 -31.25
CA GLU B 376 42.94 -12.90 -30.07
C GLU B 376 42.16 -14.09 -29.55
N VAL B 377 40.98 -14.38 -30.10
CA VAL B 377 40.13 -15.44 -29.59
C VAL B 377 40.81 -16.81 -29.67
N ARG B 378 41.79 -16.96 -30.55
CA ARG B 378 42.52 -18.22 -30.62
C ARG B 378 43.43 -18.39 -29.41
N GLU B 379 44.08 -17.30 -28.97
CA GLU B 379 44.94 -17.37 -27.80
C GLU B 379 44.17 -17.30 -26.50
N ILE B 380 42.97 -16.72 -26.50
CA ILE B 380 42.14 -16.70 -25.31
C ILE B 380 41.71 -18.10 -24.94
N ALA B 381 41.08 -18.81 -25.89
CA ALA B 381 40.59 -20.16 -25.66
C ALA B 381 41.67 -21.04 -25.05
N GLN B 382 42.84 -21.10 -25.70
CA GLN B 382 43.96 -21.88 -25.16
C GLN B 382 44.22 -21.52 -23.70
N LYS B 383 44.36 -20.22 -23.41
CA LYS B 383 44.56 -19.78 -22.04
C LYS B 383 43.47 -20.36 -21.14
N ILE B 384 42.21 -20.19 -21.54
CA ILE B 384 41.09 -20.75 -20.78
C ILE B 384 41.33 -22.22 -20.52
N ILE B 385 41.65 -22.98 -21.59
CA ILE B 385 41.90 -24.41 -21.42
C ILE B 385 43.00 -24.64 -20.41
N ASP B 386 44.12 -23.90 -20.55
CA ASP B 386 45.18 -24.01 -19.56
C ASP B 386 44.67 -23.70 -18.17
N ILE B 387 43.92 -22.59 -18.04
CA ILE B 387 43.36 -22.22 -16.74
C ILE B 387 42.50 -23.35 -16.19
N ALA B 388 41.81 -24.09 -17.06
CA ALA B 388 41.03 -25.23 -16.61
C ALA B 388 41.93 -26.31 -16.01
N VAL B 389 43.01 -26.66 -16.73
CA VAL B 389 43.86 -27.78 -16.33
C VAL B 389 44.35 -27.57 -14.90
N ASP B 390 45.04 -26.44 -14.67
CA ASP B 390 45.49 -26.10 -13.32
C ASP B 390 44.32 -26.12 -12.34
N SER B 391 43.20 -25.49 -12.72
CA SER B 391 42.06 -25.45 -11.81
C SER B 391 41.53 -26.85 -11.51
N PHE B 392 41.70 -27.78 -12.45
CA PHE B 392 41.32 -29.17 -12.17
C PHE B 392 42.24 -29.78 -11.13
N LYS B 393 43.55 -29.53 -11.24
CA LYS B 393 44.51 -30.23 -10.39
C LYS B 393 44.56 -29.64 -8.99
N ASN B 394 44.43 -28.32 -8.87
CA ASN B 394 44.68 -27.64 -7.61
C ASN B 394 43.43 -27.25 -6.85
N LYS B 395 42.24 -27.42 -7.42
CA LYS B 395 41.02 -26.99 -6.74
C LYS B 395 39.97 -28.10 -6.63
N ARG B 396 39.62 -28.72 -7.76
CA ARG B 396 38.47 -29.62 -7.78
C ARG B 396 38.88 -31.08 -7.56
N HIS B 397 39.79 -31.60 -8.39
CA HIS B 397 40.13 -33.02 -8.38
C HIS B 397 40.68 -33.47 -7.03
N GLY B 398 39.94 -34.33 -6.33
CA GLY B 398 40.37 -34.90 -5.07
C GLY B 398 39.88 -34.19 -3.83
N LYS B 399 39.31 -33.00 -3.97
CA LYS B 399 38.88 -32.23 -2.80
C LYS B 399 37.39 -31.90 -2.81
N ILE B 400 36.83 -31.55 -3.96
CA ILE B 400 35.43 -31.15 -4.05
C ILE B 400 34.57 -32.38 -4.28
N THR B 401 33.56 -32.56 -3.43
CA THR B 401 32.63 -33.67 -3.59
C THR B 401 31.60 -33.33 -4.65
N PRO B 402 31.49 -34.10 -5.73
CA PRO B 402 30.52 -33.79 -6.77
C PRO B 402 29.13 -34.30 -6.42
N LYS B 403 28.11 -33.54 -6.86
CA LYS B 403 26.71 -33.87 -6.65
C LYS B 403 25.95 -33.61 -7.96
N ILE B 404 26.27 -34.37 -8.99
CA ILE B 404 25.66 -34.21 -10.31
C ILE B 404 24.28 -34.85 -10.31
N PRO B 405 23.22 -34.09 -10.59
CA PRO B 405 21.89 -34.70 -10.70
C PRO B 405 21.82 -35.64 -11.89
N ALA B 406 20.79 -36.49 -11.87
CA ALA B 406 20.65 -37.55 -12.86
C ALA B 406 19.75 -37.18 -14.03
N ASN B 407 18.99 -36.09 -13.93
CA ASN B 407 18.00 -35.77 -14.96
C ASN B 407 18.69 -35.30 -16.25
N ILE B 408 18.47 -36.04 -17.33
CA ILE B 408 18.92 -35.67 -18.66
C ILE B 408 17.71 -35.73 -19.59
N GLN B 409 17.61 -34.78 -20.51
CA GLN B 409 16.47 -34.74 -21.43
C GLN B 409 16.94 -34.63 -22.86
N LYS B 410 16.14 -35.14 -23.78
CA LYS B 410 16.38 -35.04 -25.21
C LYS B 410 15.61 -33.86 -25.79
N ALA B 411 16.28 -33.09 -26.65
CA ALA B 411 15.65 -31.95 -27.30
C ALA B 411 16.14 -31.86 -28.74
N ILE B 412 15.22 -31.58 -29.65
CA ILE B 412 15.55 -31.39 -31.07
C ILE B 412 15.83 -29.90 -31.26
N THR B 413 17.11 -29.55 -31.38
CA THR B 413 17.52 -28.16 -31.51
C THR B 413 17.92 -27.85 -32.94
N GLY B 414 18.06 -26.56 -33.23
CA GLY B 414 18.49 -26.13 -34.54
C GLY B 414 17.37 -25.82 -35.53
N PHE B 415 16.17 -25.51 -35.04
CA PHE B 415 15.07 -25.19 -35.94
C PHE B 415 15.24 -23.77 -36.47
N THR B 416 15.36 -23.66 -37.80
CA THR B 416 15.52 -22.38 -38.48
C THR B 416 14.41 -22.24 -39.52
N PRO B 417 14.22 -21.06 -40.11
CA PRO B 417 13.28 -20.96 -41.25
C PRO B 417 13.64 -21.92 -42.37
N GLU B 418 14.93 -22.12 -42.63
CA GLU B 418 15.34 -23.13 -43.61
C GLU B 418 14.92 -24.53 -43.18
N ALA B 419 14.98 -24.81 -41.87
CA ALA B 419 14.55 -26.11 -41.38
C ALA B 419 13.07 -26.33 -41.61
N ILE B 420 12.25 -25.32 -41.34
CA ILE B 420 10.82 -25.43 -41.61
C ILE B 420 10.58 -25.65 -43.10
N LEU B 421 11.24 -24.84 -43.93
CA LEU B 421 11.04 -24.95 -45.37
C LEU B 421 11.41 -26.34 -45.88
N LYS B 422 12.49 -26.92 -45.36
CA LYS B 422 12.88 -28.27 -45.75
C LYS B 422 11.89 -29.30 -45.26
N ALA B 423 11.43 -29.17 -44.02
CA ALA B 423 10.48 -30.14 -43.47
C ALA B 423 9.13 -30.07 -44.17
N LEU B 424 8.77 -28.91 -44.72
CA LEU B 424 7.52 -28.75 -45.45
C LEU B 424 7.63 -29.16 -46.91
N GLY B 425 8.81 -29.54 -47.38
CA GLY B 425 9.00 -29.92 -48.76
C GLY B 425 9.49 -28.82 -49.67
N GLY B 426 10.06 -27.75 -49.12
CA GLY B 426 10.56 -26.67 -49.93
C GLY B 426 9.58 -25.59 -50.29
N SER B 427 8.44 -25.51 -49.58
CA SER B 427 7.43 -24.50 -49.88
C SER B 427 6.69 -24.17 -48.60
N ILE B 428 6.14 -22.95 -48.54
CA ILE B 428 5.35 -22.52 -47.39
C ILE B 428 3.88 -22.89 -47.54
N ASN B 429 3.44 -23.28 -48.73
CA ASN B 429 2.03 -23.61 -48.95
C ASN B 429 1.50 -24.73 -48.05
N PRO B 430 2.25 -25.81 -47.75
CA PRO B 430 1.68 -26.84 -46.86
C PRO B 430 1.31 -26.32 -45.48
N LEU B 431 2.13 -25.43 -44.91
CA LEU B 431 1.77 -24.82 -43.63
C LEU B 431 0.52 -23.96 -43.77
N ILE B 432 0.41 -23.23 -44.87
CA ILE B 432 -0.80 -22.46 -45.15
C ILE B 432 -2.01 -23.37 -45.17
N GLU B 433 -1.87 -24.56 -45.74
CA GLU B 433 -2.99 -25.48 -45.82
C GLU B 433 -3.36 -26.02 -44.45
N VAL B 434 -2.37 -26.45 -43.67
CA VAL B 434 -2.68 -27.00 -42.35
C VAL B 434 -3.21 -25.93 -41.41
N ILE B 435 -2.95 -24.65 -41.68
CA ILE B 435 -3.55 -23.60 -40.88
C ILE B 435 -4.98 -23.30 -41.33
N LYS B 436 -5.18 -23.18 -42.65
CA LYS B 436 -6.51 -22.88 -43.17
C LYS B 436 -7.50 -24.03 -42.91
N ALA B 437 -7.00 -25.26 -42.78
CA ALA B 437 -7.85 -26.41 -42.56
C ALA B 437 -8.21 -26.62 -41.10
N GLY B 438 -7.64 -25.82 -40.18
CA GLY B 438 -7.95 -25.93 -38.78
C GLY B 438 -7.11 -26.92 -38.01
N LYS B 439 -6.21 -27.65 -38.67
CA LYS B 439 -5.30 -28.55 -37.98
C LYS B 439 -4.47 -27.79 -36.96
N ILE B 440 -3.77 -26.75 -37.40
CA ILE B 440 -3.05 -25.83 -36.53
C ILE B 440 -3.83 -24.53 -36.53
N LYS B 441 -4.42 -24.19 -35.38
CA LYS B 441 -5.16 -22.94 -35.27
C LYS B 441 -4.26 -21.74 -35.54
N GLY B 442 -3.04 -21.79 -35.03
CA GLY B 442 -2.10 -20.70 -35.25
C GLY B 442 -0.77 -21.03 -34.63
N ALA B 443 0.15 -20.06 -34.74
CA ALA B 443 1.48 -20.16 -34.19
C ALA B 443 1.68 -19.10 -33.12
N VAL B 444 2.63 -19.36 -32.24
CA VAL B 444 2.96 -18.45 -31.14
C VAL B 444 4.47 -18.40 -30.98
N GLY B 445 5.02 -17.18 -30.96
CA GLY B 445 6.42 -17.00 -30.67
C GLY B 445 6.68 -16.83 -29.20
N LEU B 446 7.19 -17.88 -28.54
CA LEU B 446 7.49 -17.84 -27.12
C LEU B 446 8.94 -17.41 -26.98
N ILE B 447 9.15 -16.10 -26.91
CA ILE B 447 10.47 -15.51 -26.74
C ILE B 447 10.55 -14.98 -25.31
N ASN B 448 11.37 -15.59 -24.48
CA ASN B 448 11.26 -15.31 -23.05
C ASN B 448 12.57 -15.57 -22.33
N CYS B 449 12.69 -14.94 -21.16
CA CYS B 449 13.70 -15.24 -20.15
C CYS B 449 13.11 -16.18 -19.10
N THR B 450 13.63 -16.10 -17.88
CA THR B 450 12.99 -16.73 -16.73
C THR B 450 13.20 -15.83 -15.51
N THR B 451 12.32 -16.00 -14.53
CA THR B 451 12.35 -15.14 -13.35
C THR B 451 11.59 -15.82 -12.22
N LEU B 452 11.78 -15.29 -11.02
CA LEU B 452 11.11 -15.77 -9.81
C LEU B 452 9.92 -14.90 -9.42
N LYS B 453 9.57 -13.91 -10.23
CA LYS B 453 8.57 -12.92 -9.83
C LYS B 453 7.17 -13.54 -9.76
N ASN B 454 6.72 -14.12 -10.87
CA ASN B 454 5.35 -14.63 -10.98
C ASN B 454 5.26 -16.14 -10.76
N GLY B 455 6.26 -16.74 -10.10
CA GLY B 455 6.21 -18.15 -9.80
C GLY B 455 7.59 -18.77 -9.70
N PRO B 456 7.63 -20.06 -9.35
CA PRO B 456 8.92 -20.77 -9.35
C PRO B 456 9.51 -20.82 -10.76
N GLN B 457 10.79 -21.18 -10.81
CA GLN B 457 11.53 -21.14 -12.06
C GLN B 457 10.86 -21.99 -13.14
N ASP B 458 10.42 -21.33 -14.21
CA ASP B 458 9.92 -21.96 -15.43
C ASP B 458 8.56 -22.63 -15.25
N TYR B 459 7.81 -22.27 -14.20
CA TYR B 459 6.48 -22.83 -14.01
C TYR B 459 5.51 -22.31 -15.08
N VAL B 460 5.34 -20.99 -15.13
CA VAL B 460 4.39 -20.38 -16.04
C VAL B 460 4.73 -20.72 -17.48
N THR B 461 6.03 -20.68 -17.83
CA THR B 461 6.46 -20.94 -19.19
C THR B 461 6.03 -22.33 -19.65
N VAL B 462 6.40 -23.37 -18.90
CA VAL B 462 6.12 -24.74 -19.31
C VAL B 462 4.63 -25.01 -19.31
N ASN B 463 3.90 -24.52 -18.29
CA ASN B 463 2.47 -24.81 -18.25
C ASN B 463 1.72 -24.08 -19.37
N LEU B 464 2.12 -22.84 -19.68
CA LEU B 464 1.51 -22.13 -20.78
C LEU B 464 1.81 -22.81 -22.10
N ALA B 465 3.03 -23.32 -22.27
CA ALA B 465 3.35 -24.06 -23.49
C ALA B 465 2.49 -25.32 -23.63
N LYS B 466 2.28 -26.02 -22.52
CA LYS B 466 1.43 -27.21 -22.55
C LYS B 466 0.00 -26.84 -22.96
N GLU B 467 -0.55 -25.79 -22.34
CA GLU B 467 -1.92 -25.39 -22.67
C GLU B 467 -2.02 -24.96 -24.13
N LEU B 468 -1.02 -24.22 -24.62
CA LEU B 468 -1.03 -23.77 -26.01
C LEU B 468 -1.00 -24.95 -26.97
N ILE B 469 -0.06 -25.89 -26.77
CA ILE B 469 0.03 -27.02 -27.69
C ILE B 469 -1.21 -27.89 -27.59
N LYS B 470 -1.87 -27.92 -26.43
CA LYS B 470 -3.13 -28.66 -26.35
C LYS B 470 -4.24 -27.95 -27.10
N ARG B 471 -4.16 -26.62 -27.20
CA ARG B 471 -5.11 -25.86 -28.00
C ARG B 471 -4.73 -25.80 -29.49
N ASP B 472 -3.95 -26.78 -29.97
CA ASP B 472 -3.57 -26.88 -31.39
C ASP B 472 -2.86 -25.62 -31.87
N ILE B 473 -1.97 -25.08 -31.04
CA ILE B 473 -1.20 -23.89 -31.37
C ILE B 473 0.28 -24.28 -31.40
N LEU B 474 0.89 -24.14 -32.57
CA LEU B 474 2.32 -24.39 -32.69
C LEU B 474 3.10 -23.32 -31.94
N ILE B 475 4.29 -23.70 -31.46
CA ILE B 475 5.13 -22.81 -30.67
C ILE B 475 6.53 -22.76 -31.28
N LEU B 476 7.05 -21.55 -31.47
CA LEU B 476 8.44 -21.32 -31.85
C LEU B 476 9.12 -20.63 -30.67
N SER B 477 10.08 -21.31 -30.06
CA SER B 477 10.60 -20.91 -28.75
C SER B 477 12.02 -20.37 -28.84
N GLY B 478 12.27 -19.26 -28.15
CA GLY B 478 13.57 -18.63 -28.10
C GLY B 478 13.90 -18.05 -26.73
N GLY B 479 15.16 -18.13 -26.35
CA GLY B 479 15.63 -17.60 -25.09
C GLY B 479 15.75 -18.64 -24.01
N CYS B 480 15.68 -18.18 -22.77
CA CYS B 480 15.72 -19.09 -21.62
C CYS B 480 14.39 -19.82 -21.42
N GLY B 481 13.28 -19.26 -21.89
CA GLY B 481 12.06 -20.04 -21.98
C GLY B 481 12.24 -21.24 -22.89
N ASN B 482 13.01 -21.07 -23.96
CA ASN B 482 13.32 -22.21 -24.83
C ASN B 482 14.13 -23.26 -24.09
N HIS B 483 15.06 -22.83 -23.24
CA HIS B 483 15.81 -23.78 -22.43
C HIS B 483 14.89 -24.51 -21.45
N ALA B 484 13.95 -23.77 -20.86
CA ALA B 484 12.98 -24.40 -19.96
C ALA B 484 12.14 -25.44 -20.68
N LEU B 485 11.73 -25.14 -21.91
CA LEU B 485 10.93 -26.10 -22.68
C LEU B 485 11.77 -27.30 -23.10
N GLU B 486 13.05 -27.08 -23.41
CA GLU B 486 13.94 -28.18 -23.76
C GLU B 486 14.16 -29.12 -22.56
N VAL B 487 14.38 -28.54 -21.38
CA VAL B 487 14.60 -29.36 -20.19
C VAL B 487 13.31 -30.07 -19.78
N ALA B 488 12.18 -29.38 -19.90
CA ALA B 488 10.89 -30.00 -19.55
C ALA B 488 10.51 -31.14 -20.47
N GLY B 489 11.04 -31.17 -21.68
CA GLY B 489 10.76 -32.25 -22.61
C GLY B 489 9.59 -31.98 -23.53
N LEU B 490 9.52 -30.76 -24.05
CA LEU B 490 8.48 -30.37 -25.00
C LEU B 490 9.02 -30.19 -26.41
N CYS B 491 10.31 -30.41 -26.64
CA CYS B 491 10.94 -30.20 -27.94
C CYS B 491 11.43 -31.51 -28.56
N ASN B 492 10.97 -32.64 -28.06
CA ASN B 492 11.22 -33.93 -28.67
C ASN B 492 9.89 -34.55 -29.13
N LEU B 493 9.99 -35.66 -29.87
CA LEU B 493 8.79 -36.26 -30.45
C LEU B 493 7.87 -36.82 -29.39
N ASP B 494 8.42 -37.17 -28.22
CA ASP B 494 7.59 -37.64 -27.11
C ASP B 494 6.51 -36.62 -26.74
N ALA B 495 6.78 -35.33 -26.98
CA ALA B 495 5.81 -34.29 -26.65
C ALA B 495 4.63 -34.24 -27.59
N ILE B 496 4.66 -34.98 -28.70
CA ILE B 496 3.52 -34.99 -29.61
C ILE B 496 2.27 -35.52 -28.91
N ASN B 497 2.45 -36.43 -27.95
CA ASN B 497 1.31 -36.94 -27.20
C ASN B 497 0.65 -35.86 -26.35
N LEU B 498 1.34 -34.76 -26.08
CA LEU B 498 0.78 -33.68 -25.28
C LEU B 498 0.15 -32.58 -26.13
N ALA B 499 0.19 -32.70 -27.46
CA ALA B 499 -0.41 -31.72 -28.33
C ALA B 499 -1.86 -32.09 -28.61
N GLY B 500 -2.61 -31.12 -29.14
CA GLY B 500 -3.97 -31.35 -29.53
C GLY B 500 -4.07 -32.26 -30.74
N PRO B 501 -5.30 -32.56 -31.16
CA PRO B 501 -5.50 -33.50 -32.27
C PRO B 501 -4.83 -33.06 -33.58
N GLY B 502 -5.21 -31.89 -34.07
CA GLY B 502 -4.68 -31.43 -35.35
C GLY B 502 -3.19 -31.15 -35.32
N LEU B 503 -2.72 -30.51 -34.24
CA LEU B 503 -1.29 -30.21 -34.11
C LEU B 503 -0.47 -31.49 -34.04
N SER B 504 -0.96 -32.48 -33.29
CA SER B 504 -0.25 -33.75 -33.20
C SER B 504 -0.27 -34.48 -34.54
N GLU B 505 -1.37 -34.41 -35.28
CA GLU B 505 -1.43 -34.99 -36.61
C GLU B 505 -0.38 -34.35 -37.53
N VAL B 506 -0.31 -33.03 -37.53
CA VAL B 506 0.65 -32.32 -38.38
C VAL B 506 2.08 -32.68 -37.97
N CYS B 507 2.35 -32.72 -36.67
CA CYS B 507 3.70 -33.03 -36.20
C CYS B 507 4.10 -34.46 -36.48
N ARG B 508 3.15 -35.39 -36.45
CA ARG B 508 3.46 -36.78 -36.80
C ARG B 508 3.69 -36.91 -38.30
N ASN B 509 2.94 -36.14 -39.11
CA ASN B 509 3.15 -36.18 -40.55
C ASN B 509 4.51 -35.59 -40.92
N LEU B 510 4.93 -34.53 -40.24
CA LEU B 510 6.18 -33.86 -40.55
C LEU B 510 7.36 -34.34 -39.71
N ASN B 511 7.09 -35.13 -38.66
CA ASN B 511 8.14 -35.65 -37.77
C ASN B 511 8.88 -34.50 -37.08
N ILE B 512 8.11 -33.59 -36.50
CA ILE B 512 8.67 -32.47 -35.73
C ILE B 512 7.98 -32.42 -34.38
N PRO B 513 8.63 -31.84 -33.37
CA PRO B 513 7.98 -31.68 -32.07
C PRO B 513 6.98 -30.55 -32.11
N PRO B 514 6.05 -30.49 -31.14
CA PRO B 514 5.08 -29.38 -31.11
C PRO B 514 5.69 -28.05 -30.70
N VAL B 515 6.92 -28.05 -30.19
CA VAL B 515 7.64 -26.82 -29.84
C VAL B 515 8.96 -26.83 -30.58
N LEU B 516 9.16 -25.81 -31.43
CA LEU B 516 10.34 -25.71 -32.27
C LEU B 516 11.37 -24.81 -31.59
N SER B 517 12.48 -25.41 -31.14
CA SER B 517 13.56 -24.66 -30.52
C SER B 517 14.28 -23.85 -31.58
N PHE B 518 14.01 -22.54 -31.64
CA PHE B 518 14.57 -21.67 -32.65
C PHE B 518 15.81 -20.93 -32.19
N GLY B 519 16.20 -21.03 -30.92
CA GLY B 519 17.41 -20.42 -30.46
C GLY B 519 17.23 -19.42 -29.32
N THR B 520 17.69 -18.19 -29.53
CA THR B 520 17.78 -17.18 -28.51
C THR B 520 16.71 -16.11 -28.72
N CYS B 521 16.64 -15.17 -27.77
CA CYS B 521 15.84 -13.97 -27.98
C CYS B 521 16.38 -13.15 -29.15
N THR B 522 17.69 -13.24 -29.39
CA THR B 522 18.29 -12.61 -30.57
C THR B 522 17.74 -13.21 -31.87
N ASP B 523 17.11 -14.39 -31.79
CA ASP B 523 16.46 -15.00 -32.94
C ASP B 523 15.02 -14.54 -33.12
N THR B 524 14.56 -13.59 -32.31
CA THR B 524 13.24 -13.01 -32.52
C THR B 524 13.09 -12.48 -33.94
N GLY B 525 14.06 -11.67 -34.38
CA GLY B 525 14.08 -11.24 -35.77
C GLY B 525 14.08 -12.41 -36.73
N ARG B 526 14.80 -13.48 -36.40
CA ARG B 526 14.75 -14.69 -37.22
C ARG B 526 13.32 -15.21 -37.30
N ILE B 527 12.63 -15.28 -36.15
CA ILE B 527 11.23 -15.67 -36.15
C ILE B 527 10.41 -14.66 -36.93
N SER B 528 10.80 -13.38 -36.91
CA SER B 528 10.12 -12.38 -37.71
C SER B 528 10.16 -12.70 -39.19
N LEU B 529 11.15 -13.49 -39.63
CA LEU B 529 11.20 -13.88 -41.04
C LEU B 529 10.16 -14.92 -41.37
N VAL B 530 9.77 -15.74 -40.39
CA VAL B 530 8.71 -16.73 -40.62
C VAL B 530 7.38 -16.02 -40.86
N VAL B 531 6.94 -15.25 -39.86
CA VAL B 531 5.67 -14.51 -39.97
C VAL B 531 5.62 -13.73 -41.27
N THR B 532 6.66 -12.92 -41.52
CA THR B 532 6.74 -12.14 -42.75
C THR B 532 6.48 -13.00 -43.98
N ALA B 533 7.13 -14.17 -44.04
CA ALA B 533 6.90 -15.07 -45.16
C ALA B 533 5.42 -15.41 -45.31
N LEU B 534 4.80 -15.86 -44.21
CA LEU B 534 3.38 -16.18 -44.27
C LEU B 534 2.54 -14.94 -44.56
N ALA B 535 3.05 -13.76 -44.23
CA ALA B 535 2.34 -12.53 -44.57
C ALA B 535 2.46 -12.23 -46.07
N ASN B 536 3.59 -12.57 -46.68
CA ASN B 536 3.76 -12.28 -48.10
C ASN B 536 3.03 -13.29 -48.98
N ALA B 537 2.95 -14.55 -48.55
CA ALA B 537 2.24 -15.56 -49.32
C ALA B 537 0.74 -15.29 -49.33
N LEU B 538 0.18 -14.88 -48.18
CA LEU B 538 -1.23 -14.55 -48.10
C LEU B 538 -1.53 -13.15 -48.64
N ASN B 539 -0.52 -12.30 -48.74
CA ASN B 539 -0.71 -10.87 -49.00
C ASN B 539 -1.65 -10.26 -47.96
N VAL B 540 -1.37 -10.55 -46.69
CA VAL B 540 -2.08 -9.97 -45.57
C VAL B 540 -1.07 -9.31 -44.64
N ASP B 541 -1.55 -8.35 -43.86
CA ASP B 541 -0.68 -7.72 -42.88
C ASP B 541 -0.42 -8.68 -41.72
N THR B 542 0.70 -8.44 -41.03
CA THR B 542 1.05 -9.27 -39.89
C THR B 542 0.03 -9.16 -38.75
N ALA B 543 -0.75 -8.07 -38.71
CA ALA B 543 -1.80 -7.93 -37.73
C ALA B 543 -3.04 -8.76 -38.06
N ASP B 544 -3.13 -9.29 -39.28
CA ASP B 544 -4.22 -10.16 -39.67
C ASP B 544 -3.91 -11.63 -39.47
N LEU B 545 -2.65 -11.99 -39.25
CA LEU B 545 -2.26 -13.38 -39.19
C LEU B 545 -2.70 -14.01 -37.86
N PRO B 546 -3.00 -15.31 -37.86
CA PRO B 546 -3.28 -16.02 -36.59
C PRO B 546 -2.01 -16.39 -35.84
N VAL B 547 -1.23 -15.37 -35.48
CA VAL B 547 0.01 -15.55 -34.74
C VAL B 547 -0.08 -14.76 -33.44
N ALA B 548 0.88 -15.00 -32.55
CA ALA B 548 0.96 -14.30 -31.27
C ALA B 548 2.39 -14.41 -30.76
N VAL B 549 2.66 -13.61 -29.72
CA VAL B 549 3.98 -13.56 -29.09
C VAL B 549 3.79 -13.49 -27.59
N THR B 550 4.54 -14.30 -26.84
CA THR B 550 4.41 -14.34 -25.39
C THR B 550 5.77 -14.39 -24.73
N ALA B 551 5.92 -13.64 -23.65
CA ALA B 551 7.09 -13.69 -22.76
C ALA B 551 6.55 -13.91 -21.36
N PRO B 552 6.20 -15.16 -21.01
CA PRO B 552 5.44 -15.39 -19.77
C PRO B 552 6.24 -15.25 -18.49
N MET B 553 7.57 -15.22 -18.57
CA MET B 553 8.42 -15.03 -17.39
C MET B 553 9.60 -14.13 -17.74
N TYR B 554 9.30 -12.96 -18.31
CA TYR B 554 10.34 -12.03 -18.72
C TYR B 554 11.10 -11.53 -17.51
N MET B 555 12.33 -11.08 -17.76
CA MET B 555 13.19 -10.61 -16.66
C MET B 555 13.71 -9.21 -16.95
N GLU B 556 14.50 -9.05 -18.02
CA GLU B 556 15.11 -7.77 -18.32
C GLU B 556 14.64 -7.24 -19.67
N GLN B 557 15.45 -6.38 -20.30
CA GLN B 557 15.00 -5.59 -21.43
C GLN B 557 15.32 -6.20 -22.79
N LYS B 558 16.10 -7.28 -22.84
CA LYS B 558 16.26 -7.97 -24.12
C LYS B 558 14.96 -8.63 -24.55
N ALA B 559 14.09 -8.98 -23.59
CA ALA B 559 12.76 -9.49 -23.89
C ALA B 559 11.75 -8.37 -24.08
N THR B 560 11.85 -7.29 -23.30
CA THR B 560 10.92 -6.19 -23.47
C THR B 560 11.14 -5.45 -24.78
N ILE B 561 12.38 -5.45 -25.29
CA ILE B 561 12.61 -4.81 -26.58
C ILE B 561 12.05 -5.67 -27.71
N ASP B 562 12.11 -6.99 -27.58
CA ASP B 562 11.44 -7.86 -28.53
C ASP B 562 9.93 -7.72 -28.44
N ALA B 563 9.40 -7.48 -27.23
CA ALA B 563 7.98 -7.22 -27.08
C ALA B 563 7.58 -5.89 -27.72
N LEU B 564 8.43 -4.86 -27.57
CA LEU B 564 8.18 -3.60 -28.24
C LEU B 564 8.22 -3.76 -29.76
N PHE B 565 9.13 -4.60 -30.26
CA PHE B 565 9.14 -4.91 -31.69
C PHE B 565 7.86 -5.59 -32.11
N ALA B 566 7.44 -6.62 -31.36
CA ALA B 566 6.20 -7.33 -31.67
C ALA B 566 5.01 -6.39 -31.68
N LEU B 567 5.00 -5.41 -30.76
CA LEU B 567 3.96 -4.38 -30.79
C LEU B 567 4.05 -3.56 -32.07
N ALA B 568 5.25 -3.05 -32.38
CA ALA B 568 5.44 -2.33 -33.64
C ALA B 568 5.20 -3.25 -34.84
N TYR B 569 5.49 -4.54 -34.70
CA TYR B 569 5.17 -5.52 -35.73
C TYR B 569 3.67 -5.75 -35.85
N GLY B 570 2.88 -5.28 -34.90
CA GLY B 570 1.43 -5.41 -34.95
C GLY B 570 0.91 -6.74 -34.46
N LEU B 571 1.46 -7.26 -33.38
CA LEU B 571 1.10 -8.58 -32.87
C LEU B 571 0.57 -8.48 -31.45
N TYR B 572 -0.39 -9.37 -31.15
CA TYR B 572 -0.82 -9.65 -29.78
C TYR B 572 0.37 -10.13 -28.97
N THR B 573 0.90 -9.27 -28.09
CA THR B 573 2.13 -9.56 -27.35
C THR B 573 1.77 -9.77 -25.89
N HIS B 574 1.87 -11.01 -25.41
CA HIS B 574 1.64 -11.32 -24.00
C HIS B 574 2.94 -11.21 -23.23
N VAL B 575 2.90 -10.54 -22.09
CA VAL B 575 4.08 -10.36 -21.24
C VAL B 575 3.66 -10.61 -19.79
N ALA B 576 4.43 -11.45 -19.09
CA ALA B 576 4.23 -11.72 -17.68
C ALA B 576 5.60 -11.89 -17.04
N PRO B 577 5.79 -11.41 -15.80
CA PRO B 577 4.81 -10.68 -14.98
C PRO B 577 4.57 -9.26 -15.49
N ASP B 578 3.77 -8.50 -14.75
CA ASP B 578 3.41 -7.15 -15.18
C ASP B 578 4.62 -6.23 -15.18
N PRO B 579 4.95 -5.59 -16.30
CA PRO B 579 6.01 -4.57 -16.30
C PRO B 579 5.61 -3.40 -15.42
N PRO B 580 6.59 -2.62 -14.94
CA PRO B 580 6.26 -1.53 -14.02
C PRO B 580 5.56 -0.36 -14.71
N VAL B 581 4.30 -0.55 -15.10
CA VAL B 581 3.55 0.50 -15.79
C VAL B 581 2.12 0.55 -15.25
N MET B 582 1.75 -0.43 -14.43
CA MET B 582 0.37 -0.59 -14.00
C MET B 582 -0.14 0.56 -13.14
N GLY B 583 0.74 1.45 -12.67
CA GLY B 583 0.26 2.63 -11.99
C GLY B 583 -0.09 3.79 -12.89
N ALA B 584 0.13 3.63 -14.20
CA ALA B 584 -0.10 4.67 -15.20
C ALA B 584 -1.34 4.33 -16.02
N PRO B 585 -2.52 4.85 -15.65
CA PRO B 585 -3.75 4.40 -16.33
C PRO B 585 -3.76 4.66 -17.83
N ASN B 586 -3.31 5.84 -18.26
CA ASN B 586 -3.33 6.15 -19.69
C ASN B 586 -2.28 5.36 -20.45
N LEU B 587 -1.12 5.09 -19.84
CA LEU B 587 -0.12 4.26 -20.49
C LEU B 587 -0.61 2.82 -20.64
N VAL B 588 -1.22 2.28 -19.59
CA VAL B 588 -1.80 0.94 -19.69
C VAL B 588 -2.90 0.91 -20.73
N LYS B 589 -3.69 1.99 -20.82
CA LYS B 589 -4.73 2.06 -21.83
C LYS B 589 -4.14 2.06 -23.24
N LEU B 590 -3.06 2.82 -23.45
CA LEU B 590 -2.41 2.84 -24.76
C LEU B 590 -1.83 1.48 -25.11
N LEU B 591 -1.18 0.82 -24.15
CA LEU B 591 -0.48 -0.42 -24.44
C LEU B 591 -1.45 -1.58 -24.63
N THR B 592 -2.52 -1.64 -23.84
CA THR B 592 -3.40 -2.80 -23.82
C THR B 592 -4.70 -2.61 -24.58
N ARG B 593 -5.02 -1.39 -25.02
CA ARG B 593 -6.34 -1.17 -25.59
C ARG B 593 -6.30 -0.35 -26.89
N ASP B 594 -5.54 0.74 -26.92
CA ASP B 594 -5.58 1.65 -28.05
C ASP B 594 -4.54 1.35 -29.11
N LEU B 595 -3.52 0.54 -28.80
CA LEU B 595 -2.53 0.17 -29.80
C LEU B 595 -3.09 -0.58 -31.01
N PRO B 596 -4.13 -1.42 -30.90
CA PRO B 596 -4.69 -2.04 -32.11
C PRO B 596 -5.08 -1.07 -33.22
N SER B 597 -5.51 0.15 -32.87
CA SER B 597 -5.83 1.12 -33.90
C SER B 597 -4.61 1.89 -34.39
N ILE B 598 -3.44 1.67 -33.79
CA ILE B 598 -2.21 2.36 -34.16
C ILE B 598 -1.26 1.43 -34.90
N THR B 599 -0.85 0.33 -34.27
CA THR B 599 0.03 -0.65 -34.89
C THR B 599 -0.68 -1.95 -35.26
N GLY B 600 -1.77 -2.28 -34.57
CA GLY B 600 -2.46 -3.54 -34.76
C GLY B 600 -2.31 -4.50 -33.60
N GLY B 601 -1.16 -4.45 -32.91
CA GLY B 601 -0.93 -5.29 -31.75
C GLY B 601 -1.37 -4.64 -30.46
N ARG B 602 -1.14 -5.36 -29.36
CA ARG B 602 -1.54 -4.89 -28.05
C ARG B 602 -0.88 -5.75 -26.98
N ILE B 603 -0.68 -5.16 -25.81
CA ILE B 603 -0.09 -5.86 -24.68
C ILE B 603 -1.16 -6.65 -23.94
N ALA B 604 -0.85 -7.91 -23.62
CA ALA B 604 -1.69 -8.75 -22.80
C ALA B 604 -0.93 -9.16 -21.55
N VAL B 605 -1.65 -9.30 -20.44
CA VAL B 605 -1.06 -9.57 -19.15
C VAL B 605 -1.71 -10.80 -18.53
N GLY B 606 -1.14 -11.25 -17.42
CA GLY B 606 -1.65 -12.41 -16.71
C GLY B 606 -0.64 -13.52 -16.57
N SER B 607 -0.65 -14.21 -15.42
CA SER B 607 0.26 -15.32 -15.17
C SER B 607 -0.48 -16.64 -14.94
N ASP B 608 -1.80 -16.66 -15.13
CA ASP B 608 -2.55 -17.90 -15.08
C ASP B 608 -2.39 -18.59 -16.43
N PRO B 609 -1.73 -19.74 -16.49
CA PRO B 609 -1.45 -20.38 -17.79
C PRO B 609 -2.71 -20.67 -18.59
N VAL B 610 -3.76 -21.17 -17.94
CA VAL B 610 -4.98 -21.51 -18.65
C VAL B 610 -5.64 -20.26 -19.23
N LYS B 611 -5.76 -19.21 -18.43
CA LYS B 611 -6.42 -18.00 -18.90
C LYS B 611 -5.60 -17.30 -19.98
N VAL B 612 -4.27 -17.31 -19.84
CA VAL B 612 -3.42 -16.70 -20.87
C VAL B 612 -3.56 -17.46 -22.18
N ALA B 613 -3.53 -18.80 -22.12
CA ALA B 613 -3.70 -19.59 -23.33
C ALA B 613 -5.08 -19.39 -23.94
N ASP B 614 -6.11 -19.22 -23.09
CA ASP B 614 -7.45 -18.99 -23.59
C ASP B 614 -7.55 -17.65 -24.31
N ASP B 615 -6.95 -16.60 -23.75
CA ASP B 615 -6.97 -15.30 -24.42
C ASP B 615 -6.18 -15.34 -25.73
N ILE B 616 -5.05 -16.07 -25.74
CA ILE B 616 -4.27 -16.21 -26.97
C ILE B 616 -5.09 -16.92 -28.04
N LEU B 617 -5.75 -18.01 -27.67
CA LEU B 617 -6.59 -18.74 -28.61
C LEU B 617 -7.77 -17.90 -29.07
N ALA B 618 -8.33 -17.06 -28.19
CA ALA B 618 -9.43 -16.19 -28.61
C ALA B 618 -8.95 -15.17 -29.63
N HIS B 619 -7.77 -14.59 -29.43
CA HIS B 619 -7.23 -13.66 -30.42
C HIS B 619 -6.96 -14.37 -31.75
N ILE B 620 -6.38 -15.57 -31.68
CA ILE B 620 -6.10 -16.32 -32.91
C ILE B 620 -7.41 -16.65 -33.64
N ASN B 621 -8.46 -17.01 -32.90
CA ASN B 621 -9.74 -17.31 -33.53
C ASN B 621 -10.40 -16.06 -34.09
N ASP B 622 -10.22 -14.91 -33.44
CA ASP B 622 -10.71 -13.66 -34.02
C ASP B 622 -10.05 -13.39 -35.36
N ARG B 623 -8.72 -13.53 -35.41
CA ARG B 623 -8.01 -13.39 -36.68
C ARG B 623 -8.50 -14.40 -37.70
N ARG B 624 -8.72 -15.64 -37.28
CA ARG B 624 -9.19 -16.68 -38.20
C ARG B 624 -10.56 -16.32 -38.78
N ALA B 625 -11.48 -15.88 -37.93
CA ALA B 625 -12.81 -15.48 -38.39
C ALA B 625 -12.71 -14.34 -39.39
N LYS B 626 -11.83 -13.37 -39.12
CA LYS B 626 -11.66 -12.26 -40.06
C LYS B 626 -11.03 -12.73 -41.38
N LEU B 627 -10.20 -13.77 -41.33
CA LEU B 627 -9.59 -14.32 -42.54
C LEU B 627 -10.55 -15.20 -43.33
N GLY B 628 -11.70 -15.56 -42.76
CA GLY B 628 -12.62 -16.46 -43.43
C GLY B 628 -12.30 -17.93 -43.26
N ILE B 629 -11.41 -18.29 -42.35
CA ILE B 629 -11.04 -19.68 -42.13
C ILE B 629 -11.40 -20.10 -40.70
N MET C 1 16.78 3.05 19.59
CA MET C 1 15.73 3.11 20.59
C MET C 1 14.38 3.38 19.94
N ALA C 2 13.36 3.60 20.78
CA ALA C 2 12.04 3.94 20.28
C ALA C 2 12.08 5.30 19.59
N THR C 3 11.77 5.32 18.29
CA THR C 3 11.82 6.56 17.53
C THR C 3 10.79 7.57 18.01
N LYS C 4 9.74 7.12 18.73
CA LYS C 4 8.77 8.01 19.33
C LYS C 4 8.57 7.62 20.78
N THR C 5 8.89 8.53 21.70
CA THR C 5 8.77 8.25 23.12
C THR C 5 7.82 9.24 23.79
N SER C 6 8.36 10.37 24.25
CA SER C 6 7.55 11.31 25.02
C SER C 6 8.19 12.69 24.97
N ILE C 7 7.38 13.70 25.31
CA ILE C 7 7.90 15.05 25.51
C ILE C 7 8.26 15.31 26.97
N HIS C 8 7.76 14.51 27.90
CA HIS C 8 8.04 14.71 29.30
C HIS C 8 9.41 14.13 29.65
N PRO C 9 10.34 14.93 30.17
CA PRO C 9 11.67 14.40 30.47
C PRO C 9 11.67 13.27 31.49
N SER C 10 10.75 13.30 32.46
CA SER C 10 10.69 12.22 33.45
C SER C 10 10.28 10.90 32.81
N VAL C 11 9.29 10.94 31.92
CA VAL C 11 8.85 9.73 31.24
C VAL C 11 9.97 9.15 30.40
N ASN C 12 10.74 10.00 29.73
CA ASN C 12 11.87 9.51 28.92
C ASN C 12 12.98 8.95 29.80
N GLU C 13 13.28 9.63 30.91
CA GLU C 13 14.29 9.14 31.83
C GLU C 13 13.94 7.76 32.36
N LEU C 14 12.67 7.52 32.65
CA LEU C 14 12.25 6.19 33.11
C LEU C 14 12.18 5.20 31.95
N TYR C 15 11.87 5.66 30.75
CA TYR C 15 11.95 4.78 29.58
C TYR C 15 13.36 4.27 29.37
N GLN C 16 14.36 5.09 29.71
CA GLN C 16 15.74 4.62 29.60
C GLN C 16 15.98 3.41 30.51
N ARG C 17 15.53 3.50 31.77
CA ARG C 17 15.68 2.37 32.68
C ARG C 17 14.89 1.16 32.19
N LEU C 18 13.70 1.41 31.62
CA LEU C 18 12.94 0.31 31.04
C LEU C 18 13.69 -0.37 29.90
N ALA C 19 14.33 0.43 29.05
CA ALA C 19 14.96 -0.09 27.84
C ALA C 19 16.26 -0.80 28.12
N GLU C 20 17.01 -0.37 29.15
CA GLU C 20 18.23 -1.07 29.51
C GLU C 20 17.98 -2.25 30.44
N ASP C 21 16.80 -2.35 31.04
CA ASP C 21 16.39 -3.56 31.74
C ASP C 21 15.86 -4.63 30.79
N GLN C 22 15.85 -4.35 29.49
CA GLN C 22 15.37 -5.29 28.47
C GLN C 22 13.93 -5.72 28.74
N LEU C 23 13.12 -4.79 29.21
CA LEU C 23 11.70 -5.02 29.46
C LEU C 23 10.87 -4.48 28.31
N SER C 24 9.76 -5.17 28.03
CA SER C 24 8.85 -4.73 26.99
C SER C 24 8.11 -3.48 27.42
N ASN C 25 7.84 -2.60 26.46
CA ASN C 25 7.15 -1.35 26.73
C ASN C 25 6.42 -0.90 25.48
N CYS C 26 5.41 -0.04 25.68
CA CYS C 26 4.61 0.45 24.56
C CYS C 26 5.46 1.20 23.56
N PHE C 27 6.36 2.05 24.04
CA PHE C 27 7.21 2.85 23.14
C PHE C 27 8.04 1.95 22.23
N ASP C 28 8.66 0.92 22.80
CA ASP C 28 9.46 0.01 22.00
C ASP C 28 8.60 -0.93 21.16
N ARG C 29 7.42 -1.33 21.66
CA ARG C 29 6.53 -2.18 20.89
C ARG C 29 5.89 -1.45 19.72
N PHE C 30 5.93 -0.11 19.70
CA PHE C 30 5.38 0.64 18.58
C PHE C 30 6.16 0.40 17.29
N ASP C 31 7.48 0.21 17.39
CA ASP C 31 8.29 0.07 16.18
C ASP C 31 8.01 -1.21 15.41
N PRO C 32 7.98 -2.40 16.01
CA PRO C 32 7.74 -3.61 15.20
C PRO C 32 6.38 -3.62 14.53
N GLN C 33 5.36 -3.03 15.15
CA GLN C 33 4.05 -3.00 14.50
C GLN C 33 4.05 -2.15 13.24
N GLU C 34 4.90 -1.11 13.20
CA GLU C 34 5.03 -0.30 11.99
C GLU C 34 5.57 -1.09 10.81
N LYS C 35 6.27 -2.21 11.06
CA LYS C 35 6.82 -3.01 9.98
C LYS C 35 5.74 -3.61 9.10
N ILE C 36 4.57 -3.92 9.68
CA ILE C 36 3.57 -4.72 9.02
C ILE C 36 2.19 -4.07 9.15
N ARG C 37 2.13 -2.75 9.04
CA ARG C 37 0.86 -2.06 9.15
C ARG C 37 -0.05 -2.39 7.97
N CYS C 38 -1.30 -2.72 8.29
CA CYS C 38 -2.30 -3.04 7.28
C CYS C 38 -2.98 -1.74 6.84
N ASN C 39 -2.97 -1.47 5.53
CA ASN C 39 -3.64 -0.29 5.02
C ASN C 39 -5.16 -0.46 5.04
N TYR C 40 -5.64 -1.70 4.89
CA TYR C 40 -7.06 -1.95 4.94
C TYR C 40 -7.64 -1.62 6.31
N CYS C 41 -6.98 -2.06 7.38
CA CYS C 41 -7.45 -1.71 8.72
C CYS C 41 -7.19 -0.25 9.04
N GLU C 42 -6.12 0.32 8.51
CA GLU C 42 -5.84 1.74 8.72
C GLU C 42 -6.93 2.61 8.12
N LEU C 43 -7.45 2.23 6.96
CA LEU C 43 -8.50 2.98 6.30
C LEU C 43 -9.90 2.50 6.64
N GLY C 44 -10.01 1.44 7.44
CA GLY C 44 -11.31 0.93 7.83
C GLY C 44 -12.06 0.18 6.76
N VAL C 45 -11.35 -0.38 5.77
CA VAL C 45 -11.97 -1.13 4.70
C VAL C 45 -11.79 -2.63 4.90
N SER C 46 -11.53 -3.07 6.13
CA SER C 46 -11.47 -4.48 6.48
C SER C 46 -12.63 -4.83 7.40
N CYS C 47 -12.97 -6.11 7.44
CA CYS C 47 -14.07 -6.57 8.29
C CYS C 47 -13.85 -8.03 8.64
N GLN C 48 -14.16 -8.38 9.89
CA GLN C 48 -13.97 -9.73 10.40
C GLN C 48 -15.17 -10.14 11.26
N LEU C 49 -16.39 -9.88 10.77
CA LEU C 49 -17.58 -10.06 11.60
C LEU C 49 -18.26 -11.41 11.41
N CYS C 50 -18.05 -12.08 10.28
CA CYS C 50 -18.68 -13.38 10.04
C CYS C 50 -17.66 -14.33 9.45
N SER C 51 -18.08 -15.59 9.27
CA SER C 51 -17.16 -16.63 8.81
C SER C 51 -16.81 -16.50 7.34
N ASN C 52 -17.70 -15.91 6.53
CA ASN C 52 -17.40 -15.69 5.13
C ASN C 52 -16.21 -14.74 4.94
N GLY C 53 -15.84 -14.00 5.99
CA GLY C 53 -14.68 -13.15 5.94
C GLY C 53 -13.42 -13.91 6.30
N PRO C 54 -12.35 -13.19 6.65
CA PRO C 54 -12.28 -11.72 6.67
C PRO C 54 -12.24 -11.10 5.28
N CYS C 55 -12.88 -9.96 5.12
CA CYS C 55 -13.02 -9.32 3.82
C CYS C 55 -12.31 -7.97 3.80
N ARG C 56 -12.11 -7.47 2.58
CA ARG C 56 -11.47 -6.19 2.34
C ARG C 56 -12.18 -5.50 1.18
N ILE C 57 -12.06 -4.18 1.14
CA ILE C 57 -12.59 -3.39 0.04
C ILE C 57 -11.45 -3.03 -0.89
N ASN C 58 -11.56 -3.43 -2.15
CA ASN C 58 -10.51 -3.20 -3.13
C ASN C 58 -11.16 -3.24 -4.52
N GLU C 59 -11.47 -2.07 -5.07
CA GLU C 59 -12.10 -2.02 -6.38
C GLU C 59 -11.19 -2.48 -7.49
N LYS C 60 -9.87 -2.45 -7.27
CA LYS C 60 -8.93 -2.83 -8.33
C LYS C 60 -8.99 -4.32 -8.62
N VAL C 61 -9.16 -5.15 -7.58
CA VAL C 61 -9.21 -6.60 -7.73
C VAL C 61 -10.63 -7.14 -7.79
N GLY C 62 -11.62 -6.27 -7.97
CA GLY C 62 -13.00 -6.68 -8.01
C GLY C 62 -13.64 -6.88 -6.65
N ALA C 63 -12.89 -6.69 -5.56
CA ALA C 63 -13.44 -6.80 -4.21
C ALA C 63 -14.13 -5.50 -3.81
N THR C 64 -15.15 -5.14 -4.59
CA THR C 64 -15.87 -3.89 -4.35
C THR C 64 -16.69 -3.95 -3.08
N LEU C 65 -17.32 -5.10 -2.82
CA LEU C 65 -18.18 -5.27 -1.66
C LEU C 65 -17.73 -6.53 -0.90
N GLY C 66 -18.12 -6.59 0.37
CA GLY C 66 -17.89 -7.80 1.15
C GLY C 66 -18.71 -8.96 0.63
N VAL C 67 -18.42 -10.14 1.16
CA VAL C 67 -19.13 -11.35 0.72
C VAL C 67 -20.63 -11.19 0.96
N CYS C 68 -21.00 -10.55 2.08
CA CYS C 68 -22.42 -10.30 2.33
C CYS C 68 -22.99 -9.24 1.40
N GLY C 69 -22.14 -8.34 0.91
CA GLY C 69 -22.56 -7.29 0.01
C GLY C 69 -22.54 -5.88 0.59
N ILE C 70 -21.85 -5.65 1.69
CA ILE C 70 -21.79 -4.33 2.31
C ILE C 70 -20.66 -3.54 1.68
N ASN C 71 -20.89 -2.25 1.47
CA ASN C 71 -19.87 -1.38 0.89
C ASN C 71 -18.91 -0.90 1.97
N ALA C 72 -17.88 -0.15 1.54
CA ALA C 72 -16.87 0.31 2.48
C ALA C 72 -17.43 1.29 3.51
N ASP C 73 -18.40 2.11 3.11
CA ASP C 73 -18.99 3.08 4.03
C ASP C 73 -19.64 2.39 5.22
N GLY C 74 -20.58 1.48 4.94
CA GLY C 74 -21.25 0.76 6.01
C GLY C 74 -20.29 -0.06 6.84
N MET C 75 -19.27 -0.66 6.20
CA MET C 75 -18.30 -1.47 6.92
C MET C 75 -17.55 -0.62 7.95
N ALA C 76 -16.97 0.49 7.51
CA ALA C 76 -16.23 1.36 8.41
C ALA C 76 -17.11 1.88 9.53
N MET C 77 -18.29 2.41 9.18
CA MET C 77 -19.16 2.99 10.21
C MET C 77 -19.67 1.92 11.18
N ARG C 78 -19.88 0.69 10.70
CA ARG C 78 -20.33 -0.39 11.56
C ARG C 78 -19.24 -0.78 12.55
N TYR C 79 -17.99 -0.88 12.10
CA TYR C 79 -16.90 -1.16 13.04
C TYR C 79 -16.77 -0.06 14.08
N MET C 80 -16.87 1.20 13.64
CA MET C 80 -16.80 2.32 14.58
C MET C 80 -17.91 2.24 15.63
N LEU C 81 -19.13 1.97 15.19
CA LEU C 81 -20.25 1.85 16.13
C LEU C 81 -20.06 0.68 17.08
N LEU C 82 -19.52 -0.42 16.58
CA LEU C 82 -19.30 -1.59 17.45
C LEU C 82 -18.29 -1.28 18.55
N ARG C 83 -17.26 -0.50 18.23
CA ARG C 83 -16.30 -0.12 19.27
C ARG C 83 -16.90 0.91 20.23
N ASN C 84 -17.68 1.85 19.71
CA ASN C 84 -18.35 2.80 20.60
C ASN C 84 -19.34 2.11 21.52
N VAL C 85 -19.79 0.91 21.15
CA VAL C 85 -20.54 0.09 22.10
C VAL C 85 -19.71 -0.17 23.36
N MET C 86 -18.44 -0.56 23.19
CA MET C 86 -17.56 -0.76 24.33
C MET C 86 -17.40 0.53 25.13
N GLY C 87 -17.22 1.65 24.44
CA GLY C 87 -17.11 2.92 25.13
C GLY C 87 -18.30 3.25 26.03
N THR C 88 -19.48 3.22 25.41
CA THR C 88 -20.72 3.48 26.15
C THR C 88 -20.92 2.45 27.25
N SER C 89 -20.44 1.22 27.07
CA SER C 89 -20.59 0.20 28.09
C SER C 89 -19.74 0.50 29.31
N THR C 90 -18.50 0.96 29.09
CA THR C 90 -17.69 1.39 30.22
C THR C 90 -18.35 2.53 30.97
N TYR C 91 -18.90 3.50 30.24
CA TYR C 91 -19.57 4.62 30.90
C TYR C 91 -20.79 4.16 31.70
N THR C 92 -21.58 3.25 31.13
CA THR C 92 -22.76 2.74 31.83
C THR C 92 -22.38 1.95 33.07
N TYR C 93 -21.31 1.15 32.97
CA TYR C 93 -20.78 0.44 34.13
C TYR C 93 -20.44 1.41 35.26
N HIS C 94 -19.68 2.45 34.94
CA HIS C 94 -19.31 3.43 35.94
C HIS C 94 -20.54 4.07 36.57
N ALA C 95 -21.51 4.48 35.73
CA ALA C 95 -22.69 5.16 36.26
C ALA C 95 -23.52 4.26 37.17
N TYR C 96 -23.73 3.00 36.75
CA TYR C 96 -24.53 2.09 37.56
C TYR C 96 -23.84 1.80 38.90
N GLU C 97 -22.53 1.59 38.88
CA GLU C 97 -21.84 1.36 40.14
C GLU C 97 -21.86 2.60 41.02
N ALA C 98 -21.82 3.80 40.44
CA ALA C 98 -21.90 5.02 41.24
C ALA C 98 -23.27 5.15 41.91
N TYR C 99 -24.34 4.84 41.17
CA TYR C 99 -25.67 4.91 41.76
C TYR C 99 -25.84 3.86 42.85
N LYS C 100 -25.32 2.65 42.63
CA LYS C 100 -25.38 1.62 43.66
C LYS C 100 -24.59 2.02 44.89
N THR C 101 -23.44 2.66 44.70
CA THR C 101 -22.66 3.14 45.84
C THR C 101 -23.40 4.21 46.61
N LEU C 102 -24.09 5.11 45.89
CA LEU C 102 -24.91 6.12 46.56
C LEU C 102 -26.01 5.46 47.39
N LYS C 103 -26.69 4.47 46.82
CA LYS C 103 -27.76 3.79 47.55
C LYS C 103 -27.21 3.09 48.79
N MET C 104 -26.07 2.40 48.66
CA MET C 104 -25.49 1.70 49.81
C MET C 104 -24.99 2.67 50.87
N THR C 105 -24.51 3.84 50.46
CA THR C 105 -24.08 4.85 51.41
C THR C 105 -25.27 5.41 52.18
N ALA C 106 -26.39 5.66 51.49
CA ALA C 106 -27.56 6.20 52.16
C ALA C 106 -28.05 5.28 53.27
N LEU C 107 -27.91 3.97 53.10
CA LEU C 107 -28.35 3.00 54.08
C LEU C 107 -27.28 2.69 55.14
N GLY C 108 -26.10 3.29 55.02
CA GLY C 108 -25.11 3.22 56.07
C GLY C 108 -24.17 2.04 56.01
N ASN C 109 -23.91 1.48 54.83
CA ASN C 109 -23.04 0.31 54.69
C ASN C 109 -21.75 0.63 53.95
N THR C 110 -21.40 1.91 53.83
CA THR C 110 -20.15 2.33 53.22
C THR C 110 -19.48 3.35 54.11
N PRO C 111 -18.15 3.47 54.04
CA PRO C 111 -17.46 4.55 54.76
C PRO C 111 -17.72 5.94 54.19
N PHE C 112 -18.52 6.05 53.14
CA PHE C 112 -18.83 7.33 52.53
C PHE C 112 -20.09 7.93 53.14
N THR C 113 -20.22 9.24 53.01
CA THR C 113 -21.39 9.97 53.48
C THR C 113 -21.95 10.82 52.35
N ILE C 114 -23.10 11.44 52.62
CA ILE C 114 -23.70 12.40 51.69
C ILE C 114 -22.99 13.73 51.92
N THR C 115 -22.07 14.08 51.02
CA THR C 115 -21.25 15.27 51.22
C THR C 115 -21.98 16.54 50.76
N ASP C 116 -22.47 16.54 49.53
CA ASP C 116 -23.11 17.71 48.93
C ASP C 116 -24.62 17.56 49.07
N LYS C 117 -25.16 18.06 50.18
CA LYS C 117 -26.60 18.02 50.39
C LYS C 117 -27.33 18.99 49.47
N ASP C 118 -26.73 20.17 49.23
CA ASP C 118 -27.37 21.17 48.39
C ASP C 118 -27.51 20.67 46.95
N LYS C 119 -26.46 20.02 46.44
CA LYS C 119 -26.55 19.48 45.09
C LYS C 119 -27.60 18.38 44.99
N LEU C 120 -27.67 17.50 46.00
CA LEU C 120 -28.68 16.46 46.01
C LEU C 120 -30.09 17.04 46.00
N TYR C 121 -30.35 18.01 46.87
CA TYR C 121 -31.70 18.56 46.96
C TYR C 121 -32.06 19.36 45.72
N GLN C 122 -31.12 20.13 45.17
CA GLN C 122 -31.42 20.91 43.97
C GLN C 122 -31.59 20.00 42.75
N MET C 123 -30.86 18.89 42.69
CA MET C 123 -31.04 17.94 41.60
C MET C 123 -32.37 17.21 41.72
N ALA C 124 -32.80 16.92 42.95
CA ALA C 124 -34.13 16.36 43.14
C ALA C 124 -35.22 17.36 42.77
N LYS C 125 -34.97 18.64 43.03
CA LYS C 125 -35.92 19.69 42.64
C LYS C 125 -36.05 19.79 41.13
N ASP C 126 -34.91 19.88 40.43
CA ASP C 126 -34.93 20.00 38.98
C ASP C 126 -35.51 18.77 38.30
N LEU C 127 -35.47 17.62 38.96
CA LEU C 127 -36.04 16.39 38.43
C LEU C 127 -37.44 16.10 38.97
N GLU C 128 -38.00 17.03 39.75
CA GLU C 128 -39.34 16.90 40.33
C GLU C 128 -39.45 15.63 41.18
N LEU C 129 -38.41 15.35 41.95
CA LEU C 129 -38.41 14.19 42.84
C LEU C 129 -38.91 14.57 44.22
N ASN C 130 -39.34 13.55 44.96
CA ASN C 130 -39.86 13.78 46.31
C ASN C 130 -38.73 14.10 47.27
N THR C 131 -38.87 15.21 48.00
CA THR C 131 -37.86 15.67 48.94
C THR C 131 -38.31 15.54 50.39
N GLU C 132 -39.37 14.80 50.66
CA GLU C 132 -39.83 14.59 52.02
C GLU C 132 -38.82 13.72 52.79
N GLY C 133 -38.91 13.79 54.12
CA GLY C 133 -38.11 12.93 54.97
C GLY C 133 -36.69 13.40 55.19
N LYS C 134 -35.72 12.55 54.84
CA LYS C 134 -34.32 12.74 55.16
C LYS C 134 -33.46 12.79 53.91
N PRO C 135 -32.26 13.34 53.99
CA PRO C 135 -31.34 13.30 52.84
C PRO C 135 -31.01 11.89 52.38
N GLU C 136 -31.06 10.90 53.27
CA GLU C 136 -30.81 9.52 52.87
C GLU C 136 -31.94 9.00 51.99
N ASP C 137 -33.20 9.30 52.36
CA ASP C 137 -34.33 8.92 51.52
C ASP C 137 -34.24 9.60 50.16
N VAL C 138 -33.86 10.88 50.13
CA VAL C 138 -33.72 11.59 48.87
C VAL C 138 -32.62 10.98 48.02
N ALA C 139 -31.51 10.57 48.66
CA ALA C 139 -30.43 9.93 47.93
C ALA C 139 -30.87 8.59 47.33
N VAL C 140 -31.64 7.81 48.09
CA VAL C 140 -32.17 6.56 47.57
C VAL C 140 -33.08 6.82 46.38
N ARG C 141 -33.96 7.82 46.50
CA ARG C 141 -34.87 8.15 45.41
C ARG C 141 -34.11 8.57 44.16
N LEU C 142 -33.06 9.39 44.33
CA LEU C 142 -32.27 9.83 43.19
C LEU C 142 -31.53 8.66 42.55
N SER C 143 -30.99 7.75 43.38
CA SER C 143 -30.34 6.56 42.84
C SER C 143 -31.30 5.76 41.98
N ASP C 144 -32.50 5.49 42.50
CA ASP C 144 -33.47 4.70 41.74
C ASP C 144 -33.87 5.41 40.45
N PHE C 145 -34.07 6.73 40.51
CA PHE C 145 -34.46 7.47 39.31
C PHE C 145 -33.37 7.43 38.25
N LEU C 146 -32.11 7.64 38.64
CA LEU C 146 -31.04 7.62 37.66
C LEU C 146 -30.80 6.22 37.11
N ILE C 147 -31.06 5.18 37.91
CA ILE C 147 -30.99 3.82 37.39
C ILE C 147 -32.10 3.59 36.37
N TRP C 148 -33.30 4.13 36.62
CA TRP C 148 -34.36 4.07 35.62
C TRP C 148 -33.94 4.80 34.35
N GLU C 149 -33.24 5.92 34.50
CA GLU C 149 -32.69 6.62 33.33
C GLU C 149 -31.74 5.72 32.57
N LEU C 150 -30.93 4.93 33.29
CA LEU C 150 -30.08 3.94 32.62
C LEU C 150 -30.91 2.85 31.94
N TYR C 151 -32.11 2.58 32.44
CA TYR C 151 -32.89 1.42 32.00
C TYR C 151 -34.01 1.79 31.03
N ARG C 152 -34.07 3.03 30.55
CA ARG C 152 -35.13 3.43 29.64
C ARG C 152 -35.06 2.66 28.33
N ASP C 153 -36.16 2.68 27.59
CA ASP C 153 -36.22 2.04 26.28
C ASP C 153 -36.70 3.07 25.25
N TYR C 154 -37.21 2.56 24.13
CA TYR C 154 -37.44 3.41 22.97
C TYR C 154 -38.63 4.36 23.16
N ASP C 155 -39.61 3.97 23.97
CA ASP C 155 -40.90 4.66 24.02
C ASP C 155 -41.25 5.20 25.40
N GLU C 156 -40.24 5.56 26.19
CA GLU C 156 -40.47 6.31 27.42
C GLU C 156 -39.48 7.47 27.48
N PRO C 157 -39.95 8.71 27.41
CA PRO C 157 -39.02 9.84 27.31
C PRO C 157 -38.25 10.07 28.60
N GLY C 158 -37.01 10.54 28.44
CA GLY C 158 -36.16 10.79 29.58
C GLY C 158 -36.32 12.19 30.14
N LYS C 159 -35.91 12.33 31.40
CA LYS C 159 -36.01 13.62 32.10
C LYS C 159 -34.69 14.38 32.14
N MET C 160 -33.56 13.67 32.19
CA MET C 160 -32.26 14.33 32.28
C MET C 160 -31.99 15.17 31.04
N ILE C 161 -32.29 14.64 29.86
CA ILE C 161 -32.04 15.37 28.62
C ILE C 161 -33.01 16.54 28.46
N GLU C 162 -34.13 16.52 29.18
CA GLU C 162 -35.03 17.67 29.14
C GLU C 162 -34.58 18.77 30.09
N VAL C 163 -33.87 18.43 31.15
CA VAL C 163 -33.43 19.42 32.13
C VAL C 163 -32.10 20.04 31.75
N TYR C 164 -31.12 19.22 31.34
CA TYR C 164 -29.76 19.70 31.17
C TYR C 164 -29.37 19.98 29.73
N ALA C 165 -30.28 19.81 28.77
CA ALA C 165 -29.95 20.17 27.41
C ALA C 165 -30.62 21.47 27.01
N PRO C 166 -30.01 22.25 26.11
CA PRO C 166 -30.67 23.47 25.64
C PRO C 166 -31.86 23.15 24.74
N LEU C 167 -32.72 24.16 24.58
CA LEU C 167 -34.00 23.95 23.91
C LEU C 167 -33.83 23.68 22.42
N LYS C 168 -33.05 24.52 21.74
CA LYS C 168 -32.86 24.34 20.29
C LYS C 168 -32.22 23.00 19.98
N ARG C 169 -31.31 22.54 20.84
CA ARG C 169 -30.74 21.21 20.69
C ARG C 169 -31.83 20.14 20.75
N LYS C 170 -32.75 20.27 21.70
CA LYS C 170 -33.82 19.30 21.84
C LYS C 170 -34.74 19.31 20.62
N GLU C 171 -35.04 20.49 20.09
CA GLU C 171 -35.85 20.57 18.87
C GLU C 171 -35.15 19.91 17.70
N VAL C 172 -33.87 20.23 17.49
CA VAL C 172 -33.10 19.63 16.40
C VAL C 172 -33.06 18.11 16.55
N TRP C 173 -32.88 17.62 17.77
CA TRP C 173 -32.85 16.17 18.00
C TRP C 173 -34.21 15.54 17.74
N ARG C 174 -35.30 16.28 18.01
CA ARG C 174 -36.62 15.75 17.70
C ARG C 174 -36.84 15.64 16.20
N LYS C 175 -36.46 16.66 15.44
CA LYS C 175 -36.66 16.60 13.99
C LYS C 175 -35.77 15.54 13.36
N LEU C 176 -34.54 15.39 13.85
CA LEU C 176 -33.67 14.32 13.39
C LEU C 176 -34.09 12.96 13.94
N GLY C 177 -34.95 12.92 14.96
CA GLY C 177 -35.38 11.66 15.51
C GLY C 177 -34.32 10.88 16.24
N ILE C 178 -33.25 11.55 16.68
CA ILE C 178 -32.16 10.88 17.37
C ILE C 178 -32.32 10.98 18.89
N TYR C 179 -33.54 11.21 19.37
CA TYR C 179 -33.82 11.15 20.81
C TYR C 179 -33.60 9.72 21.29
N PRO C 180 -32.54 9.45 22.06
CA PRO C 180 -32.15 8.08 22.35
C PRO C 180 -32.90 7.50 23.53
N ALA C 181 -32.72 6.20 23.74
CA ALA C 181 -33.24 5.51 24.89
C ALA C 181 -32.22 5.57 26.02
N GLY C 182 -32.39 4.75 27.05
CA GLY C 182 -31.38 4.59 28.06
C GLY C 182 -30.14 3.98 27.44
N PRO C 183 -28.97 4.32 28.00
CA PRO C 183 -27.71 3.84 27.37
C PRO C 183 -27.62 2.33 27.29
N LEU C 184 -28.24 1.60 28.22
CA LEU C 184 -28.23 0.14 28.16
C LEU C 184 -28.92 -0.36 26.90
N HIS C 185 -30.19 0.01 26.73
CA HIS C 185 -30.93 -0.36 25.53
C HIS C 185 -30.29 0.21 24.27
N GLU C 186 -29.70 1.40 24.35
CA GLU C 186 -29.10 2.01 23.16
C GLU C 186 -27.87 1.24 22.71
N LEU C 187 -26.99 0.88 23.64
CA LEU C 187 -25.81 0.11 23.26
C LEU C 187 -26.20 -1.31 22.84
N LYS C 188 -27.23 -1.89 23.45
CA LYS C 188 -27.71 -3.18 22.99
C LYS C 188 -28.23 -3.09 21.56
N ASP C 189 -28.97 -2.03 21.24
CA ASP C 189 -29.48 -1.84 19.89
C ASP C 189 -28.35 -1.64 18.88
N ALA C 190 -27.33 -0.88 19.26
CA ALA C 190 -26.20 -0.67 18.36
C ALA C 190 -25.44 -1.98 18.12
N ALA C 191 -25.19 -2.75 19.18
CA ALA C 191 -24.51 -4.02 19.02
C ALA C 191 -25.32 -5.00 18.19
N ALA C 192 -26.65 -4.96 18.33
CA ALA C 192 -27.49 -5.80 17.47
C ALA C 192 -27.47 -5.31 16.02
N SER C 193 -27.36 -4.00 15.82
CA SER C 193 -27.31 -3.46 14.47
C SER C 193 -26.01 -3.82 13.77
N CYS C 194 -24.91 -3.92 14.51
CA CYS C 194 -23.61 -4.21 13.90
C CYS C 194 -23.43 -5.67 13.53
N LEU C 195 -24.33 -6.56 13.95
CA LEU C 195 -24.23 -7.96 13.56
C LEU C 195 -24.46 -8.11 12.06
N THR C 196 -23.86 -9.16 11.49
CA THR C 196 -23.87 -9.36 10.04
C THR C 196 -25.30 -9.41 9.50
N ASN C 197 -25.51 -8.74 8.37
CA ASN C 197 -26.79 -8.77 7.64
C ASN C 197 -27.92 -8.19 8.47
N VAL C 198 -27.64 -7.13 9.21
CA VAL C 198 -28.68 -6.41 9.94
C VAL C 198 -28.72 -4.97 9.43
N ASP C 199 -27.73 -4.17 9.84
CA ASP C 199 -27.63 -2.77 9.44
C ASP C 199 -26.36 -2.58 8.63
N GLY C 200 -26.50 -2.40 7.32
CA GLY C 200 -25.38 -2.11 6.45
C GLY C 200 -25.48 -0.73 5.85
N ASP C 201 -26.29 0.13 6.50
CA ASP C 201 -26.54 1.49 6.03
C ASP C 201 -25.65 2.44 6.83
N TYR C 202 -24.68 3.07 6.14
CA TYR C 202 -23.71 3.89 6.85
C TYR C 202 -24.34 5.14 7.45
N VAL C 203 -25.35 5.70 6.79
CA VAL C 203 -26.07 6.83 7.37
C VAL C 203 -26.82 6.40 8.62
N SER C 204 -27.47 5.24 8.56
CA SER C 204 -28.19 4.74 9.74
C SER C 204 -27.23 4.41 10.87
N LEU C 205 -26.07 3.82 10.54
CA LEU C 205 -25.09 3.50 11.57
C LEU C 205 -24.52 4.77 12.21
N ALA C 206 -24.30 5.81 11.41
CA ALA C 206 -23.84 7.08 11.98
C ALA C 206 -24.91 7.72 12.84
N THR C 207 -26.17 7.65 12.42
CA THR C 207 -27.27 8.13 13.24
C THR C 207 -27.31 7.40 14.59
N LYS C 208 -27.13 6.07 14.56
CA LYS C 208 -27.12 5.30 15.78
C LYS C 208 -25.92 5.66 16.66
N GLY C 209 -24.77 5.95 16.05
CA GLY C 209 -23.64 6.44 16.83
C GLY C 209 -23.93 7.76 17.52
N LEU C 210 -24.63 8.66 16.82
CA LEU C 210 -24.96 9.96 17.41
C LEU C 210 -25.92 9.81 18.58
N ARG C 211 -27.00 9.03 18.39
CA ARG C 211 -27.91 8.83 19.53
C ARG C 211 -27.26 8.02 20.64
N LEU C 212 -26.27 7.19 20.31
CA LEU C 212 -25.51 6.49 21.35
C LEU C 212 -24.69 7.48 22.18
N GLY C 213 -24.02 8.43 21.52
CA GLY C 213 -23.33 9.47 22.25
C GLY C 213 -24.26 10.29 23.13
N LEU C 214 -25.45 10.61 22.61
CA LEU C 214 -26.42 11.36 23.40
C LEU C 214 -26.86 10.57 24.63
N SER C 215 -27.17 9.28 24.45
CA SER C 215 -27.57 8.46 25.59
C SER C 215 -26.42 8.25 26.56
N CYS C 216 -25.18 8.32 26.07
CA CYS C 216 -24.03 8.18 26.96
C CYS C 216 -23.85 9.44 27.81
N ILE C 217 -24.09 10.62 27.23
CA ILE C 217 -23.89 11.84 27.99
C ILE C 217 -25.04 12.09 28.94
N TYR C 218 -26.28 12.01 28.46
CA TYR C 218 -27.44 12.35 29.29
C TYR C 218 -27.98 11.17 30.07
N GLY C 219 -27.60 9.94 29.73
CA GLY C 219 -28.11 8.79 30.44
C GLY C 219 -27.13 8.21 31.44
N ALA C 220 -25.89 8.70 31.46
CA ALA C 220 -24.88 8.13 32.32
C ALA C 220 -23.93 9.17 32.92
N GLN C 221 -23.25 9.94 32.05
CA GLN C 221 -22.13 10.75 32.50
C GLN C 221 -22.56 11.83 33.48
N ILE C 222 -23.56 12.64 33.10
CA ILE C 222 -23.99 13.75 33.94
C ILE C 222 -24.43 13.25 35.30
N GLY C 223 -25.31 12.25 35.32
CA GLY C 223 -25.82 11.74 36.58
C GLY C 223 -24.73 11.13 37.44
N LEU C 224 -23.82 10.37 36.83
CA LEU C 224 -22.77 9.72 37.60
C LEU C 224 -21.82 10.75 38.21
N GLU C 225 -21.48 11.77 37.47
CA GLU C 225 -20.63 12.80 37.93
C GLU C 225 -21.26 13.66 39.02
N LEU C 226 -22.52 13.95 38.89
CA LEU C 226 -23.23 14.68 39.93
C LEU C 226 -23.38 13.84 41.19
N VAL C 227 -23.60 12.53 41.05
CA VAL C 227 -23.69 11.65 42.21
C VAL C 227 -22.33 11.55 42.91
N GLN C 228 -21.25 11.51 42.12
CA GLN C 228 -19.92 11.50 42.73
C GLN C 228 -19.64 12.82 43.46
N ASP C 229 -20.14 13.94 42.94
CA ASP C 229 -20.04 15.20 43.66
C ASP C 229 -20.83 15.16 44.96
N ILE C 230 -22.01 14.53 44.94
CA ILE C 230 -22.80 14.42 46.16
C ILE C 230 -22.08 13.54 47.18
N LEU C 231 -21.36 12.52 46.71
CA LEU C 231 -20.69 11.60 47.62
C LEU C 231 -19.40 12.19 48.19
N PHE C 232 -18.60 12.88 47.36
CA PHE C 232 -17.28 13.34 47.78
C PHE C 232 -17.06 14.83 47.52
N GLY C 233 -18.13 15.61 47.44
CA GLY C 233 -17.97 17.05 47.32
C GLY C 233 -17.78 17.50 45.87
N THR C 234 -18.25 18.73 45.61
CA THR C 234 -18.06 19.37 44.32
C THR C 234 -16.72 20.08 44.29
N GLY C 235 -15.92 19.79 43.28
CA GLY C 235 -14.55 20.29 43.25
C GLY C 235 -14.50 21.80 43.07
N MET C 236 -13.53 22.42 43.74
CA MET C 236 -13.21 23.83 43.63
C MET C 236 -11.71 23.98 43.38
N PRO C 237 -11.30 25.05 42.68
CA PRO C 237 -9.90 25.15 42.27
C PRO C 237 -8.93 25.19 43.45
N HIS C 238 -7.84 24.45 43.31
CA HIS C 238 -6.79 24.35 44.32
C HIS C 238 -5.52 23.84 43.65
N GLU C 239 -4.38 24.27 44.19
CA GLU C 239 -3.11 23.87 43.62
C GLU C 239 -2.77 22.43 43.97
N MET C 240 -2.04 21.78 43.05
CA MET C 240 -1.73 20.37 43.16
C MET C 240 -0.40 20.10 42.48
N ASP C 241 0.40 19.24 43.08
CA ASP C 241 1.66 18.80 42.49
C ASP C 241 1.42 17.59 41.61
N VAL C 242 2.08 17.57 40.45
CA VAL C 242 1.90 16.48 39.49
C VAL C 242 3.25 15.89 39.11
N ASP C 243 3.26 15.08 38.04
CA ASP C 243 4.45 14.47 37.46
C ASP C 243 5.07 13.42 38.38
N LEU C 244 6.07 12.71 37.88
CA LEU C 244 6.62 11.53 38.55
C LEU C 244 7.48 11.88 39.76
N GLY C 245 7.86 13.14 39.94
CA GLY C 245 8.73 13.51 41.05
C GLY C 245 8.06 13.50 42.40
N ILE C 246 6.73 13.43 42.45
CA ILE C 246 6.01 13.41 43.73
C ILE C 246 6.25 12.13 44.52
N PHE C 247 6.82 11.10 43.88
CA PHE C 247 7.10 9.87 44.58
C PHE C 247 8.30 10.02 45.51
N ASP C 248 8.21 9.41 46.69
CA ASP C 248 9.30 9.37 47.64
C ASP C 248 9.48 7.92 48.07
N ALA C 249 10.70 7.39 47.87
CA ALA C 249 10.93 5.97 48.05
C ALA C 249 10.87 5.53 49.51
N ASP C 250 11.00 6.45 50.46
CA ASP C 250 11.03 6.08 51.87
C ASP C 250 9.66 5.68 52.40
N TYR C 251 8.58 6.02 51.70
CA TYR C 251 7.22 5.77 52.15
C TYR C 251 6.66 4.50 51.51
N ILE C 252 5.60 3.99 52.12
CA ILE C 252 4.80 2.92 51.51
C ILE C 252 3.76 3.58 50.62
N ASN C 253 3.82 3.29 49.32
CA ASN C 253 3.04 4.00 48.32
C ASN C 253 2.02 3.06 47.70
N ILE C 254 0.75 3.47 47.74
CA ILE C 254 -0.34 2.76 47.09
C ILE C 254 -0.92 3.67 46.03
N VAL C 255 -0.88 3.22 44.78
CA VAL C 255 -1.40 3.98 43.63
C VAL C 255 -2.68 3.31 43.17
N PHE C 256 -3.78 4.06 43.20
CA PHE C 256 -5.03 3.63 42.60
C PHE C 256 -5.13 4.23 41.20
N ASN C 257 -5.53 3.41 40.24
CA ASN C 257 -5.36 3.75 38.82
C ASN C 257 -6.51 3.16 38.02
N GLY C 258 -7.36 4.03 37.49
CA GLY C 258 -8.52 3.57 36.72
C GLY C 258 -9.45 4.67 36.27
N HIS C 259 -10.73 4.56 36.64
CA HIS C 259 -11.71 5.55 36.24
C HIS C 259 -12.62 5.90 37.41
N GLU C 260 -12.89 4.93 38.26
CA GLU C 260 -13.79 5.17 39.40
C GLU C 260 -12.99 5.48 40.66
N PRO C 261 -13.41 6.47 41.45
CA PRO C 261 -12.63 6.89 42.62
C PRO C 261 -13.03 6.24 43.94
N PHE C 262 -14.02 5.35 43.96
CA PHE C 262 -14.52 4.82 45.23
C PHE C 262 -13.43 4.11 46.02
N VAL C 263 -12.69 3.22 45.35
CA VAL C 263 -11.58 2.53 46.00
C VAL C 263 -10.55 3.54 46.48
N GLY C 264 -10.33 4.60 45.70
CA GLY C 264 -9.37 5.62 46.12
C GLY C 264 -9.81 6.37 47.37
N VAL C 265 -11.09 6.74 47.43
CA VAL C 265 -11.60 7.44 48.61
C VAL C 265 -11.51 6.53 49.83
N ALA C 266 -11.84 5.24 49.66
CA ALA C 266 -11.74 4.31 50.78
C ALA C 266 -10.30 4.14 51.22
N LEU C 267 -9.36 4.07 50.27
CA LEU C 267 -7.95 3.94 50.62
C LEU C 267 -7.44 5.17 51.35
N ILE C 268 -7.89 6.36 50.94
CA ILE C 268 -7.47 7.58 51.62
C ILE C 268 -8.04 7.62 53.04
N LEU C 269 -9.31 7.24 53.20
CA LEU C 269 -9.92 7.26 54.53
C LEU C 269 -9.29 6.22 55.45
N ALA C 270 -8.91 5.06 54.90
CA ALA C 270 -8.30 4.02 55.71
C ALA C 270 -6.83 4.33 56.02
N ALA C 271 -6.16 5.07 55.14
CA ALA C 271 -4.77 5.44 55.40
C ALA C 271 -4.66 6.48 56.50
N LYS C 272 -5.71 7.29 56.69
CA LYS C 272 -5.72 8.26 57.78
C LYS C 272 -5.98 7.62 59.14
N GLU C 273 -6.29 6.34 59.18
CA GLU C 273 -6.46 5.64 60.45
C GLU C 273 -5.09 5.42 61.11
N ALA C 274 -5.02 5.69 62.42
CA ALA C 274 -3.75 5.64 63.12
C ALA C 274 -3.13 4.26 63.08
N VAL C 275 -3.95 3.21 63.06
CA VAL C 275 -3.42 1.84 63.04
C VAL C 275 -2.58 1.62 61.79
N ASN C 276 -3.00 2.19 60.66
CA ASN C 276 -2.29 1.95 59.40
C ASN C 276 -1.01 2.77 59.30
N GLN C 277 -1.02 4.02 59.78
CA GLN C 277 0.22 4.79 59.82
C GLN C 277 1.24 4.15 60.75
N ASP C 278 0.77 3.65 61.91
CA ASP C 278 1.68 2.95 62.81
C ASP C 278 2.17 1.65 62.20
N LYS C 279 1.30 0.96 61.44
CA LYS C 279 1.72 -0.28 60.80
C LYS C 279 2.78 -0.01 59.73
N ALA C 280 2.64 1.11 59.01
CA ALA C 280 3.65 1.48 58.03
C ALA C 280 4.96 1.88 58.70
N LYS C 281 4.87 2.56 59.85
CA LYS C 281 6.09 2.98 60.54
C LYS C 281 6.80 1.79 61.17
N ALA C 282 6.05 0.83 61.69
CA ALA C 282 6.67 -0.36 62.27
C ALA C 282 7.35 -1.21 61.21
N ALA C 283 6.87 -1.15 59.97
CA ALA C 283 7.50 -1.83 58.85
C ALA C 283 8.73 -1.10 58.33
N GLY C 284 9.14 -0.02 58.99
CA GLY C 284 10.35 0.69 58.61
C GLY C 284 10.14 1.74 57.55
N ALA C 285 9.03 2.47 57.62
CA ALA C 285 8.72 3.51 56.66
C ALA C 285 8.36 4.79 57.40
N LYS C 286 8.52 5.91 56.69
CA LYS C 286 8.16 7.21 57.26
C LYS C 286 6.66 7.26 57.58
N SER C 287 5.84 7.01 56.57
CA SER C 287 4.39 6.96 56.74
C SER C 287 3.80 6.25 55.51
N LEU C 288 2.48 6.30 55.40
CA LEU C 288 1.76 5.70 54.29
C LEU C 288 1.18 6.80 53.40
N ARG C 289 1.40 6.68 52.09
CA ARG C 289 0.93 7.68 51.14
C ARG C 289 0.11 7.04 50.04
N ILE C 290 -0.85 7.81 49.52
CA ILE C 290 -1.74 7.38 48.46
C ILE C 290 -1.57 8.31 47.28
N TYR C 291 -1.34 7.74 46.10
CA TYR C 291 -1.24 8.48 44.86
C TYR C 291 -2.38 8.09 43.92
N GLY C 292 -2.78 9.05 43.09
CA GLY C 292 -3.87 8.87 42.17
C GLY C 292 -3.37 8.95 40.73
N SER C 293 -3.74 7.95 39.95
CA SER C 293 -3.29 7.82 38.59
C SER C 293 -4.47 7.92 37.62
N ILE C 294 -4.14 8.26 36.36
CA ILE C 294 -5.05 8.52 35.25
C ILE C 294 -6.36 9.13 35.70
N GLU C 295 -7.48 8.62 35.17
CA GLU C 295 -8.76 9.28 35.35
C GLU C 295 -9.24 9.19 36.79
N SER C 296 -8.98 8.08 37.48
CA SER C 296 -9.36 7.98 38.89
C SER C 296 -8.63 9.03 39.73
N GLY C 297 -7.31 9.12 39.57
CA GLY C 297 -6.56 10.14 40.26
C GLY C 297 -6.98 11.54 39.89
N GLN C 298 -7.44 11.73 38.65
CA GLN C 298 -7.92 13.05 38.24
C GLN C 298 -9.24 13.38 38.94
N GLU C 299 -10.17 12.43 38.97
CA GLU C 299 -11.40 12.60 39.74
C GLU C 299 -11.10 12.96 41.18
N VAL C 300 -10.05 12.36 41.74
CA VAL C 300 -9.74 12.59 43.15
C VAL C 300 -9.09 13.95 43.35
N VAL C 301 -8.12 14.32 42.52
CA VAL C 301 -7.50 15.64 42.64
C VAL C 301 -8.47 16.77 42.35
N GLN C 302 -9.55 16.49 41.62
CA GLN C 302 -10.55 17.53 41.39
C GLN C 302 -11.32 17.85 42.66
N ARG C 303 -11.56 16.85 43.51
CA ARG C 303 -12.35 17.03 44.71
C ARG C 303 -11.52 17.14 45.98
N PHE C 304 -10.33 16.55 46.00
CA PHE C 304 -9.48 16.56 47.18
C PHE C 304 -8.18 17.31 46.89
N GLN C 305 -7.46 17.63 47.96
CA GLN C 305 -6.22 18.39 47.88
C GLN C 305 -5.07 17.59 48.46
N LYS C 306 -3.86 18.06 48.20
CA LYS C 306 -2.66 17.43 48.75
C LYS C 306 -2.58 17.68 50.25
N ASP C 307 -2.47 16.61 51.02
CA ASP C 307 -2.24 16.70 52.45
C ASP C 307 -1.10 15.75 52.80
N GLU C 308 -1.03 15.34 54.07
CA GLU C 308 0.04 14.47 54.52
C GLU C 308 -0.05 13.07 53.93
N VAL C 309 -1.23 12.66 53.47
CA VAL C 309 -1.44 11.30 52.99
C VAL C 309 -1.57 11.31 51.47
N PHE C 310 -2.67 11.89 50.97
CA PHE C 310 -2.91 11.93 49.53
C PHE C 310 -1.98 12.94 48.87
N ARG C 311 -1.30 12.52 47.81
CA ARG C 311 -0.21 13.30 47.23
C ARG C 311 -0.50 13.87 45.85
N GLY C 312 -1.51 13.37 45.14
CA GLY C 312 -1.95 14.00 43.91
C GLY C 312 -1.90 13.04 42.73
N LEU C 313 -1.66 13.61 41.55
CA LEU C 313 -1.78 12.90 40.28
C LEU C 313 -0.41 12.46 39.77
N THR C 314 -0.35 11.24 39.23
CA THR C 314 0.88 10.68 38.69
C THR C 314 1.08 11.09 37.22
N GLY C 315 0.17 10.67 36.35
CA GLY C 315 0.28 10.99 34.95
C GLY C 315 -0.84 10.36 34.16
N ASN C 316 -0.61 10.17 32.87
CA ASN C 316 -1.58 9.50 32.00
C ASN C 316 -1.14 8.06 31.78
N TRP C 317 -1.90 7.34 30.95
CA TRP C 317 -1.68 5.89 30.82
C TRP C 317 -0.31 5.56 30.26
N LEU C 318 0.21 6.39 29.35
CA LEU C 318 1.56 6.17 28.84
C LEU C 318 2.65 6.43 29.89
N THR C 319 2.28 6.89 31.09
CA THR C 319 3.21 6.99 32.21
C THR C 319 3.11 5.82 33.17
N ILE C 320 2.24 4.85 32.89
CA ILE C 320 2.02 3.77 33.84
C ILE C 320 3.20 2.79 33.83
N GLU C 321 3.64 2.37 32.64
CA GLU C 321 4.84 1.54 32.55
C GLU C 321 6.08 2.25 33.09
N PRO C 322 6.35 3.52 32.78
CA PRO C 322 7.48 4.20 33.44
C PRO C 322 7.31 4.36 34.94
N MET C 323 6.06 4.49 35.42
CA MET C 323 5.85 4.66 36.85
C MET C 323 6.40 3.47 37.64
N LEU C 324 6.08 2.24 37.20
CA LEU C 324 6.64 1.07 37.84
C LEU C 324 8.17 1.08 37.79
N ALA C 325 8.75 1.72 36.77
CA ALA C 325 10.20 1.80 36.67
C ALA C 325 10.83 2.66 37.77
N THR C 326 10.02 3.42 38.51
CA THR C 326 10.59 4.25 39.57
C THR C 326 11.13 3.42 40.72
N GLY C 327 10.60 2.21 40.92
CA GLY C 327 10.97 1.45 42.09
C GLY C 327 10.44 2.03 43.39
N ALA C 328 9.39 2.85 43.31
CA ALA C 328 8.79 3.46 44.49
C ALA C 328 7.34 3.04 44.71
N VAL C 329 6.80 2.16 43.86
CA VAL C 329 5.42 1.72 43.97
C VAL C 329 5.39 0.38 44.68
N ASP C 330 4.54 0.27 45.70
CA ASP C 330 4.31 -0.98 46.42
C ASP C 330 3.06 -1.71 45.95
N VAL C 331 2.00 -0.97 45.62
CA VAL C 331 0.76 -1.55 45.14
C VAL C 331 0.18 -0.65 44.06
N LEU C 332 -0.17 -1.25 42.92
CA LEU C 332 -0.89 -0.56 41.85
C LEU C 332 -2.30 -1.14 41.83
N ALA C 333 -3.27 -0.39 42.36
CA ALA C 333 -4.65 -0.84 42.44
C ALA C 333 -5.40 -0.35 41.21
N MET C 334 -5.68 -1.28 40.29
CA MET C 334 -6.30 -0.96 39.01
C MET C 334 -7.78 -1.30 39.04
N ASP C 335 -8.62 -0.35 38.61
CA ASP C 335 -10.06 -0.56 38.57
C ASP C 335 -10.67 -0.51 37.18
N MET C 336 -9.99 0.06 36.20
CA MET C 336 -10.49 0.10 34.82
C MET C 336 -9.35 0.53 33.91
N ASN C 337 -9.69 0.89 32.68
CA ASN C 337 -8.69 1.34 31.72
C ASN C 337 -8.08 2.67 32.18
N CYS C 338 -6.79 2.84 31.90
CA CYS C 338 -5.99 1.84 31.21
C CYS C 338 -5.08 1.07 32.14
N SER C 339 -5.25 -0.26 32.16
CA SER C 339 -4.36 -1.17 32.87
C SER C 339 -3.69 -2.05 31.83
N PRO C 340 -2.50 -1.65 31.34
CA PRO C 340 -1.87 -2.39 30.23
C PRO C 340 -1.63 -3.84 30.59
N PRO C 341 -1.83 -4.76 29.63
CA PRO C 341 -1.83 -6.19 29.98
C PRO C 341 -0.45 -6.77 30.25
N ASN C 342 0.64 -6.04 30.00
CA ASN C 342 1.98 -6.55 30.17
C ASN C 342 2.69 -5.91 31.36
N LEU C 343 1.93 -5.52 32.38
CA LEU C 343 2.53 -4.89 33.56
C LEU C 343 3.17 -5.89 34.50
N GLY C 344 2.76 -7.15 34.46
CA GLY C 344 3.22 -8.17 35.38
C GLY C 344 4.73 -8.31 35.49
N PRO C 345 5.40 -8.56 34.35
CA PRO C 345 6.87 -8.67 34.40
C PRO C 345 7.56 -7.41 34.90
N LEU C 346 7.05 -6.23 34.55
CA LEU C 346 7.63 -4.99 35.06
C LEU C 346 7.47 -4.88 36.57
N ALA C 347 6.27 -5.18 37.07
CA ALA C 347 6.02 -5.12 38.51
C ALA C 347 6.87 -6.14 39.26
N GLU C 348 7.16 -7.27 38.62
CA GLU C 348 8.07 -8.23 39.25
C GLU C 348 9.51 -7.72 39.22
N LYS C 349 9.89 -7.04 38.14
CA LYS C 349 11.26 -6.54 38.03
C LYS C 349 11.53 -5.40 39.01
N TYR C 350 10.51 -4.60 39.32
CA TYR C 350 10.70 -3.44 40.18
C TYR C 350 10.08 -3.62 41.57
N GLY C 351 9.55 -4.80 41.88
CA GLY C 351 9.07 -5.06 43.22
C GLY C 351 7.75 -4.41 43.57
N ALA C 352 6.85 -4.27 42.61
CA ALA C 352 5.52 -3.74 42.85
C ALA C 352 4.49 -4.86 42.77
N THR C 353 3.40 -4.69 43.50
CA THR C 353 2.32 -5.68 43.56
C THR C 353 1.10 -5.12 42.84
N LEU C 354 0.60 -5.87 41.85
CA LEU C 354 -0.56 -5.46 41.09
C LEU C 354 -1.83 -6.02 41.74
N VAL C 355 -2.82 -5.15 41.93
CA VAL C 355 -4.09 -5.54 42.54
C VAL C 355 -5.22 -5.10 41.63
N SER C 356 -6.12 -6.02 41.30
CA SER C 356 -7.31 -5.72 40.52
C SER C 356 -8.48 -5.55 41.47
N VAL C 357 -9.14 -4.40 41.40
CA VAL C 357 -10.29 -4.12 42.25
C VAL C 357 -11.55 -4.06 41.39
N SER C 358 -11.56 -4.82 40.30
CA SER C 358 -12.70 -4.83 39.39
C SER C 358 -12.71 -6.14 38.64
N ARG C 359 -13.91 -6.72 38.48
CA ARG C 359 -14.05 -7.91 37.66
C ARG C 359 -13.80 -7.64 36.17
N LEU C 360 -13.71 -6.37 35.78
CA LEU C 360 -13.43 -6.03 34.40
C LEU C 360 -11.95 -6.20 34.06
N VAL C 361 -11.06 -5.83 34.99
CA VAL C 361 -9.63 -5.77 34.72
C VAL C 361 -8.99 -7.11 35.05
N ARG C 362 -8.47 -7.78 34.03
CA ARG C 362 -7.75 -9.04 34.18
C ARG C 362 -6.62 -9.10 33.17
N PHE C 363 -5.43 -9.47 33.62
CA PHE C 363 -4.29 -9.67 32.73
C PHE C 363 -3.25 -10.49 33.48
N PRO C 364 -2.34 -11.15 32.76
CA PRO C 364 -1.35 -12.00 33.44
C PRO C 364 -0.44 -11.21 34.37
N GLY C 365 -0.24 -11.72 35.58
CA GLY C 365 0.67 -11.14 36.54
C GLY C 365 0.02 -10.47 37.73
N ILE C 366 -1.31 -10.34 37.75
CA ILE C 366 -1.98 -9.70 38.87
C ILE C 366 -1.86 -10.58 40.11
N HIS C 367 -1.51 -9.97 41.24
CA HIS C 367 -1.24 -10.72 42.46
C HIS C 367 -2.48 -10.95 43.31
N HIS C 368 -3.47 -10.07 43.24
CA HIS C 368 -4.66 -10.21 44.07
C HIS C 368 -5.89 -9.75 43.30
N PHE C 369 -7.04 -10.32 43.68
CA PHE C 369 -8.32 -10.00 43.05
C PHE C 369 -9.30 -9.61 44.14
N LEU C 370 -9.75 -8.34 44.11
CA LEU C 370 -10.64 -7.78 45.12
C LEU C 370 -11.72 -6.98 44.40
N ASP C 371 -12.62 -7.69 43.72
CA ASP C 371 -13.65 -7.05 42.91
C ASP C 371 -14.50 -6.11 43.76
N TYR C 372 -14.69 -4.90 43.26
CA TYR C 372 -15.30 -3.84 44.05
C TYR C 372 -16.79 -4.08 44.28
N LYS C 373 -17.25 -3.73 45.48
CA LYS C 373 -18.66 -3.71 45.85
C LYS C 373 -18.82 -2.66 46.94
N PRO C 374 -19.90 -1.88 46.91
CA PRO C 374 -20.05 -0.80 47.90
C PRO C 374 -20.13 -1.29 49.34
N SER C 375 -20.72 -2.45 49.57
CA SER C 375 -20.90 -2.93 50.95
C SER C 375 -19.63 -3.44 51.58
N GLU C 376 -18.54 -3.59 50.83
CA GLU C 376 -17.29 -4.13 51.35
C GLU C 376 -16.08 -3.31 50.96
N VAL C 377 -16.27 -2.12 50.38
CA VAL C 377 -15.13 -1.32 49.92
C VAL C 377 -14.16 -1.05 51.07
N ARG C 378 -14.71 -0.76 52.26
CA ARG C 378 -13.89 -0.63 53.46
C ARG C 378 -12.95 -1.83 53.60
N GLU C 379 -13.54 -3.04 53.65
CA GLU C 379 -12.74 -4.25 53.77
C GLU C 379 -11.70 -4.36 52.66
N ILE C 380 -12.02 -3.86 51.47
CA ILE C 380 -11.04 -3.87 50.39
C ILE C 380 -9.87 -2.95 50.75
N ALA C 381 -10.18 -1.71 51.13
CA ALA C 381 -9.14 -0.71 51.39
C ALA C 381 -8.10 -1.26 52.35
N GLN C 382 -8.52 -1.57 53.58
CA GLN C 382 -7.64 -2.17 54.57
C GLN C 382 -6.78 -3.29 53.97
N LYS C 383 -7.44 -4.24 53.28
CA LYS C 383 -6.71 -5.36 52.69
C LYS C 383 -5.54 -4.87 51.86
N ILE C 384 -5.81 -3.99 50.90
CA ILE C 384 -4.75 -3.46 50.04
C ILE C 384 -3.61 -2.94 50.89
N ILE C 385 -3.93 -2.10 51.88
CA ILE C 385 -2.91 -1.53 52.75
C ILE C 385 -2.03 -2.63 53.31
N ASP C 386 -2.65 -3.64 53.91
CA ASP C 386 -1.89 -4.76 54.46
C ASP C 386 -0.94 -5.33 53.41
N ILE C 387 -1.49 -5.69 52.24
CA ILE C 387 -0.65 -6.19 51.15
C ILE C 387 0.52 -5.24 50.92
N ALA C 388 0.20 -3.95 50.69
CA ALA C 388 1.24 -2.97 50.44
C ALA C 388 2.32 -3.04 51.51
N VAL C 389 1.90 -3.01 52.79
CA VAL C 389 2.85 -3.06 53.89
C VAL C 389 3.79 -4.24 53.71
N ASP C 390 3.23 -5.45 53.58
CA ASP C 390 4.08 -6.61 53.45
C ASP C 390 4.81 -6.61 52.12
N SER C 391 4.19 -6.07 51.07
CA SER C 391 4.91 -5.94 49.80
C SER C 391 6.06 -4.95 49.94
N PHE C 392 5.92 -3.97 50.83
CA PHE C 392 7.03 -3.09 51.12
C PHE C 392 8.07 -3.77 52.00
N LYS C 393 7.66 -4.77 52.77
CA LYS C 393 8.58 -5.39 53.73
C LYS C 393 9.50 -6.42 53.08
N ASN C 394 9.02 -7.12 52.05
CA ASN C 394 9.75 -8.26 51.51
C ASN C 394 10.06 -8.14 50.02
N LYS C 395 9.59 -7.10 49.35
CA LYS C 395 9.83 -6.97 47.91
C LYS C 395 10.67 -5.76 47.54
N ARG C 396 10.38 -4.59 48.10
CA ARG C 396 10.97 -3.34 47.63
C ARG C 396 12.04 -2.78 48.56
N HIS C 397 11.77 -2.71 49.87
CA HIS C 397 12.69 -2.05 50.78
C HIS C 397 13.99 -2.83 50.89
N GLY C 398 15.10 -2.17 50.61
CA GLY C 398 16.41 -2.80 50.66
C GLY C 398 16.74 -3.69 49.49
N LYS C 399 15.81 -3.90 48.56
CA LYS C 399 16.03 -4.80 47.43
C LYS C 399 15.99 -4.07 46.09
N ILE C 400 15.01 -3.19 45.88
CA ILE C 400 14.84 -2.48 44.62
C ILE C 400 15.46 -1.10 44.75
N THR C 401 16.27 -0.71 43.77
CA THR C 401 16.87 0.61 43.77
C THR C 401 15.89 1.63 43.21
N PRO C 402 15.61 2.71 43.92
CA PRO C 402 14.64 3.70 43.42
C PRO C 402 15.26 4.61 42.37
N LYS C 403 14.43 4.99 41.39
CA LYS C 403 14.82 5.91 40.32
C LYS C 403 13.64 6.86 40.10
N ILE C 404 13.56 7.87 40.95
CA ILE C 404 12.47 8.86 40.92
C ILE C 404 13.00 10.12 40.25
N PRO C 405 12.45 10.53 39.10
CA PRO C 405 12.89 11.78 38.48
C PRO C 405 12.58 12.98 39.36
N ALA C 406 13.19 14.12 39.01
CA ALA C 406 13.05 15.34 39.78
C ALA C 406 11.88 16.21 39.33
N ASN C 407 11.26 15.89 38.19
CA ASN C 407 10.26 16.77 37.61
C ASN C 407 8.99 16.79 38.45
N ILE C 408 8.64 17.96 38.98
CA ILE C 408 7.37 18.20 39.66
C ILE C 408 6.82 19.53 39.16
N GLN C 409 5.53 19.56 38.86
CA GLN C 409 4.89 20.74 38.31
C GLN C 409 3.66 21.10 39.14
N LYS C 410 3.39 22.40 39.23
CA LYS C 410 2.18 22.90 39.86
C LYS C 410 1.05 22.96 38.84
N ALA C 411 -0.18 22.69 39.31
CA ALA C 411 -1.35 22.78 38.44
C ALA C 411 -2.58 23.05 39.30
N ILE C 412 -3.42 23.97 38.84
CA ILE C 412 -4.64 24.33 39.55
C ILE C 412 -5.75 23.41 39.07
N THR C 413 -6.13 22.46 39.92
CA THR C 413 -7.20 21.51 39.62
C THR C 413 -8.39 21.78 40.53
N GLY C 414 -9.60 21.60 39.99
CA GLY C 414 -10.80 21.86 40.76
C GLY C 414 -11.91 22.56 40.01
N PHE C 415 -11.75 22.75 38.71
CA PHE C 415 -12.67 23.61 37.97
C PHE C 415 -13.94 22.87 37.58
N THR C 416 -15.06 23.44 37.96
CA THR C 416 -16.40 22.98 37.64
C THR C 416 -17.19 24.17 37.14
N PRO C 417 -18.39 23.94 36.58
CA PRO C 417 -19.25 25.07 36.24
C PRO C 417 -19.49 26.02 37.42
N GLU C 418 -19.69 25.46 38.62
CA GLU C 418 -19.86 26.31 39.80
C GLU C 418 -18.60 27.08 40.15
N ALA C 419 -17.42 26.46 39.93
CA ALA C 419 -16.17 27.20 40.14
C ALA C 419 -16.05 28.37 39.18
N ILE C 420 -16.46 28.17 37.93
CA ILE C 420 -16.46 29.26 36.95
C ILE C 420 -17.43 30.35 37.40
N LEU C 421 -18.61 29.95 37.90
CA LEU C 421 -19.57 30.94 38.36
C LEU C 421 -19.03 31.74 39.54
N LYS C 422 -18.33 31.06 40.46
CA LYS C 422 -17.75 31.77 41.61
C LYS C 422 -16.64 32.73 41.17
N ALA C 423 -15.83 32.31 40.19
CA ALA C 423 -14.75 33.17 39.73
C ALA C 423 -15.27 34.36 38.93
N LEU C 424 -16.44 34.22 38.30
CA LEU C 424 -17.03 35.28 37.50
C LEU C 424 -17.91 36.22 38.30
N GLY C 425 -17.91 36.11 39.63
CA GLY C 425 -18.74 36.96 40.44
C GLY C 425 -20.16 36.49 40.62
N GLY C 426 -20.39 35.17 40.63
CA GLY C 426 -21.72 34.63 40.82
C GLY C 426 -22.64 34.75 39.63
N SER C 427 -22.15 35.19 38.49
CA SER C 427 -22.98 35.36 37.30
C SER C 427 -22.18 34.96 36.07
N ILE C 428 -22.91 34.52 35.04
CA ILE C 428 -22.27 34.14 33.78
C ILE C 428 -22.16 35.31 32.81
N ASN C 429 -22.77 36.45 33.14
CA ASN C 429 -22.71 37.60 32.24
C ASN C 429 -21.30 38.13 31.99
N PRO C 430 -20.39 38.17 32.97
CA PRO C 430 -19.02 38.62 32.65
C PRO C 430 -18.35 37.80 31.57
N LEU C 431 -18.55 36.47 31.56
CA LEU C 431 -17.95 35.64 30.53
C LEU C 431 -18.52 35.95 29.16
N ILE C 432 -19.84 36.10 29.07
CA ILE C 432 -20.48 36.42 27.79
C ILE C 432 -20.01 37.78 27.30
N GLU C 433 -19.86 38.75 28.22
CA GLU C 433 -19.39 40.07 27.82
C GLU C 433 -17.93 40.02 27.37
N VAL C 434 -17.10 39.23 28.04
CA VAL C 434 -15.70 39.10 27.65
C VAL C 434 -15.60 38.50 26.25
N ILE C 435 -16.37 37.46 25.98
CA ILE C 435 -16.38 36.89 24.63
C ILE C 435 -16.94 37.88 23.62
N LYS C 436 -17.92 38.70 24.04
CA LYS C 436 -18.50 39.69 23.15
C LYS C 436 -17.49 40.77 22.78
N ALA C 437 -16.59 41.12 23.71
CA ALA C 437 -15.61 42.16 23.46
C ALA C 437 -14.43 41.71 22.61
N GLY C 438 -14.27 40.40 22.40
CA GLY C 438 -13.16 39.88 21.63
C GLY C 438 -11.92 39.59 22.44
N LYS C 439 -11.92 39.83 23.75
CA LYS C 439 -10.78 39.48 24.57
C LYS C 439 -10.55 37.98 24.59
N ILE C 440 -11.64 37.21 24.67
CA ILE C 440 -11.60 35.76 24.49
C ILE C 440 -12.34 35.47 23.18
N LYS C 441 -11.59 35.02 22.18
CA LYS C 441 -12.21 34.75 20.88
C LYS C 441 -13.19 33.58 20.96
N GLY C 442 -12.86 32.57 21.76
CA GLY C 442 -13.75 31.43 21.90
C GLY C 442 -13.28 30.51 23.00
N ALA C 443 -14.03 29.42 23.18
CA ALA C 443 -13.72 28.43 24.20
C ALA C 443 -13.71 27.05 23.56
N VAL C 444 -12.66 26.29 23.82
CA VAL C 444 -12.44 24.98 23.22
C VAL C 444 -12.43 23.93 24.32
N GLY C 445 -13.25 22.89 24.16
CA GLY C 445 -13.24 21.76 25.06
C GLY C 445 -12.24 20.70 24.63
N LEU C 446 -11.07 20.69 25.26
CA LEU C 446 -10.02 19.72 24.94
C LEU C 446 -10.28 18.48 25.79
N ILE C 447 -11.02 17.55 25.21
CA ILE C 447 -11.47 16.34 25.90
C ILE C 447 -10.77 15.17 25.21
N ASN C 448 -9.68 14.67 25.80
CA ASN C 448 -8.77 13.84 25.03
C ASN C 448 -7.99 12.91 25.94
N CYS C 449 -7.29 11.96 25.31
CA CYS C 449 -6.42 10.99 25.94
C CYS C 449 -4.98 11.19 25.45
N THR C 450 -4.23 10.08 25.33
CA THR C 450 -2.91 10.13 24.76
C THR C 450 -2.65 8.87 23.95
N THR C 451 -1.71 8.97 23.00
CA THR C 451 -1.41 7.87 22.11
C THR C 451 -0.04 8.09 21.49
N LEU C 452 0.48 7.03 20.86
CA LEU C 452 1.76 7.08 20.15
C LEU C 452 1.58 7.11 18.64
N LYS C 453 0.35 7.23 18.15
CA LYS C 453 0.11 7.12 16.72
C LYS C 453 0.61 8.35 15.98
N ASN C 454 0.07 9.52 16.29
CA ASN C 454 0.37 10.75 15.57
C ASN C 454 1.51 11.54 16.19
N GLY C 455 2.41 10.88 16.93
CA GLY C 455 3.55 11.54 17.51
C GLY C 455 3.93 10.98 18.86
N PRO C 456 4.98 11.54 19.47
CA PRO C 456 5.37 11.11 20.82
C PRO C 456 4.28 11.42 21.83
N GLN C 457 4.47 10.90 23.04
CA GLN C 457 3.46 11.06 24.09
C GLN C 457 3.22 12.54 24.38
N ASP C 458 1.96 12.95 24.29
CA ASP C 458 1.47 14.26 24.70
C ASP C 458 2.09 15.41 23.91
N TYR C 459 2.73 15.12 22.78
CA TYR C 459 3.33 16.16 21.96
C TYR C 459 2.27 17.05 21.32
N VAL C 460 1.40 16.45 20.51
CA VAL C 460 0.38 17.19 19.79
C VAL C 460 -0.54 17.92 20.76
N THR C 461 -0.90 17.26 21.87
CA THR C 461 -1.84 17.85 22.81
C THR C 461 -1.30 19.14 23.40
N VAL C 462 -0.10 19.09 23.97
CA VAL C 462 0.47 20.27 24.62
C VAL C 462 0.75 21.37 23.60
N ASN C 463 1.29 21.01 22.44
CA ASN C 463 1.59 22.05 21.46
C ASN C 463 0.32 22.69 20.92
N LEU C 464 -0.74 21.91 20.72
CA LEU C 464 -2.01 22.46 20.28
C LEU C 464 -2.62 23.35 21.36
N ALA C 465 -2.49 22.97 22.64
CA ALA C 465 -2.99 23.82 23.71
C ALA C 465 -2.27 25.17 23.73
N LYS C 466 -0.95 25.15 23.53
CA LYS C 466 -0.21 26.40 23.47
C LYS C 466 -0.66 27.25 22.28
N GLU C 467 -0.83 26.62 21.11
CA GLU C 467 -1.29 27.36 19.95
C GLU C 467 -2.69 27.91 20.14
N LEU C 468 -3.53 27.22 20.93
CA LEU C 468 -4.88 27.70 21.17
C LEU C 468 -4.88 28.88 22.14
N ILE C 469 -4.08 28.80 23.20
CA ILE C 469 -4.08 29.90 24.17
C ILE C 469 -3.41 31.14 23.59
N LYS C 470 -2.42 30.97 22.71
CA LYS C 470 -1.80 32.14 22.10
C LYS C 470 -2.73 32.85 21.13
N ARG C 471 -3.79 32.19 20.67
CA ARG C 471 -4.80 32.78 19.82
C ARG C 471 -6.02 33.26 20.61
N ASP C 472 -5.86 33.45 21.92
CA ASP C 472 -6.91 33.96 22.80
C ASP C 472 -8.14 33.04 22.80
N ILE C 473 -7.89 31.75 22.95
CA ILE C 473 -8.94 30.75 23.01
C ILE C 473 -8.85 30.06 24.37
N LEU C 474 -9.87 30.23 25.20
CA LEU C 474 -9.92 29.55 26.49
C LEU C 474 -10.02 28.05 26.27
N ILE C 475 -9.48 27.28 27.21
CA ILE C 475 -9.46 25.82 27.13
C ILE C 475 -10.12 25.25 28.36
N LEU C 476 -11.09 24.35 28.15
CA LEU C 476 -11.68 23.52 29.20
C LEU C 476 -11.27 22.08 28.89
N SER C 477 -10.36 21.53 29.70
CA SER C 477 -9.72 20.27 29.32
C SER C 477 -10.06 19.15 30.30
N GLY C 478 -10.14 17.94 29.75
CA GLY C 478 -10.46 16.76 30.53
C GLY C 478 -9.87 15.52 29.89
N GLY C 479 -9.57 14.53 30.74
CA GLY C 479 -9.01 13.27 30.29
C GLY C 479 -7.53 13.15 30.57
N CYS C 480 -6.88 12.30 29.78
CA CYS C 480 -5.43 12.14 29.87
C CYS C 480 -4.71 13.30 29.19
N GLY C 481 -5.32 13.90 28.16
CA GLY C 481 -4.79 15.16 27.66
C GLY C 481 -4.77 16.23 28.72
N ASN C 482 -5.72 16.19 29.66
CA ASN C 482 -5.69 17.11 30.79
C ASN C 482 -4.48 16.83 31.68
N HIS C 483 -4.13 15.56 31.86
CA HIS C 483 -2.92 15.22 32.59
C HIS C 483 -1.69 15.75 31.87
N ALA C 484 -1.67 15.62 30.54
CA ALA C 484 -0.57 16.17 29.76
C ALA C 484 -0.43 17.67 29.97
N LEU C 485 -1.56 18.39 29.92
CA LEU C 485 -1.52 19.84 30.12
C LEU C 485 -1.06 20.20 31.51
N GLU C 486 -1.51 19.45 32.53
CA GLU C 486 -1.11 19.73 33.90
C GLU C 486 0.39 19.50 34.10
N VAL C 487 0.92 18.41 33.54
CA VAL C 487 2.35 18.14 33.68
C VAL C 487 3.17 19.18 32.93
N ALA C 488 2.71 19.57 31.74
CA ALA C 488 3.42 20.59 30.96
C ALA C 488 3.38 21.97 31.62
N GLY C 489 2.54 22.16 32.62
CA GLY C 489 2.50 23.43 33.33
C GLY C 489 1.67 24.50 32.67
N LEU C 490 0.56 24.13 32.02
CA LEU C 490 -0.31 25.09 31.37
C LEU C 490 -1.61 25.30 32.14
N CYS C 491 -1.75 24.70 33.32
CA CYS C 491 -2.94 24.84 34.15
C CYS C 491 -2.63 25.57 35.45
N ASN C 492 -1.56 26.34 35.50
CA ASN C 492 -1.22 27.18 36.62
C ASN C 492 -1.14 28.64 36.16
N LEU C 493 -0.96 29.55 37.11
CA LEU C 493 -0.92 30.97 36.78
C LEU C 493 0.31 31.33 35.96
N ASP C 494 1.39 30.53 36.09
CA ASP C 494 2.59 30.79 35.29
C ASP C 494 2.31 30.74 33.80
N ALA C 495 1.30 29.97 33.38
CA ALA C 495 0.98 29.86 31.97
C ALA C 495 0.23 31.08 31.45
N ILE C 496 -0.15 32.03 32.31
CA ILE C 496 -0.83 33.23 31.84
C ILE C 496 0.05 34.00 30.86
N ASN C 497 1.38 33.91 31.03
CA ASN C 497 2.28 34.59 30.10
C ASN C 497 2.25 33.95 28.72
N LEU C 498 1.90 32.67 28.63
CA LEU C 498 1.86 31.97 27.35
C LEU C 498 0.57 32.19 26.58
N ALA C 499 -0.41 32.89 27.16
CA ALA C 499 -1.65 33.16 26.47
C ALA C 499 -1.56 34.46 25.67
N GLY C 500 -2.57 34.69 24.82
CA GLY C 500 -2.63 35.90 24.05
C GLY C 500 -2.94 37.10 24.92
N PRO C 501 -3.08 38.26 24.29
CA PRO C 501 -3.33 39.50 25.05
C PRO C 501 -4.64 39.47 25.84
N GLY C 502 -5.75 39.28 25.14
CA GLY C 502 -7.05 39.34 25.80
C GLY C 502 -7.26 38.21 26.79
N LEU C 503 -6.88 36.99 26.40
CA LEU C 503 -7.02 35.85 27.31
C LEU C 503 -6.19 36.04 28.56
N SER C 504 -4.96 36.55 28.41
CA SER C 504 -4.12 36.80 29.58
C SER C 504 -4.70 37.90 30.45
N GLU C 505 -5.28 38.94 29.83
CA GLU C 505 -5.92 40.00 30.61
C GLU C 505 -7.06 39.43 31.44
N VAL C 506 -7.91 38.61 30.82
CA VAL C 506 -9.05 38.04 31.54
C VAL C 506 -8.58 37.10 32.63
N CYS C 507 -7.54 36.30 32.35
CA CYS C 507 -7.03 35.37 33.36
C CYS C 507 -6.42 36.10 34.54
N ARG C 508 -5.71 37.20 34.28
CA ARG C 508 -5.16 37.99 35.37
C ARG C 508 -6.25 38.70 36.16
N ASN C 509 -7.34 39.09 35.48
CA ASN C 509 -8.47 39.69 36.20
C ASN C 509 -9.14 38.68 37.12
N LEU C 510 -9.34 37.45 36.63
CA LEU C 510 -10.03 36.42 37.40
C LEU C 510 -9.10 35.55 38.24
N ASN C 511 -7.78 35.72 38.08
CA ASN C 511 -6.79 34.88 38.77
C ASN C 511 -7.01 33.41 38.46
N ILE C 512 -7.08 33.08 37.17
CA ILE C 512 -7.30 31.72 36.71
C ILE C 512 -6.26 31.39 35.65
N PRO C 513 -5.99 30.11 35.43
CA PRO C 513 -5.05 29.72 34.36
C PRO C 513 -5.71 29.86 33.00
N PRO C 514 -4.91 29.87 31.92
CA PRO C 514 -5.53 29.86 30.58
C PRO C 514 -6.20 28.54 30.25
N VAL C 515 -5.73 27.44 30.83
CA VAL C 515 -6.33 26.12 30.66
C VAL C 515 -6.99 25.73 31.98
N LEU C 516 -8.26 25.37 31.91
CA LEU C 516 -9.03 24.98 33.10
C LEU C 516 -9.15 23.47 33.12
N SER C 517 -8.50 22.85 34.09
CA SER C 517 -8.55 21.40 34.26
C SER C 517 -9.92 21.00 34.78
N PHE C 518 -10.69 20.31 33.94
CA PHE C 518 -12.08 19.98 34.26
C PHE C 518 -12.27 18.50 34.62
N GLY C 519 -11.19 17.75 34.75
CA GLY C 519 -11.31 16.38 35.20
C GLY C 519 -11.07 15.34 34.13
N THR C 520 -12.07 14.52 33.89
CA THR C 520 -11.97 13.37 33.01
C THR C 520 -12.72 13.62 31.71
N CYS C 521 -12.53 12.70 30.77
CA CYS C 521 -13.40 12.66 29.60
C CYS C 521 -14.84 12.37 29.99
N THR C 522 -15.04 11.64 31.09
CA THR C 522 -16.36 11.43 31.64
C THR C 522 -17.05 12.74 32.01
N ASP C 523 -16.28 13.79 32.27
CA ASP C 523 -16.83 15.12 32.55
C ASP C 523 -17.28 15.85 31.28
N THR C 524 -17.32 15.16 30.13
CA THR C 524 -17.82 15.77 28.91
C THR C 524 -19.19 16.40 29.14
N GLY C 525 -20.13 15.62 29.66
CA GLY C 525 -21.43 16.17 30.01
C GLY C 525 -21.32 17.39 30.90
N ARG C 526 -20.44 17.32 31.91
CA ARG C 526 -20.20 18.48 32.77
C ARG C 526 -19.81 19.68 31.93
N ILE C 527 -18.82 19.51 31.04
CA ILE C 527 -18.42 20.60 30.16
C ILE C 527 -19.60 21.05 29.31
N SER C 528 -20.42 20.09 28.84
CA SER C 528 -21.58 20.45 28.06
C SER C 528 -22.49 21.41 28.83
N LEU C 529 -22.63 21.16 30.14
CA LEU C 529 -23.39 22.08 30.99
C LEU C 529 -22.95 23.51 30.75
N VAL C 530 -21.64 23.76 30.84
CA VAL C 530 -21.10 25.09 30.55
C VAL C 530 -21.65 25.59 29.22
N VAL C 531 -21.43 24.83 28.16
CA VAL C 531 -21.91 25.23 26.84
C VAL C 531 -23.41 25.49 26.88
N THR C 532 -24.15 24.58 27.51
CA THR C 532 -25.60 24.75 27.59
C THR C 532 -25.96 26.08 28.22
N ALA C 533 -25.29 26.43 29.32
CA ALA C 533 -25.52 27.72 29.95
C ALA C 533 -25.27 28.85 28.95
N LEU C 534 -24.15 28.78 28.23
CA LEU C 534 -23.88 29.80 27.22
C LEU C 534 -24.99 29.88 26.19
N ALA C 535 -25.56 28.73 25.82
CA ALA C 535 -26.65 28.74 24.85
C ALA C 535 -27.96 29.19 25.47
N ASN C 536 -28.14 29.02 26.78
CA ASN C 536 -29.42 29.36 27.39
C ASN C 536 -29.55 30.85 27.62
N ALA C 537 -28.49 31.51 28.10
CA ALA C 537 -28.55 32.94 28.34
C ALA C 537 -28.61 33.72 27.03
N LEU C 538 -27.88 33.29 26.01
CA LEU C 538 -27.84 33.97 24.74
C LEU C 538 -29.00 33.60 23.81
N ASN C 539 -29.76 32.57 24.14
CA ASN C 539 -30.86 32.09 23.30
C ASN C 539 -30.37 31.79 21.89
N VAL C 540 -29.24 31.07 21.81
CA VAL C 540 -28.67 30.64 20.55
C VAL C 540 -28.45 29.13 20.61
N ASP C 541 -28.35 28.53 19.42
CA ASP C 541 -28.09 27.11 19.35
C ASP C 541 -26.63 26.82 19.71
N THR C 542 -26.36 25.57 20.08
CA THR C 542 -25.00 25.17 20.39
C THR C 542 -24.11 25.19 19.15
N ALA C 543 -24.70 24.96 17.97
CA ALA C 543 -23.95 25.00 16.72
C ALA C 543 -23.64 26.41 16.24
N ASP C 544 -24.12 27.43 16.94
CA ASP C 544 -23.88 28.82 16.57
C ASP C 544 -22.95 29.54 17.56
N LEU C 545 -22.40 28.83 18.54
CA LEU C 545 -21.55 29.42 19.56
C LEU C 545 -20.08 29.37 19.15
N PRO C 546 -19.29 30.36 19.55
CA PRO C 546 -17.85 30.32 19.27
C PRO C 546 -17.14 29.29 20.13
N VAL C 547 -17.49 28.02 19.96
CA VAL C 547 -16.88 26.93 20.71
C VAL C 547 -16.44 25.84 19.74
N ALA C 548 -15.46 25.06 20.18
CA ALA C 548 -14.96 23.93 19.42
C ALA C 548 -14.53 22.85 20.39
N VAL C 549 -14.38 21.63 19.88
CA VAL C 549 -13.95 20.48 20.65
C VAL C 549 -12.79 19.84 19.91
N THR C 550 -11.77 19.39 20.65
CA THR C 550 -10.63 18.74 20.05
C THR C 550 -10.19 17.54 20.88
N ALA C 551 -9.91 16.44 20.20
CA ALA C 551 -9.26 15.26 20.78
C ALA C 551 -7.97 15.04 19.98
N PRO C 552 -6.91 15.79 20.30
CA PRO C 552 -5.72 15.77 19.43
C PRO C 552 -4.95 14.46 19.44
N MET C 553 -5.09 13.64 20.48
CA MET C 553 -4.36 12.37 20.57
C MET C 553 -5.26 11.30 21.19
N TYR C 554 -6.42 11.08 20.57
CA TYR C 554 -7.34 10.05 21.05
C TYR C 554 -6.73 8.67 20.85
N MET C 555 -7.24 7.71 21.62
CA MET C 555 -6.73 6.34 21.55
C MET C 555 -7.86 5.33 21.35
N GLU C 556 -8.73 5.17 22.35
CA GLU C 556 -9.81 4.20 22.35
C GLU C 556 -11.16 4.92 22.19
N GLN C 557 -12.23 4.30 22.70
CA GLN C 557 -13.59 4.74 22.42
C GLN C 557 -14.19 5.63 23.49
N LYS C 558 -13.59 5.70 24.68
CA LYS C 558 -14.07 6.66 25.67
C LYS C 558 -13.77 8.10 25.28
N ALA C 559 -13.14 8.32 24.14
CA ALA C 559 -12.99 9.63 23.52
C ALA C 559 -13.84 9.77 22.26
N THR C 560 -13.95 8.72 21.45
CA THR C 560 -14.75 8.82 20.23
C THR C 560 -16.25 8.84 20.55
N ILE C 561 -16.67 8.29 21.68
CA ILE C 561 -18.08 8.40 22.04
C ILE C 561 -18.41 9.84 22.43
N ASP C 562 -17.48 10.52 23.12
CA ASP C 562 -17.68 11.94 23.39
C ASP C 562 -17.59 12.77 22.11
N ALA C 563 -16.76 12.34 21.17
CA ALA C 563 -16.72 13.02 19.87
C ALA C 563 -18.04 12.86 19.13
N LEU C 564 -18.63 11.68 19.17
CA LEU C 564 -19.94 11.46 18.55
C LEU C 564 -21.02 12.28 19.25
N PHE C 565 -20.93 12.42 20.57
CA PHE C 565 -21.86 13.30 21.28
C PHE C 565 -21.70 14.74 20.82
N ALA C 566 -20.46 15.22 20.74
CA ALA C 566 -20.20 16.57 20.27
C ALA C 566 -20.74 16.78 18.87
N LEU C 567 -20.62 15.76 18.01
CA LEU C 567 -21.22 15.83 16.69
C LEU C 567 -22.74 15.97 16.78
N ALA C 568 -23.37 15.12 17.60
CA ALA C 568 -24.81 15.28 17.84
C ALA C 568 -25.12 16.60 18.52
N TYR C 569 -24.21 17.07 19.39
CA TYR C 569 -24.36 18.36 20.04
C TYR C 569 -24.18 19.54 19.07
N GLY C 570 -23.70 19.28 17.86
CA GLY C 570 -23.56 20.32 16.87
C GLY C 570 -22.27 21.12 16.94
N LEU C 571 -21.19 20.52 17.41
CA LEU C 571 -19.94 21.24 17.61
C LEU C 571 -18.89 20.81 16.60
N TYR C 572 -18.04 21.77 16.23
CA TYR C 572 -16.83 21.51 15.45
C TYR C 572 -15.91 20.60 16.24
N THR C 573 -15.84 19.32 15.88
CA THR C 573 -15.08 18.33 16.62
C THR C 573 -13.88 17.91 15.80
N HIS C 574 -12.69 18.34 16.21
CA HIS C 574 -11.44 17.90 15.61
C HIS C 574 -10.97 16.64 16.31
N VAL C 575 -10.55 15.65 15.53
CA VAL C 575 -10.09 14.37 16.06
C VAL C 575 -8.78 14.00 15.36
N ALA C 576 -7.75 13.75 16.17
CA ALA C 576 -6.46 13.30 15.66
C ALA C 576 -5.97 12.19 16.58
N PRO C 577 -5.36 11.12 16.04
CA PRO C 577 -5.16 10.87 14.61
C PRO C 577 -6.45 10.50 13.87
N ASP C 578 -6.33 10.04 12.63
CA ASP C 578 -7.51 9.74 11.84
C ASP C 578 -8.24 8.51 12.40
N PRO C 579 -9.55 8.59 12.61
CA PRO C 579 -10.31 7.37 12.89
C PRO C 579 -10.35 6.48 11.66
N PRO C 580 -10.46 5.16 11.83
CA PRO C 580 -10.45 4.26 10.67
C PRO C 580 -11.68 4.42 9.80
N VAL C 581 -11.76 5.50 9.03
CA VAL C 581 -12.94 5.78 8.22
C VAL C 581 -12.54 6.31 6.84
N MET C 582 -11.27 6.68 6.67
CA MET C 582 -10.86 7.38 5.46
C MET C 582 -10.94 6.51 4.22
N GLY C 583 -11.05 5.19 4.37
CA GLY C 583 -11.27 4.32 3.23
C GLY C 583 -12.67 4.34 2.69
N ALA C 584 -13.56 5.11 3.30
CA ALA C 584 -14.96 5.23 2.87
C ALA C 584 -15.23 6.67 2.50
N PRO C 585 -15.23 7.03 1.21
CA PRO C 585 -15.37 8.44 0.84
C PRO C 585 -16.69 9.07 1.27
N ASN C 586 -17.80 8.34 1.14
CA ASN C 586 -19.10 8.89 1.50
C ASN C 586 -19.19 9.14 2.99
N LEU C 587 -18.65 8.25 3.82
CA LEU C 587 -18.64 8.48 5.26
C LEU C 587 -17.77 9.69 5.62
N VAL C 588 -16.65 9.86 4.92
CA VAL C 588 -15.79 11.02 5.15
C VAL C 588 -16.55 12.30 4.83
N LYS C 589 -17.23 12.34 3.68
CA LYS C 589 -17.99 13.53 3.30
C LYS C 589 -19.14 13.77 4.26
N LEU C 590 -19.76 12.71 4.78
CA LEU C 590 -20.84 12.87 5.74
C LEU C 590 -20.33 13.47 7.05
N LEU C 591 -19.21 12.96 7.56
CA LEU C 591 -18.72 13.40 8.86
C LEU C 591 -17.99 14.73 8.81
N THR C 592 -17.44 15.12 7.65
CA THR C 592 -16.64 16.32 7.56
C THR C 592 -17.29 17.45 6.76
N ARG C 593 -18.34 17.16 6.00
CA ARG C 593 -18.95 18.19 5.15
C ARG C 593 -20.46 18.22 5.23
N ASP C 594 -21.11 17.05 5.26
CA ASP C 594 -22.57 17.01 5.26
C ASP C 594 -23.17 17.20 6.65
N LEU C 595 -22.42 16.87 7.70
CA LEU C 595 -22.96 16.95 9.05
C LEU C 595 -23.35 18.37 9.48
N PRO C 596 -22.69 19.45 9.08
CA PRO C 596 -23.19 20.79 9.43
C PRO C 596 -24.61 21.06 8.96
N SER C 597 -25.11 20.29 7.99
CA SER C 597 -26.48 20.45 7.51
C SER C 597 -27.48 19.57 8.26
N ILE C 598 -27.01 18.68 9.13
CA ILE C 598 -27.88 17.75 9.83
C ILE C 598 -27.92 18.09 11.31
N THR C 599 -26.80 17.88 12.01
CA THR C 599 -26.72 18.17 13.43
C THR C 599 -26.05 19.50 13.74
N GLY C 600 -25.33 20.08 12.76
CA GLY C 600 -24.64 21.33 12.94
C GLY C 600 -23.14 21.21 13.07
N GLY C 601 -22.66 20.09 13.63
CA GLY C 601 -21.24 19.88 13.82
C GLY C 601 -20.59 19.22 12.62
N ARG C 602 -19.29 18.95 12.77
CA ARG C 602 -18.52 18.27 11.73
C ARG C 602 -17.24 17.75 12.37
N ILE C 603 -16.52 16.93 11.60
CA ILE C 603 -15.27 16.30 12.05
C ILE C 603 -14.12 16.95 11.30
N ALA C 604 -13.16 17.48 12.05
CA ALA C 604 -11.92 18.01 11.50
C ALA C 604 -10.78 17.03 11.77
N VAL C 605 -9.75 17.09 10.93
CA VAL C 605 -8.62 16.18 11.00
C VAL C 605 -7.33 16.97 10.95
N GLY C 606 -6.22 16.27 11.17
CA GLY C 606 -4.90 16.88 11.16
C GLY C 606 -4.19 16.80 12.48
N SER C 607 -2.87 16.59 12.45
CA SER C 607 -2.07 16.51 13.66
C SER C 607 -1.02 17.60 13.75
N ASP C 608 -1.06 18.58 12.85
CA ASP C 608 -0.15 19.71 12.93
C ASP C 608 -0.75 20.77 13.86
N PRO C 609 -0.07 21.10 14.97
CA PRO C 609 -0.71 21.97 15.98
C PRO C 609 -1.11 23.34 15.46
N VAL C 610 -0.23 24.00 14.72
CA VAL C 610 -0.53 25.35 14.27
C VAL C 610 -1.70 25.34 13.28
N LYS C 611 -1.72 24.38 12.35
CA LYS C 611 -2.80 24.35 11.37
C LYS C 611 -4.12 23.97 12.02
N VAL C 612 -4.10 23.05 12.98
CA VAL C 612 -5.33 22.69 13.68
C VAL C 612 -5.86 23.87 14.49
N ALA C 613 -4.97 24.57 15.18
CA ALA C 613 -5.39 25.74 15.94
C ALA C 613 -5.92 26.84 15.03
N ASP C 614 -5.32 26.99 13.84
CA ASP C 614 -5.80 27.99 12.90
C ASP C 614 -7.17 27.63 12.34
N ASP C 615 -7.40 26.34 12.06
CA ASP C 615 -8.71 25.93 11.60
C ASP C 615 -9.77 26.11 12.68
N ILE C 616 -9.43 25.76 13.93
CA ILE C 616 -10.34 25.99 15.04
C ILE C 616 -10.65 27.47 15.18
N LEU C 617 -9.63 28.32 15.06
CA LEU C 617 -9.83 29.77 15.18
C LEU C 617 -10.66 30.31 14.03
N ALA C 618 -10.49 29.74 12.82
CA ALA C 618 -11.29 30.17 11.69
C ALA C 618 -12.76 29.82 11.89
N HIS C 619 -13.05 28.62 12.39
CA HIS C 619 -14.42 28.25 12.70
C HIS C 619 -14.99 29.15 13.80
N ILE C 620 -14.18 29.43 14.82
CA ILE C 620 -14.63 30.30 15.91
C ILE C 620 -14.95 31.70 15.40
N ASN C 621 -14.12 32.23 14.49
CA ASN C 621 -14.37 33.55 13.95
C ASN C 621 -15.56 33.56 13.00
N ASP C 622 -15.81 32.45 12.30
CA ASP C 622 -17.03 32.33 11.50
C ASP C 622 -18.26 32.41 12.40
N ARG C 623 -18.25 31.65 13.49
CA ARG C 623 -19.35 31.71 14.44
C ARG C 623 -19.52 33.13 15.00
N ARG C 624 -18.41 33.80 15.32
CA ARG C 624 -18.47 35.16 15.84
C ARG C 624 -19.05 36.12 14.82
N ALA C 625 -18.65 35.99 13.55
CA ALA C 625 -19.15 36.87 12.51
C ALA C 625 -20.64 36.67 12.30
N LYS C 626 -21.12 35.43 12.37
CA LYS C 626 -22.55 35.20 12.24
C LYS C 626 -23.32 35.66 13.48
N LEU C 627 -22.64 35.94 14.59
CA LEU C 627 -23.25 36.57 15.75
C LEU C 627 -23.17 38.09 15.70
N GLY C 628 -22.43 38.65 14.75
CA GLY C 628 -22.27 40.09 14.70
C GLY C 628 -21.33 40.65 15.74
N ILE C 629 -20.36 39.86 16.21
CA ILE C 629 -19.43 40.30 17.22
C ILE C 629 -18.00 40.23 16.69
N MET D 1 -19.09 -20.11 -12.87
CA MET D 1 -18.09 -19.07 -12.69
C MET D 1 -17.62 -19.02 -11.24
N ALA D 2 -18.57 -18.86 -10.32
CA ALA D 2 -18.24 -18.76 -8.91
C ALA D 2 -17.56 -20.04 -8.42
N THR D 3 -16.70 -19.88 -7.41
CA THR D 3 -15.97 -21.02 -6.88
C THR D 3 -16.92 -22.04 -6.27
N LYS D 4 -17.93 -21.58 -5.54
CA LYS D 4 -18.82 -22.47 -4.81
C LYS D 4 -20.26 -22.00 -4.98
N THR D 5 -21.15 -22.96 -5.21
CA THR D 5 -22.54 -22.66 -5.53
C THR D 5 -23.46 -23.10 -4.40
N SER D 6 -24.17 -24.20 -4.63
CA SER D 6 -25.07 -24.78 -3.63
C SER D 6 -25.20 -26.26 -3.91
N ILE D 7 -25.76 -26.98 -2.93
CA ILE D 7 -26.15 -28.37 -3.14
C ILE D 7 -27.63 -28.49 -3.49
N HIS D 8 -28.35 -27.37 -3.50
CA HIS D 8 -29.76 -27.37 -3.87
C HIS D 8 -29.90 -26.84 -5.29
N PRO D 9 -30.41 -27.65 -6.23
CA PRO D 9 -30.44 -27.21 -7.64
C PRO D 9 -31.31 -26.00 -7.91
N SER D 10 -32.29 -25.70 -7.05
CA SER D 10 -33.10 -24.50 -7.26
C SER D 10 -32.26 -23.25 -7.08
N VAL D 11 -31.44 -23.22 -6.02
CA VAL D 11 -30.52 -22.11 -5.81
C VAL D 11 -29.51 -22.04 -6.95
N ASN D 12 -29.12 -23.18 -7.51
CA ASN D 12 -28.23 -23.18 -8.66
C ASN D 12 -28.88 -22.51 -9.87
N GLU D 13 -30.13 -22.89 -10.16
CA GLU D 13 -30.86 -22.30 -11.27
C GLU D 13 -31.00 -20.79 -11.09
N LEU D 14 -31.38 -20.36 -9.90
CA LEU D 14 -31.58 -18.92 -9.68
C LEU D 14 -30.26 -18.16 -9.63
N TYR D 15 -29.18 -18.80 -9.19
CA TYR D 15 -27.87 -18.18 -9.30
C TYR D 15 -27.49 -17.99 -10.76
N GLN D 16 -27.80 -18.98 -11.60
CA GLN D 16 -27.54 -18.81 -13.03
C GLN D 16 -28.35 -17.67 -13.61
N ARG D 17 -29.60 -17.52 -13.17
CA ARG D 17 -30.39 -16.36 -13.58
C ARG D 17 -29.71 -15.06 -13.16
N LEU D 18 -29.32 -14.95 -11.88
CA LEU D 18 -28.68 -13.73 -11.39
C LEU D 18 -27.38 -13.44 -12.14
N ALA D 19 -26.64 -14.49 -12.48
CA ALA D 19 -25.39 -14.32 -13.22
C ALA D 19 -25.64 -13.88 -14.66
N GLU D 20 -26.76 -14.31 -15.25
CA GLU D 20 -27.11 -13.84 -16.58
C GLU D 20 -27.49 -12.37 -16.58
N ASP D 21 -28.02 -11.87 -15.47
CA ASP D 21 -28.44 -10.48 -15.36
C ASP D 21 -27.32 -9.56 -14.86
N GLN D 22 -26.11 -10.08 -14.65
CA GLN D 22 -24.97 -9.29 -14.19
C GLN D 22 -25.27 -8.58 -12.87
N LEU D 23 -25.96 -9.27 -11.97
CA LEU D 23 -26.24 -8.77 -10.64
C LEU D 23 -25.28 -9.40 -9.64
N SER D 24 -24.80 -8.59 -8.70
CA SER D 24 -23.88 -9.09 -7.69
C SER D 24 -24.61 -9.98 -6.69
N ASN D 25 -23.87 -10.96 -6.17
CA ASN D 25 -24.43 -11.92 -5.23
C ASN D 25 -23.31 -12.46 -4.34
N CYS D 26 -23.71 -13.14 -3.26
CA CYS D 26 -22.73 -13.65 -2.32
C CYS D 26 -21.80 -14.67 -2.97
N PHE D 27 -22.36 -15.57 -3.78
CA PHE D 27 -21.56 -16.61 -4.41
C PHE D 27 -20.48 -16.01 -5.32
N ASP D 28 -20.82 -14.95 -6.06
CA ASP D 28 -19.84 -14.32 -6.93
C ASP D 28 -18.89 -13.42 -6.16
N ARG D 29 -19.38 -12.73 -5.12
CA ARG D 29 -18.51 -11.88 -4.33
C ARG D 29 -17.52 -12.68 -3.50
N PHE D 30 -17.77 -13.97 -3.29
CA PHE D 30 -16.84 -14.78 -2.51
C PHE D 30 -15.49 -14.89 -3.18
N ASP D 31 -15.45 -14.92 -4.52
CA ASP D 31 -14.18 -15.15 -5.22
C ASP D 31 -13.21 -13.98 -5.09
N PRO D 32 -13.59 -12.73 -5.37
CA PRO D 32 -12.63 -11.63 -5.21
C PRO D 32 -12.18 -11.41 -3.78
N GLN D 33 -12.95 -11.88 -2.79
CA GLN D 33 -12.53 -11.75 -1.40
C GLN D 33 -11.48 -12.80 -1.04
N GLU D 34 -11.60 -14.01 -1.60
CA GLU D 34 -10.55 -15.01 -1.43
C GLU D 34 -9.29 -14.67 -2.20
N LYS D 35 -9.34 -13.65 -3.05
CA LYS D 35 -8.13 -13.20 -3.75
C LYS D 35 -7.10 -12.66 -2.77
N ILE D 36 -7.54 -11.94 -1.74
CA ILE D 36 -6.66 -11.18 -0.86
C ILE D 36 -6.96 -11.45 0.60
N ARG D 37 -7.33 -12.69 0.93
CA ARG D 37 -7.64 -13.03 2.32
C ARG D 37 -6.42 -12.82 3.21
N CYS D 38 -6.61 -12.04 4.27
CA CYS D 38 -5.56 -11.75 5.23
C CYS D 38 -5.35 -12.94 6.15
N ASN D 39 -4.10 -13.41 6.24
CA ASN D 39 -3.80 -14.55 7.11
C ASN D 39 -3.91 -14.15 8.58
N TYR D 40 -3.53 -12.92 8.91
CA TYR D 40 -3.61 -12.45 10.29
C TYR D 40 -5.05 -12.47 10.80
N CYS D 41 -5.97 -11.84 10.08
CA CYS D 41 -7.36 -11.84 10.51
C CYS D 41 -7.97 -13.23 10.46
N GLU D 42 -7.53 -14.07 9.52
CA GLU D 42 -8.03 -15.44 9.45
C GLU D 42 -7.66 -16.21 10.71
N LEU D 43 -6.41 -16.11 11.14
CA LEU D 43 -5.99 -16.76 12.36
C LEU D 43 -6.41 -16.01 13.62
N GLY D 44 -6.87 -14.77 13.49
CA GLY D 44 -7.30 -14.01 14.65
C GLY D 44 -6.18 -13.38 15.44
N VAL D 45 -5.06 -13.06 14.80
CA VAL D 45 -3.93 -12.44 15.49
C VAL D 45 -3.77 -11.00 15.01
N SER D 46 -4.90 -10.33 14.78
CA SER D 46 -4.92 -8.90 14.47
C SER D 46 -5.94 -8.21 15.35
N CYS D 47 -5.75 -6.90 15.54
CA CYS D 47 -6.64 -6.13 16.39
C CYS D 47 -6.71 -4.70 15.89
N GLN D 48 -7.89 -4.11 15.98
CA GLN D 48 -8.15 -2.75 15.48
C GLN D 48 -8.98 -1.97 16.49
N LEU D 49 -8.65 -2.09 17.77
CA LEU D 49 -9.50 -1.55 18.82
C LEU D 49 -9.12 -0.14 19.27
N CYS D 50 -7.92 0.34 18.97
CA CYS D 50 -7.54 1.68 19.37
C CYS D 50 -6.63 2.30 18.34
N SER D 51 -6.30 3.57 18.55
CA SER D 51 -5.53 4.33 17.57
C SER D 51 -4.06 3.93 17.55
N ASN D 52 -3.56 3.31 18.62
CA ASN D 52 -2.19 2.80 18.60
C ASN D 52 -2.02 1.61 17.67
N GLY D 53 -3.08 1.17 17.00
CA GLY D 53 -2.99 0.11 16.02
C GLY D 53 -3.12 0.63 14.61
N PRO D 54 -3.57 -0.22 13.68
CA PRO D 54 -3.91 -1.63 13.90
C PRO D 54 -2.67 -2.51 14.03
N CYS D 55 -2.75 -3.55 14.84
CA CYS D 55 -1.60 -4.35 15.18
C CYS D 55 -1.81 -5.81 14.79
N ARG D 56 -0.69 -6.52 14.67
CA ARG D 56 -0.69 -7.93 14.32
C ARG D 56 0.32 -8.65 15.20
N ILE D 57 0.15 -9.97 15.30
CA ILE D 57 1.07 -10.83 16.03
C ILE D 57 1.97 -11.52 15.01
N ASN D 58 3.27 -11.23 15.07
CA ASN D 58 4.23 -11.79 14.13
C ASN D 58 5.58 -11.83 14.84
N GLU D 59 5.99 -13.03 15.27
CA GLU D 59 7.15 -13.14 16.15
C GLU D 59 8.47 -13.02 15.41
N LYS D 60 8.54 -13.48 14.16
CA LYS D 60 9.80 -13.41 13.43
C LYS D 60 10.21 -11.99 13.08
N VAL D 61 9.26 -11.04 13.08
CA VAL D 61 9.58 -9.64 12.82
C VAL D 61 9.62 -8.81 14.09
N GLY D 62 9.44 -9.44 15.26
CA GLY D 62 9.46 -8.71 16.52
C GLY D 62 8.12 -8.21 17.01
N ALA D 63 7.03 -8.50 16.28
CA ALA D 63 5.70 -8.07 16.68
C ALA D 63 5.06 -9.10 17.60
N THR D 64 5.73 -9.34 18.73
CA THR D 64 5.28 -10.37 19.66
C THR D 64 3.97 -9.97 20.34
N LEU D 65 3.84 -8.69 20.68
CA LEU D 65 2.66 -8.19 21.38
C LEU D 65 2.15 -6.93 20.69
N GLY D 66 0.92 -6.57 21.00
CA GLY D 66 0.39 -5.30 20.56
C GLY D 66 1.06 -4.15 21.30
N VAL D 67 0.85 -2.94 20.78
CA VAL D 67 1.41 -1.75 21.42
C VAL D 67 0.89 -1.61 22.84
N CYS D 68 -0.34 -2.05 23.09
CA CYS D 68 -0.85 -2.09 24.46
C CYS D 68 -0.05 -3.06 25.31
N GLY D 69 0.16 -4.28 24.81
CA GLY D 69 0.89 -5.30 25.55
C GLY D 69 0.19 -6.64 25.54
N ILE D 70 -0.95 -6.72 24.86
CA ILE D 70 -1.71 -7.96 24.81
C ILE D 70 -0.98 -8.98 23.95
N ASN D 71 -1.18 -10.25 24.25
CA ASN D 71 -0.59 -11.34 23.48
C ASN D 71 -1.63 -11.88 22.50
N ALA D 72 -1.23 -12.88 21.71
CA ALA D 72 -2.11 -13.43 20.69
C ALA D 72 -3.35 -14.08 21.31
N ASP D 73 -3.17 -14.78 22.43
CA ASP D 73 -4.30 -15.43 23.09
C ASP D 73 -5.34 -14.42 23.54
N GLY D 74 -4.92 -13.41 24.30
CA GLY D 74 -5.84 -12.40 24.76
C GLY D 74 -6.49 -11.63 23.62
N MET D 75 -5.70 -11.31 22.58
CA MET D 75 -6.24 -10.59 21.44
C MET D 75 -7.34 -11.38 20.74
N ALA D 76 -7.07 -12.65 20.45
CA ALA D 76 -8.08 -13.49 19.78
C ALA D 76 -9.33 -13.63 20.63
N MET D 77 -9.16 -13.98 21.91
CA MET D 77 -10.34 -14.17 22.76
C MET D 77 -11.11 -12.87 22.97
N ARG D 78 -10.40 -11.73 22.98
CA ARG D 78 -11.06 -10.45 23.15
C ARG D 78 -11.92 -10.10 21.95
N TYR D 79 -11.38 -10.30 20.74
CA TYR D 79 -12.19 -10.05 19.55
C TYR D 79 -13.41 -10.98 19.51
N MET D 80 -13.20 -12.25 19.87
CA MET D 80 -14.33 -13.19 19.88
C MET D 80 -15.41 -12.74 20.85
N LEU D 81 -15.02 -12.35 22.07
CA LEU D 81 -15.99 -11.88 23.06
C LEU D 81 -16.71 -10.63 22.59
N LEU D 82 -15.95 -9.69 22.01
CA LEU D 82 -16.54 -8.44 21.54
C LEU D 82 -17.63 -8.69 20.51
N ARG D 83 -17.36 -9.56 19.54
CA ARG D 83 -18.40 -9.80 18.54
C ARG D 83 -19.50 -10.73 19.03
N ASN D 84 -19.24 -11.57 20.04
CA ASN D 84 -20.32 -12.37 20.61
C ASN D 84 -21.30 -11.51 21.41
N VAL D 85 -20.82 -10.37 21.91
CA VAL D 85 -21.74 -9.39 22.49
C VAL D 85 -22.87 -9.07 21.52
N MET D 86 -22.59 -9.06 20.22
CA MET D 86 -23.62 -8.73 19.24
C MET D 86 -24.72 -9.80 19.17
N GLY D 87 -24.32 -11.07 19.18
CA GLY D 87 -25.33 -12.13 19.19
C GLY D 87 -26.16 -12.11 20.46
N THR D 88 -25.50 -11.89 21.61
CA THR D 88 -26.25 -11.73 22.85
C THR D 88 -27.22 -10.56 22.77
N SER D 89 -26.81 -9.48 22.09
CA SER D 89 -27.69 -8.33 21.93
C SER D 89 -28.89 -8.66 21.07
N THR D 90 -28.69 -9.41 19.98
CA THR D 90 -29.81 -9.81 19.14
C THR D 90 -30.81 -10.64 19.94
N TYR D 91 -30.30 -11.60 20.72
CA TYR D 91 -31.20 -12.44 21.51
C TYR D 91 -31.94 -11.63 22.58
N THR D 92 -31.25 -10.68 23.20
CA THR D 92 -31.89 -9.85 24.23
C THR D 92 -32.96 -8.95 23.62
N TYR D 93 -32.68 -8.38 22.45
CA TYR D 93 -33.67 -7.59 21.72
C TYR D 93 -34.91 -8.43 21.41
N HIS D 94 -34.69 -9.64 20.88
CA HIS D 94 -35.80 -10.53 20.56
C HIS D 94 -36.62 -10.84 21.81
N ALA D 95 -35.96 -11.14 22.93
CA ALA D 95 -36.67 -11.51 24.15
C ALA D 95 -37.47 -10.33 24.70
N TYR D 96 -36.86 -9.14 24.71
CA TYR D 96 -37.57 -7.95 25.19
C TYR D 96 -38.80 -7.67 24.34
N GLU D 97 -38.68 -7.80 23.02
CA GLU D 97 -39.83 -7.58 22.16
C GLU D 97 -40.90 -8.64 22.37
N ALA D 98 -40.48 -9.90 22.62
CA ALA D 98 -41.45 -10.96 22.90
C ALA D 98 -42.23 -10.66 24.17
N TYR D 99 -41.54 -10.26 25.23
CA TYR D 99 -42.22 -9.96 26.49
C TYR D 99 -43.14 -8.76 26.33
N LYS D 100 -42.69 -7.74 25.58
CA LYS D 100 -43.53 -6.57 25.34
C LYS D 100 -44.78 -6.92 24.55
N THR D 101 -44.63 -7.76 23.53
CA THR D 101 -45.78 -8.18 22.74
C THR D 101 -46.76 -8.98 23.56
N LEU D 102 -46.25 -9.87 24.43
CA LEU D 102 -47.14 -10.61 25.33
C LEU D 102 -47.89 -9.66 26.25
N LYS D 103 -47.19 -8.65 26.80
CA LYS D 103 -47.84 -7.71 27.70
C LYS D 103 -48.95 -6.93 26.98
N MET D 104 -48.66 -6.43 25.78
CA MET D 104 -49.66 -5.67 25.05
C MET D 104 -50.78 -6.56 24.52
N THR D 105 -50.53 -7.85 24.31
CA THR D 105 -51.59 -8.77 23.93
C THR D 105 -52.52 -9.04 25.11
N ALA D 106 -51.97 -9.19 26.31
CA ALA D 106 -52.80 -9.33 27.49
C ALA D 106 -53.63 -8.09 27.77
N LEU D 107 -53.29 -6.95 27.17
CA LEU D 107 -54.06 -5.73 27.29
C LEU D 107 -54.96 -5.47 26.09
N GLY D 108 -55.04 -6.42 25.16
CA GLY D 108 -55.95 -6.32 24.04
C GLY D 108 -55.58 -5.34 22.96
N ASN D 109 -54.33 -4.85 22.95
CA ASN D 109 -53.89 -3.87 21.98
C ASN D 109 -53.12 -4.50 20.82
N THR D 110 -53.24 -5.81 20.63
CA THR D 110 -52.60 -6.51 19.54
C THR D 110 -53.62 -7.48 18.93
N PRO D 111 -53.40 -7.89 17.68
CA PRO D 111 -54.27 -8.94 17.11
C PRO D 111 -54.04 -10.32 17.69
N PHE D 112 -52.95 -10.52 18.43
CA PHE D 112 -52.60 -11.84 18.94
C PHE D 112 -53.48 -12.20 20.14
N THR D 113 -53.38 -13.46 20.55
CA THR D 113 -54.13 -13.98 21.69
C THR D 113 -53.21 -14.86 22.52
N ILE D 114 -53.73 -15.29 23.67
CA ILE D 114 -53.02 -16.23 24.54
C ILE D 114 -53.50 -17.62 24.13
N THR D 115 -52.76 -18.25 23.20
CA THR D 115 -53.20 -19.53 22.66
C THR D 115 -53.00 -20.65 23.66
N ASP D 116 -51.79 -20.79 24.18
CA ASP D 116 -51.46 -21.88 25.10
C ASP D 116 -51.52 -21.32 26.53
N LYS D 117 -52.68 -21.47 27.16
CA LYS D 117 -52.84 -21.03 28.54
C LYS D 117 -52.28 -22.05 29.52
N ASP D 118 -52.29 -23.33 29.14
CA ASP D 118 -51.67 -24.36 29.98
C ASP D 118 -50.19 -24.07 30.20
N LYS D 119 -49.48 -23.72 29.12
CA LYS D 119 -48.06 -23.38 29.25
C LYS D 119 -47.87 -22.13 30.09
N LEU D 120 -48.75 -21.15 29.93
CA LEU D 120 -48.66 -19.93 30.75
C LEU D 120 -48.77 -20.26 32.23
N TYR D 121 -49.82 -21.01 32.61
CA TYR D 121 -50.01 -21.31 34.03
C TYR D 121 -48.93 -22.24 34.56
N GLN D 122 -48.47 -23.19 33.74
CA GLN D 122 -47.42 -24.09 34.19
C GLN D 122 -46.10 -23.34 34.41
N MET D 123 -45.75 -22.44 33.49
CA MET D 123 -44.53 -21.66 33.65
C MET D 123 -44.63 -20.70 34.82
N ALA D 124 -45.82 -20.13 35.05
CA ALA D 124 -46.00 -19.24 36.20
C ALA D 124 -45.90 -20.01 37.51
N LYS D 125 -46.45 -21.23 37.55
CA LYS D 125 -46.38 -22.03 38.77
C LYS D 125 -44.97 -22.56 39.01
N ASP D 126 -44.20 -22.78 37.94
CA ASP D 126 -42.80 -23.16 38.09
C ASP D 126 -41.90 -21.98 38.45
N LEU D 127 -42.39 -20.74 38.30
CA LEU D 127 -41.64 -19.55 38.68
C LEU D 127 -42.16 -18.92 39.96
N GLU D 128 -43.09 -19.60 40.66
CA GLU D 128 -43.64 -19.13 41.93
C GLU D 128 -44.28 -17.75 41.82
N LEU D 129 -44.88 -17.46 40.66
CA LEU D 129 -45.59 -16.20 40.45
C LEU D 129 -46.98 -16.30 41.07
N ASN D 130 -47.73 -15.20 41.00
CA ASN D 130 -49.11 -15.18 41.45
C ASN D 130 -50.02 -15.62 40.31
N THR D 131 -50.98 -16.50 40.61
CA THR D 131 -51.78 -17.13 39.58
C THR D 131 -53.24 -16.68 39.58
N GLU D 132 -53.67 -15.89 40.56
CA GLU D 132 -55.07 -15.48 40.60
C GLU D 132 -55.34 -14.40 39.55
N GLY D 133 -56.63 -14.16 39.32
CA GLY D 133 -57.04 -13.21 38.31
C GLY D 133 -57.25 -13.87 36.95
N LYS D 134 -57.48 -13.02 35.96
CA LYS D 134 -57.65 -13.49 34.60
C LYS D 134 -56.35 -14.06 34.04
N PRO D 135 -56.42 -14.90 33.02
CA PRO D 135 -55.19 -15.35 32.36
C PRO D 135 -54.33 -14.21 31.84
N GLU D 136 -54.95 -13.10 31.44
CA GLU D 136 -54.18 -11.94 30.99
C GLU D 136 -53.37 -11.33 32.13
N ASP D 137 -53.90 -11.36 33.36
CA ASP D 137 -53.16 -10.81 34.49
C ASP D 137 -51.92 -11.63 34.79
N VAL D 138 -52.04 -12.97 34.81
CA VAL D 138 -50.87 -13.79 35.05
C VAL D 138 -49.92 -13.71 33.85
N ALA D 139 -50.44 -13.45 32.65
CA ALA D 139 -49.57 -13.21 31.51
C ALA D 139 -48.73 -11.95 31.70
N VAL D 140 -49.34 -10.88 32.19
CA VAL D 140 -48.60 -9.65 32.47
C VAL D 140 -47.59 -9.87 33.60
N ARG D 141 -47.98 -10.66 34.61
CA ARG D 141 -47.05 -10.99 35.69
C ARG D 141 -45.82 -11.70 35.16
N LEU D 142 -46.03 -12.71 34.32
CA LEU D 142 -44.90 -13.43 33.71
C LEU D 142 -44.07 -12.51 32.83
N SER D 143 -44.73 -11.61 32.10
CA SER D 143 -44.02 -10.64 31.27
C SER D 143 -43.07 -9.80 32.10
N ASP D 144 -43.58 -9.23 33.19
CA ASP D 144 -42.74 -8.40 34.05
C ASP D 144 -41.62 -9.21 34.69
N PHE D 145 -41.90 -10.47 35.05
CA PHE D 145 -40.86 -11.28 35.68
C PHE D 145 -39.73 -11.60 34.71
N LEU D 146 -40.08 -11.92 33.45
CA LEU D 146 -39.03 -12.22 32.48
C LEU D 146 -38.28 -10.95 32.08
N ILE D 147 -38.95 -9.81 32.06
CA ILE D 147 -38.25 -8.55 31.86
C ILE D 147 -37.27 -8.29 33.00
N TRP D 148 -37.68 -8.61 34.24
CA TRP D 148 -36.77 -8.51 35.38
C TRP D 148 -35.58 -9.44 35.21
N GLU D 149 -35.82 -10.65 34.70
CA GLU D 149 -34.73 -11.56 34.37
C GLU D 149 -33.75 -10.91 33.41
N LEU D 150 -34.28 -10.21 32.40
CA LEU D 150 -33.42 -9.47 31.48
C LEU D 150 -32.62 -8.40 32.21
N TYR D 151 -33.25 -7.68 33.14
CA TYR D 151 -32.65 -6.52 33.79
C TYR D 151 -31.83 -6.87 35.03
N ARG D 152 -31.66 -8.16 35.35
CA ARG D 152 -30.97 -8.54 36.58
C ARG D 152 -29.54 -8.00 36.60
N ASP D 153 -29.04 -7.72 37.80
CA ASP D 153 -27.68 -7.24 37.98
C ASP D 153 -26.81 -8.35 38.55
N TYR D 154 -25.55 -8.02 38.83
CA TYR D 154 -24.54 -9.02 39.15
C TYR D 154 -24.79 -9.76 40.45
N ASP D 155 -25.55 -9.18 41.37
CA ASP D 155 -25.74 -9.78 42.70
C ASP D 155 -27.21 -10.14 42.96
N GLU D 156 -27.96 -10.44 41.91
CA GLU D 156 -29.35 -10.83 42.06
C GLU D 156 -29.53 -12.28 41.62
N PRO D 157 -29.92 -13.19 42.52
CA PRO D 157 -30.04 -14.61 42.15
C PRO D 157 -31.17 -14.82 41.16
N GLY D 158 -30.84 -15.43 40.02
CA GLY D 158 -31.84 -15.69 39.00
C GLY D 158 -32.67 -16.92 39.31
N LYS D 159 -33.94 -16.86 38.91
CA LYS D 159 -34.87 -17.97 39.09
C LYS D 159 -34.98 -18.87 37.87
N MET D 160 -34.85 -18.31 36.66
CA MET D 160 -34.94 -19.12 35.45
C MET D 160 -33.84 -20.16 35.38
N ILE D 161 -32.65 -19.84 35.89
CA ILE D 161 -31.56 -20.80 35.82
C ILE D 161 -31.72 -21.90 36.87
N GLU D 162 -32.44 -21.63 37.96
CA GLU D 162 -32.69 -22.67 38.95
C GLU D 162 -33.75 -23.66 38.47
N VAL D 163 -34.67 -23.21 37.62
CA VAL D 163 -35.80 -24.04 37.20
C VAL D 163 -35.45 -24.90 35.99
N TYR D 164 -34.75 -24.34 35.00
CA TYR D 164 -34.55 -25.01 33.72
C TYR D 164 -33.13 -25.53 33.54
N ALA D 165 -32.39 -25.74 34.62
CA ALA D 165 -31.03 -26.26 34.52
C ALA D 165 -30.87 -27.48 35.42
N PRO D 166 -30.02 -28.42 35.03
CA PRO D 166 -29.81 -29.61 35.86
C PRO D 166 -28.98 -29.29 37.10
N LEU D 167 -29.05 -30.21 38.07
CA LEU D 167 -28.44 -29.96 39.38
C LEU D 167 -26.92 -29.95 39.30
N LYS D 168 -26.33 -31.00 38.73
CA LYS D 168 -24.88 -31.12 38.71
C LYS D 168 -24.25 -29.99 37.89
N ARG D 169 -24.92 -29.58 36.82
CA ARG D 169 -24.46 -28.40 36.09
C ARG D 169 -24.51 -27.15 36.95
N LYS D 170 -25.54 -27.04 37.79
CA LYS D 170 -25.63 -25.89 38.69
C LYS D 170 -24.50 -25.90 39.70
N GLU D 171 -24.14 -27.07 40.22
CA GLU D 171 -23.00 -27.17 41.12
C GLU D 171 -21.70 -26.80 40.41
N VAL D 172 -21.53 -27.27 39.17
CA VAL D 172 -20.35 -26.95 38.38
C VAL D 172 -20.23 -25.43 38.21
N TRP D 173 -21.33 -24.78 37.81
CA TRP D 173 -21.30 -23.34 37.59
C TRP D 173 -21.14 -22.57 38.89
N ARG D 174 -21.66 -23.10 40.00
CA ARG D 174 -21.50 -22.46 41.29
C ARG D 174 -20.03 -22.45 41.71
N LYS D 175 -19.37 -23.60 41.56
CA LYS D 175 -17.96 -23.67 41.93
C LYS D 175 -17.05 -22.99 40.91
N LEU D 176 -17.50 -22.83 39.67
CA LEU D 176 -16.73 -22.12 38.66
C LEU D 176 -16.87 -20.60 38.78
N GLY D 177 -17.84 -20.12 39.56
CA GLY D 177 -18.06 -18.69 39.66
C GLY D 177 -18.60 -18.06 38.40
N ILE D 178 -19.27 -18.84 37.56
CA ILE D 178 -19.78 -18.36 36.28
C ILE D 178 -21.31 -18.25 36.30
N TYR D 179 -21.91 -18.11 37.48
CA TYR D 179 -23.35 -17.89 37.54
C TYR D 179 -23.67 -16.52 36.97
N PRO D 180 -24.47 -16.44 35.92
CA PRO D 180 -24.64 -15.18 35.20
C PRO D 180 -25.62 -14.23 35.87
N ALA D 181 -25.54 -12.98 35.45
CA ALA D 181 -26.54 -11.97 35.73
C ALA D 181 -27.50 -11.88 34.55
N GLY D 182 -28.24 -10.79 34.45
CA GLY D 182 -29.10 -10.55 33.31
C GLY D 182 -28.27 -10.33 32.07
N PRO D 183 -28.79 -10.76 30.91
CA PRO D 183 -28.02 -10.62 29.67
C PRO D 183 -27.63 -9.19 29.33
N LEU D 184 -28.44 -8.20 29.73
CA LEU D 184 -28.07 -6.81 29.48
C LEU D 184 -26.79 -6.43 30.22
N HIS D 185 -26.82 -6.57 31.56
CA HIS D 185 -25.62 -6.31 32.34
C HIS D 185 -24.46 -7.19 31.92
N GLU D 186 -24.74 -8.43 31.54
CA GLU D 186 -23.67 -9.35 31.15
C GLU D 186 -22.96 -8.86 29.88
N LEU D 187 -23.73 -8.55 28.83
CA LEU D 187 -23.13 -8.08 27.60
C LEU D 187 -22.47 -6.71 27.78
N LYS D 188 -23.03 -5.87 28.65
CA LYS D 188 -22.39 -4.58 28.91
C LYS D 188 -21.06 -4.74 29.62
N ASP D 189 -21.01 -5.64 30.62
CA ASP D 189 -19.74 -5.94 31.29
C ASP D 189 -18.74 -6.52 30.30
N ALA D 190 -19.19 -7.37 29.39
CA ALA D 190 -18.28 -7.95 28.40
C ALA D 190 -17.72 -6.88 27.47
N ALA D 191 -18.60 -6.01 26.95
CA ALA D 191 -18.15 -4.94 26.07
C ALA D 191 -17.18 -4.01 26.80
N ALA D 192 -17.42 -3.78 28.09
CA ALA D 192 -16.49 -2.95 28.86
C ALA D 192 -15.16 -3.67 29.06
N SER D 193 -15.19 -5.00 29.21
CA SER D 193 -13.97 -5.77 29.36
C SER D 193 -13.14 -5.77 28.09
N CYS D 194 -13.80 -5.73 26.92
CA CYS D 194 -13.08 -5.80 25.66
C CYS D 194 -12.43 -4.49 25.25
N LEU D 195 -12.67 -3.40 25.97
CA LEU D 195 -12.00 -2.14 25.65
C LEU D 195 -10.50 -2.27 25.90
N THR D 196 -9.75 -1.39 25.24
CA THR D 196 -8.29 -1.42 25.33
C THR D 196 -7.83 -1.25 26.77
N ASN D 197 -6.93 -2.14 27.21
CA ASN D 197 -6.28 -2.07 28.51
C ASN D 197 -7.28 -2.27 29.66
N VAL D 198 -8.22 -3.18 29.47
CA VAL D 198 -9.14 -3.56 30.54
C VAL D 198 -8.90 -5.02 30.89
N ASP D 199 -9.40 -5.93 30.07
CA ASP D 199 -9.18 -7.36 30.24
C ASP D 199 -8.35 -7.87 29.07
N GLY D 200 -7.14 -8.34 29.38
CA GLY D 200 -6.26 -8.89 28.38
C GLY D 200 -5.82 -10.31 28.71
N ASP D 201 -6.60 -10.99 29.54
CA ASP D 201 -6.33 -12.36 29.96
C ASP D 201 -7.30 -13.27 29.22
N TYR D 202 -6.77 -14.14 28.36
CA TYR D 202 -7.63 -14.97 27.51
C TYR D 202 -8.47 -15.93 28.33
N VAL D 203 -7.95 -16.40 29.48
CA VAL D 203 -8.73 -17.27 30.35
C VAL D 203 -9.95 -16.52 30.88
N SER D 204 -9.73 -15.28 31.33
CA SER D 204 -10.84 -14.49 31.86
C SER D 204 -11.86 -14.15 30.78
N LEU D 205 -11.39 -13.81 29.58
CA LEU D 205 -12.30 -13.49 28.49
C LEU D 205 -13.10 -14.72 28.06
N ALA D 206 -12.47 -15.89 28.06
CA ALA D 206 -13.20 -17.12 27.74
C ALA D 206 -14.22 -17.46 28.83
N THR D 207 -13.86 -17.21 30.09
CA THR D 207 -14.82 -17.39 31.19
C THR D 207 -16.02 -16.47 31.00
N LYS D 208 -15.77 -15.22 30.62
CA LYS D 208 -16.88 -14.29 30.39
C LYS D 208 -17.71 -14.70 29.17
N GLY D 209 -17.09 -15.32 28.16
CA GLY D 209 -17.87 -15.86 27.06
C GLY D 209 -18.76 -17.02 27.48
N LEU D 210 -18.21 -17.94 28.28
CA LEU D 210 -19.03 -19.01 28.84
C LEU D 210 -20.22 -18.46 29.60
N ARG D 211 -19.97 -17.46 30.46
CA ARG D 211 -21.07 -16.90 31.23
C ARG D 211 -22.03 -16.11 30.35
N LEU D 212 -21.54 -15.52 29.26
CA LEU D 212 -22.42 -14.84 28.32
C LEU D 212 -23.37 -15.82 27.65
N GLY D 213 -22.86 -17.01 27.32
CA GLY D 213 -23.73 -18.05 26.79
C GLY D 213 -24.77 -18.49 27.81
N LEU D 214 -24.33 -18.73 29.04
CA LEU D 214 -25.27 -19.09 30.10
C LEU D 214 -26.32 -18.01 30.32
N SER D 215 -25.92 -16.75 30.18
CA SER D 215 -26.83 -15.62 30.38
C SER D 215 -27.78 -15.43 29.21
N CYS D 216 -27.35 -15.83 28.01
CA CYS D 216 -28.21 -15.73 26.84
C CYS D 216 -29.26 -16.84 26.83
N ILE D 217 -28.88 -18.07 27.19
CA ILE D 217 -29.85 -19.16 27.14
C ILE D 217 -30.84 -19.05 28.29
N TYR D 218 -30.34 -18.86 29.52
CA TYR D 218 -31.20 -18.86 30.70
C TYR D 218 -31.78 -17.49 31.02
N GLY D 219 -31.34 -16.44 30.35
CA GLY D 219 -31.81 -15.11 30.68
C GLY D 219 -32.68 -14.49 29.60
N ALA D 220 -32.84 -15.17 28.47
CA ALA D 220 -33.59 -14.60 27.36
C ALA D 220 -34.20 -15.67 26.47
N GLN D 221 -33.40 -16.63 26.06
CA GLN D 221 -33.79 -17.69 25.14
C GLN D 221 -34.98 -18.55 25.48
N ILE D 222 -34.93 -19.15 26.64
CA ILE D 222 -35.94 -20.03 27.18
C ILE D 222 -37.25 -19.35 27.42
N GLY D 223 -37.25 -18.16 27.94
CA GLY D 223 -38.47 -17.47 28.19
C GLY D 223 -39.09 -16.84 26.99
N LEU D 224 -38.32 -16.58 25.98
CA LEU D 224 -38.82 -15.96 24.77
C LEU D 224 -39.47 -16.99 23.90
N GLU D 225 -38.95 -18.17 23.99
CA GLU D 225 -39.45 -19.23 23.26
C GLU D 225 -40.73 -19.66 23.89
N LEU D 226 -40.83 -19.63 25.20
CA LEU D 226 -42.03 -20.08 25.83
C LEU D 226 -43.11 -19.03 25.77
N VAL D 227 -42.71 -17.78 25.65
CA VAL D 227 -43.65 -16.70 25.57
C VAL D 227 -44.31 -16.68 24.21
N GLN D 228 -43.59 -17.10 23.21
CA GLN D 228 -44.10 -17.18 21.88
C GLN D 228 -44.91 -18.46 21.72
N ASP D 229 -44.62 -19.44 22.56
CA ASP D 229 -45.37 -20.64 22.59
C ASP D 229 -46.70 -20.29 23.23
N ILE D 230 -46.70 -19.56 24.33
CA ILE D 230 -47.93 -19.12 24.97
C ILE D 230 -48.78 -18.32 23.99
N LEU D 231 -48.13 -17.47 23.19
CA LEU D 231 -48.87 -16.59 22.28
C LEU D 231 -49.43 -17.36 21.09
N PHE D 232 -48.69 -18.35 20.57
CA PHE D 232 -49.08 -19.01 19.33
C PHE D 232 -49.09 -20.53 19.44
N GLY D 233 -49.28 -21.06 20.63
CA GLY D 233 -49.36 -22.50 20.81
C GLY D 233 -48.02 -23.20 20.71
N THR D 234 -47.95 -24.39 21.30
CA THR D 234 -46.76 -25.22 21.22
C THR D 234 -46.81 -26.09 19.97
N GLY D 235 -45.77 -26.00 19.15
CA GLY D 235 -45.78 -26.68 17.87
C GLY D 235 -45.69 -28.18 18.02
N MET D 236 -46.43 -28.88 17.17
CA MET D 236 -46.44 -30.33 17.07
C MET D 236 -46.09 -30.73 15.63
N PRO D 237 -45.57 -31.93 15.41
CA PRO D 237 -45.07 -32.29 14.08
C PRO D 237 -46.18 -32.30 13.04
N HIS D 238 -45.90 -31.70 11.89
CA HIS D 238 -46.84 -31.70 10.78
C HIS D 238 -46.08 -31.51 9.47
N GLU D 239 -46.73 -31.89 8.37
CA GLU D 239 -46.09 -31.84 7.07
C GLU D 239 -46.09 -30.42 6.52
N MET D 240 -45.00 -30.07 5.83
CA MET D 240 -44.82 -28.72 5.30
C MET D 240 -44.03 -28.80 4.01
N ASP D 241 -44.24 -27.82 3.14
CA ASP D 241 -43.56 -27.74 1.85
C ASP D 241 -42.49 -26.64 1.90
N VAL D 242 -41.27 -27.01 1.54
CA VAL D 242 -40.12 -26.12 1.53
C VAL D 242 -39.48 -26.14 0.15
N ASP D 243 -38.38 -25.39 0.03
CA ASP D 243 -37.63 -25.12 -1.20
C ASP D 243 -38.36 -24.08 -2.05
N LEU D 244 -37.64 -23.46 -2.98
CA LEU D 244 -38.12 -22.25 -3.66
C LEU D 244 -39.13 -22.53 -4.77
N GLY D 245 -39.71 -23.73 -4.83
CA GLY D 245 -40.75 -24.00 -5.78
C GLY D 245 -42.15 -23.68 -5.29
N ILE D 246 -42.29 -23.28 -4.03
CA ILE D 246 -43.62 -23.04 -3.45
C ILE D 246 -44.27 -21.79 -4.02
N PHE D 247 -43.52 -20.89 -4.62
CA PHE D 247 -44.08 -19.65 -5.13
C PHE D 247 -44.92 -19.91 -6.38
N ASP D 248 -45.82 -18.97 -6.65
CA ASP D 248 -46.57 -18.92 -7.90
C ASP D 248 -46.77 -17.46 -8.28
N ALA D 249 -46.49 -17.14 -9.54
CA ALA D 249 -46.47 -15.74 -9.96
C ALA D 249 -47.85 -15.13 -10.06
N ASP D 250 -48.90 -15.93 -10.07
CA ASP D 250 -50.25 -15.41 -10.28
C ASP D 250 -50.88 -14.84 -9.01
N TYR D 251 -50.25 -15.00 -7.86
CA TYR D 251 -50.76 -14.50 -6.59
C TYR D 251 -49.94 -13.30 -6.13
N ILE D 252 -50.48 -12.59 -5.13
CA ILE D 252 -49.73 -11.57 -4.43
C ILE D 252 -48.94 -12.24 -3.32
N ASN D 253 -47.63 -12.10 -3.36
CA ASN D 253 -46.73 -12.88 -2.52
C ASN D 253 -45.99 -11.95 -1.56
N ILE D 254 -46.13 -12.23 -0.26
CA ILE D 254 -45.47 -11.48 0.79
C ILE D 254 -44.59 -12.44 1.58
N VAL D 255 -43.36 -12.02 1.87
CA VAL D 255 -42.38 -12.85 2.56
C VAL D 255 -41.89 -12.08 3.78
N PHE D 256 -42.08 -12.66 4.96
CA PHE D 256 -41.51 -12.10 6.19
C PHE D 256 -40.18 -12.76 6.48
N ASN D 257 -39.19 -11.94 6.86
CA ASN D 257 -37.80 -12.36 6.89
C ASN D 257 -37.10 -11.78 8.11
N GLY D 258 -36.44 -12.64 8.88
CA GLY D 258 -35.68 -12.17 10.03
C GLY D 258 -35.51 -13.19 11.13
N HIS D 259 -36.10 -12.92 12.30
CA HIS D 259 -36.02 -13.81 13.44
C HIS D 259 -37.28 -13.73 14.30
N GLU D 260 -37.94 -12.57 14.29
CA GLU D 260 -39.14 -12.39 15.11
C GLU D 260 -40.38 -12.59 14.25
N PRO D 261 -41.30 -13.46 14.66
CA PRO D 261 -42.46 -13.79 13.81
C PRO D 261 -43.70 -12.93 14.05
N PHE D 262 -43.60 -11.85 14.83
CA PHE D 262 -44.79 -11.05 15.12
C PHE D 262 -45.35 -10.42 13.84
N VAL D 263 -44.47 -9.85 13.01
CA VAL D 263 -44.91 -9.28 11.74
C VAL D 263 -45.47 -10.37 10.83
N GLY D 264 -44.82 -11.53 10.79
CA GLY D 264 -45.29 -12.62 9.94
C GLY D 264 -46.64 -13.16 10.40
N VAL D 265 -46.82 -13.34 11.71
CA VAL D 265 -48.09 -13.80 12.22
C VAL D 265 -49.17 -12.76 11.96
N ALA D 266 -48.84 -11.46 12.11
CA ALA D 266 -49.80 -10.42 11.80
C ALA D 266 -50.19 -10.47 10.33
N LEU D 267 -49.24 -10.78 9.44
CA LEU D 267 -49.56 -10.89 8.02
C LEU D 267 -50.44 -12.09 7.74
N ILE D 268 -50.18 -13.22 8.40
CA ILE D 268 -51.03 -14.40 8.23
C ILE D 268 -52.44 -14.11 8.72
N LEU D 269 -52.57 -13.33 9.80
CA LEU D 269 -53.89 -13.00 10.31
C LEU D 269 -54.61 -12.00 9.42
N ALA D 270 -53.87 -11.05 8.84
CA ALA D 270 -54.49 -10.01 8.02
C ALA D 270 -54.87 -10.53 6.64
N ALA D 271 -54.09 -11.47 6.09
CA ALA D 271 -54.42 -12.00 4.77
C ALA D 271 -55.70 -12.83 4.80
N LYS D 272 -56.05 -13.39 5.96
CA LYS D 272 -57.29 -14.15 6.08
C LYS D 272 -58.54 -13.27 6.07
N GLU D 273 -58.38 -11.96 6.23
CA GLU D 273 -59.53 -11.06 6.10
C GLU D 273 -60.07 -11.10 4.68
N ALA D 274 -61.40 -11.12 4.55
CA ALA D 274 -62.02 -11.24 3.24
C ALA D 274 -61.74 -10.01 2.38
N VAL D 275 -61.72 -8.82 2.99
CA VAL D 275 -61.53 -7.61 2.21
C VAL D 275 -60.13 -7.55 1.62
N ASN D 276 -59.14 -8.15 2.26
CA ASN D 276 -57.79 -8.14 1.71
C ASN D 276 -57.64 -9.13 0.56
N GLN D 277 -58.25 -10.32 0.67
CA GLN D 277 -58.30 -11.22 -0.47
C GLN D 277 -59.06 -10.59 -1.64
N ASP D 278 -60.09 -9.81 -1.35
CA ASP D 278 -60.80 -9.10 -2.41
C ASP D 278 -59.95 -7.98 -2.99
N LYS D 279 -59.15 -7.30 -2.16
CA LYS D 279 -58.18 -6.35 -2.66
C LYS D 279 -57.20 -7.02 -3.63
N ALA D 280 -56.78 -8.24 -3.30
CA ALA D 280 -55.89 -8.99 -4.20
C ALA D 280 -56.60 -9.33 -5.50
N LYS D 281 -57.84 -9.83 -5.40
CA LYS D 281 -58.55 -10.30 -6.59
C LYS D 281 -58.94 -9.14 -7.51
N ALA D 282 -59.25 -7.98 -6.95
CA ALA D 282 -59.65 -6.82 -7.74
C ALA D 282 -58.49 -6.15 -8.46
N ALA D 283 -57.26 -6.62 -8.25
CA ALA D 283 -56.09 -6.06 -8.91
C ALA D 283 -55.52 -6.98 -9.97
N GLY D 284 -56.18 -8.10 -10.24
CA GLY D 284 -55.71 -9.05 -11.25
C GLY D 284 -54.92 -10.23 -10.72
N ALA D 285 -55.06 -10.57 -9.45
CA ALA D 285 -54.36 -11.70 -8.86
C ALA D 285 -55.36 -12.74 -8.39
N LYS D 286 -54.89 -13.99 -8.29
CA LYS D 286 -55.76 -15.06 -7.84
C LYS D 286 -56.19 -14.84 -6.39
N SER D 287 -55.22 -14.67 -5.49
CA SER D 287 -55.48 -14.42 -4.09
C SER D 287 -54.19 -13.89 -3.45
N LEU D 288 -54.23 -13.71 -2.14
CA LEU D 288 -53.11 -13.17 -1.38
C LEU D 288 -52.44 -14.30 -0.58
N ARG D 289 -51.12 -14.41 -0.73
CA ARG D 289 -50.36 -15.47 -0.08
C ARG D 289 -49.22 -14.87 0.73
N ILE D 290 -48.87 -15.56 1.81
CA ILE D 290 -47.78 -15.17 2.69
C ILE D 290 -46.76 -16.30 2.72
N TYR D 291 -45.48 -15.95 2.72
CA TYR D 291 -44.40 -16.93 2.71
C TYR D 291 -43.45 -16.66 3.86
N GLY D 292 -42.84 -17.73 4.38
CA GLY D 292 -41.93 -17.64 5.49
C GLY D 292 -40.48 -17.76 5.05
N SER D 293 -39.62 -16.91 5.63
CA SER D 293 -38.21 -16.87 5.28
C SER D 293 -37.37 -16.97 6.54
N ILE D 294 -36.17 -17.53 6.37
CA ILE D 294 -35.19 -17.84 7.42
C ILE D 294 -35.85 -18.17 8.75
N GLU D 295 -35.41 -17.51 9.83
CA GLU D 295 -35.80 -17.93 11.17
C GLU D 295 -37.21 -17.51 11.54
N SER D 296 -37.68 -16.35 11.07
CA SER D 296 -39.08 -16.00 11.28
C SER D 296 -40.00 -17.02 10.63
N GLY D 297 -39.75 -17.32 9.35
CA GLY D 297 -40.51 -18.34 8.67
C GLY D 297 -40.38 -19.71 9.32
N GLN D 298 -39.22 -20.00 9.90
CA GLN D 298 -39.03 -21.30 10.54
C GLN D 298 -39.83 -21.40 11.83
N GLU D 299 -39.76 -20.37 12.67
CA GLU D 299 -40.56 -20.37 13.89
C GLU D 299 -42.06 -20.23 13.60
N VAL D 300 -42.44 -19.84 12.39
CA VAL D 300 -43.84 -19.90 12.00
C VAL D 300 -44.23 -21.30 11.50
N VAL D 301 -43.40 -21.93 10.67
CA VAL D 301 -43.72 -23.27 10.18
C VAL D 301 -43.67 -24.31 11.29
N GLN D 302 -43.04 -23.98 12.42
CA GLN D 302 -43.02 -24.89 13.55
C GLN D 302 -44.40 -25.00 14.20
N ARG D 303 -45.12 -23.89 14.27
CA ARG D 303 -46.40 -23.83 14.97
C ARG D 303 -47.61 -23.85 14.04
N PHE D 304 -47.48 -23.30 12.84
CA PHE D 304 -48.60 -23.14 11.93
C PHE D 304 -48.45 -24.06 10.73
N GLN D 305 -49.56 -24.67 10.32
CA GLN D 305 -49.60 -25.56 9.18
C GLN D 305 -49.89 -24.78 7.90
N LYS D 306 -49.45 -25.34 6.78
CA LYS D 306 -49.64 -24.69 5.48
C LYS D 306 -51.08 -24.84 5.03
N ASP D 307 -51.71 -23.71 4.70
CA ASP D 307 -53.09 -23.73 4.21
C ASP D 307 -53.21 -22.86 2.97
N GLU D 308 -54.41 -22.34 2.71
CA GLU D 308 -54.64 -21.55 1.51
C GLU D 308 -53.98 -20.18 1.56
N VAL D 309 -53.58 -19.71 2.73
CA VAL D 309 -52.94 -18.41 2.90
C VAL D 309 -51.44 -18.57 3.17
N PHE D 310 -51.07 -19.17 4.29
CA PHE D 310 -49.68 -19.43 4.60
C PHE D 310 -49.16 -20.59 3.76
N ARG D 311 -47.95 -20.46 3.22
CA ARG D 311 -47.45 -21.38 2.23
C ARG D 311 -46.19 -22.16 2.64
N GLY D 312 -45.53 -21.79 3.73
CA GLY D 312 -44.43 -22.59 4.24
C GLY D 312 -43.10 -21.85 4.18
N LEU D 313 -42.03 -22.61 4.41
CA LEU D 313 -40.68 -22.08 4.48
C LEU D 313 -40.01 -22.10 3.11
N THR D 314 -39.07 -21.18 2.92
CA THR D 314 -38.30 -21.08 1.68
C THR D 314 -36.89 -21.63 1.84
N GLY D 315 -36.08 -21.05 2.72
CA GLY D 315 -34.73 -21.52 2.89
C GLY D 315 -33.94 -20.63 3.85
N ASN D 316 -32.63 -20.70 3.73
CA ASN D 316 -31.71 -20.04 4.64
C ASN D 316 -31.31 -18.67 4.09
N TRP D 317 -30.30 -18.05 4.70
CA TRP D 317 -29.94 -16.68 4.33
C TRP D 317 -29.27 -16.61 2.97
N LEU D 318 -28.67 -17.69 2.49
CA LEU D 318 -28.12 -17.71 1.15
C LEU D 318 -29.18 -17.91 0.07
N THR D 319 -30.45 -17.96 0.44
CA THR D 319 -31.55 -18.06 -0.51
C THR D 319 -32.27 -16.75 -0.73
N ILE D 320 -31.90 -15.69 -0.01
CA ILE D 320 -32.59 -14.41 -0.14
C ILE D 320 -32.41 -13.85 -1.54
N GLU D 321 -31.17 -13.82 -2.02
CA GLU D 321 -30.92 -13.31 -3.37
C GLU D 321 -31.53 -14.21 -4.45
N PRO D 322 -31.41 -15.54 -4.40
CA PRO D 322 -32.13 -16.36 -5.39
C PRO D 322 -33.63 -16.21 -5.33
N MET D 323 -34.20 -16.09 -4.12
CA MET D 323 -35.64 -15.88 -3.99
C MET D 323 -36.08 -14.63 -4.74
N LEU D 324 -35.40 -13.51 -4.50
CA LEU D 324 -35.66 -12.30 -5.25
C LEU D 324 -35.58 -12.55 -6.76
N ALA D 325 -34.66 -13.43 -7.18
CA ALA D 325 -34.48 -13.71 -8.59
C ALA D 325 -35.65 -14.46 -9.22
N THR D 326 -36.58 -14.98 -8.41
CA THR D 326 -37.73 -15.68 -8.97
C THR D 326 -38.69 -14.77 -9.71
N GLY D 327 -38.58 -13.45 -9.51
CA GLY D 327 -39.53 -12.54 -10.11
C GLY D 327 -40.95 -12.71 -9.61
N ALA D 328 -41.13 -13.36 -8.45
CA ALA D 328 -42.45 -13.65 -7.92
C ALA D 328 -42.75 -12.95 -6.61
N VAL D 329 -41.76 -12.32 -5.97
CA VAL D 329 -41.95 -11.67 -4.69
C VAL D 329 -42.45 -10.25 -4.91
N ASP D 330 -43.56 -9.90 -4.25
CA ASP D 330 -44.06 -8.54 -4.28
C ASP D 330 -43.44 -7.68 -3.19
N VAL D 331 -43.40 -8.19 -1.96
CA VAL D 331 -42.85 -7.45 -0.82
C VAL D 331 -42.02 -8.42 0.02
N LEU D 332 -40.79 -8.02 0.32
CA LEU D 332 -39.92 -8.74 1.24
C LEU D 332 -39.80 -7.90 2.52
N ALA D 333 -40.47 -8.34 3.58
CA ALA D 333 -40.44 -7.63 4.85
C ALA D 333 -39.35 -8.23 5.74
N MET D 334 -38.47 -7.37 6.25
CA MET D 334 -37.27 -7.80 6.96
C MET D 334 -37.27 -7.22 8.37
N ASP D 335 -37.11 -8.10 9.37
CA ASP D 335 -37.13 -7.70 10.77
C ASP D 335 -35.80 -7.85 11.49
N MET D 336 -34.91 -8.73 11.01
CA MET D 336 -33.60 -8.87 11.61
C MET D 336 -32.62 -9.50 10.63
N ASN D 337 -31.77 -10.39 11.12
CA ASN D 337 -30.82 -11.10 10.27
C ASN D 337 -31.42 -12.43 9.82
N CYS D 338 -31.08 -12.84 8.60
CA CYS D 338 -30.19 -12.08 7.72
C CYS D 338 -30.91 -11.31 6.63
N SER D 339 -30.59 -10.02 6.55
CA SER D 339 -31.06 -9.14 5.48
C SER D 339 -29.82 -8.63 4.75
N PRO D 340 -29.40 -9.28 3.69
CA PRO D 340 -28.17 -8.88 2.98
C PRO D 340 -28.23 -7.43 2.54
N PRO D 341 -27.12 -6.69 2.63
CA PRO D 341 -27.15 -5.25 2.38
C PRO D 341 -27.23 -4.85 0.92
N ASN D 342 -27.22 -5.80 -0.02
CA ASN D 342 -27.21 -5.49 -1.44
C ASN D 342 -28.49 -5.93 -2.15
N LEU D 343 -29.58 -6.13 -1.40
CA LEU D 343 -30.82 -6.58 -1.99
C LEU D 343 -31.55 -5.49 -2.77
N GLY D 344 -31.09 -4.24 -2.69
CA GLY D 344 -31.75 -3.13 -3.34
C GLY D 344 -31.79 -3.24 -4.86
N PRO D 345 -30.62 -3.27 -5.51
CA PRO D 345 -30.61 -3.40 -6.97
C PRO D 345 -31.28 -4.67 -7.47
N LEU D 346 -31.11 -5.79 -6.74
CA LEU D 346 -31.75 -7.03 -7.14
C LEU D 346 -33.27 -6.90 -7.08
N ALA D 347 -33.79 -6.30 -6.00
CA ALA D 347 -35.22 -6.07 -5.91
C ALA D 347 -35.71 -5.12 -7.01
N GLU D 348 -34.86 -4.18 -7.42
CA GLU D 348 -35.21 -3.32 -8.55
C GLU D 348 -35.29 -4.12 -9.84
N LYS D 349 -34.42 -5.11 -10.00
CA LYS D 349 -34.38 -5.89 -11.24
C LYS D 349 -35.61 -6.78 -11.40
N TYR D 350 -36.15 -7.29 -10.31
CA TYR D 350 -37.21 -8.30 -10.38
C TYR D 350 -38.56 -7.78 -9.90
N GLY D 351 -38.72 -6.46 -9.75
CA GLY D 351 -40.02 -5.91 -9.44
C GLY D 351 -40.52 -6.19 -8.04
N ALA D 352 -39.63 -6.25 -7.06
CA ALA D 352 -40.02 -6.49 -5.68
C ALA D 352 -39.79 -5.24 -4.84
N THR D 353 -40.57 -5.11 -3.77
CA THR D 353 -40.49 -3.97 -2.88
C THR D 353 -39.90 -4.41 -1.54
N LEU D 354 -38.86 -3.71 -1.10
CA LEU D 354 -38.18 -4.01 0.15
C LEU D 354 -38.74 -3.13 1.27
N VAL D 355 -39.17 -3.76 2.35
CA VAL D 355 -39.71 -3.06 3.51
C VAL D 355 -39.01 -3.59 4.76
N SER D 356 -38.69 -2.70 5.68
CA SER D 356 -38.11 -3.07 6.97
C SER D 356 -39.15 -2.88 8.07
N VAL D 357 -39.25 -3.86 8.96
CA VAL D 357 -40.21 -3.81 10.05
C VAL D 357 -39.49 -3.78 11.39
N SER D 358 -38.33 -3.13 11.42
CA SER D 358 -37.53 -3.01 12.63
C SER D 358 -36.49 -1.92 12.44
N ARG D 359 -36.19 -1.22 13.55
CA ARG D 359 -35.16 -0.19 13.51
C ARG D 359 -33.78 -0.76 13.28
N LEU D 360 -33.60 -2.07 13.49
CA LEU D 360 -32.26 -2.66 13.37
C LEU D 360 -31.85 -2.81 11.91
N VAL D 361 -32.80 -3.12 11.03
CA VAL D 361 -32.49 -3.48 9.64
C VAL D 361 -32.48 -2.23 8.79
N ARG D 362 -31.31 -1.88 8.27
CA ARG D 362 -31.16 -0.77 7.33
C ARG D 362 -30.04 -1.10 6.35
N PHE D 363 -30.31 -0.89 5.06
CA PHE D 363 -29.30 -1.00 4.03
C PHE D 363 -29.79 -0.26 2.79
N PRO D 364 -28.88 0.15 1.90
CA PRO D 364 -29.28 1.00 0.78
C PRO D 364 -30.29 0.32 -0.14
N GLY D 365 -31.33 1.06 -0.50
CA GLY D 365 -32.32 0.58 -1.44
C GLY D 365 -33.62 0.07 -0.85
N ILE D 366 -33.91 0.38 0.40
CA ILE D 366 -35.15 -0.05 1.05
C ILE D 366 -36.21 1.01 0.81
N HIS D 367 -37.41 0.57 0.42
CA HIS D 367 -38.45 1.51 0.03
C HIS D 367 -39.21 2.08 1.22
N HIS D 368 -39.56 1.24 2.19
CA HIS D 368 -40.39 1.66 3.31
C HIS D 368 -39.76 1.24 4.63
N PHE D 369 -39.96 2.08 5.64
CA PHE D 369 -39.56 1.78 7.02
C PHE D 369 -40.81 1.87 7.89
N LEU D 370 -41.15 0.74 8.53
CA LEU D 370 -42.32 0.64 9.41
C LEU D 370 -41.88 -0.17 10.63
N ASP D 371 -41.15 0.50 11.53
CA ASP D 371 -40.58 -0.18 12.69
C ASP D 371 -41.69 -0.77 13.56
N TYR D 372 -41.40 -1.92 14.16
CA TYR D 372 -42.42 -2.70 14.86
C TYR D 372 -42.70 -2.10 16.24
N LYS D 373 -43.96 -1.73 16.46
CA LYS D 373 -44.48 -1.46 17.79
C LYS D 373 -45.60 -2.44 18.10
N PRO D 374 -45.66 -2.97 19.32
CA PRO D 374 -46.72 -3.96 19.63
C PRO D 374 -48.13 -3.43 19.44
N SER D 375 -48.37 -2.16 19.76
CA SER D 375 -49.70 -1.57 19.59
C SER D 375 -49.92 -1.00 18.19
N GLU D 376 -48.99 -1.25 17.27
CA GLU D 376 -49.13 -0.77 15.90
C GLU D 376 -49.01 -1.86 14.85
N VAL D 377 -48.65 -3.10 15.24
CA VAL D 377 -48.45 -4.17 14.26
C VAL D 377 -49.71 -4.40 13.44
N ARG D 378 -50.90 -4.25 14.06
CA ARG D 378 -52.16 -4.40 13.34
C ARG D 378 -52.20 -3.48 12.13
N GLU D 379 -51.76 -2.23 12.28
CA GLU D 379 -51.68 -1.34 11.13
C GLU D 379 -50.56 -1.79 10.19
N ILE D 380 -49.41 -2.16 10.74
CA ILE D 380 -48.22 -2.47 9.93
C ILE D 380 -48.58 -3.50 8.87
N ALA D 381 -49.06 -4.66 9.31
CA ALA D 381 -49.49 -5.72 8.39
C ALA D 381 -50.31 -5.16 7.24
N GLN D 382 -51.35 -4.38 7.57
CA GLN D 382 -52.21 -3.84 6.53
C GLN D 382 -51.40 -3.09 5.49
N LYS D 383 -50.58 -2.12 5.94
CA LYS D 383 -49.80 -1.34 5.01
C LYS D 383 -48.95 -2.24 4.13
N ILE D 384 -48.35 -3.29 4.72
CA ILE D 384 -47.55 -4.22 3.94
C ILE D 384 -48.38 -4.74 2.77
N ILE D 385 -49.55 -5.29 3.07
CA ILE D 385 -50.45 -5.75 2.02
C ILE D 385 -50.79 -4.60 1.08
N ASP D 386 -51.10 -3.44 1.66
CA ASP D 386 -51.44 -2.28 0.83
C ASP D 386 -50.29 -1.86 -0.05
N ILE D 387 -49.05 -2.14 0.36
CA ILE D 387 -47.93 -1.90 -0.52
C ILE D 387 -47.85 -3.00 -1.57
N ALA D 388 -47.98 -4.25 -1.13
CA ALA D 388 -47.84 -5.39 -2.03
C ALA D 388 -48.75 -5.25 -3.24
N VAL D 389 -50.04 -4.97 -3.01
CA VAL D 389 -50.98 -4.82 -4.10
C VAL D 389 -50.46 -3.79 -5.11
N ASP D 390 -50.02 -2.63 -4.61
CA ASP D 390 -49.45 -1.63 -5.50
C ASP D 390 -48.25 -2.19 -6.24
N SER D 391 -47.33 -2.81 -5.50
CA SER D 391 -46.16 -3.41 -6.11
C SER D 391 -46.54 -4.48 -7.13
N PHE D 392 -47.70 -5.11 -6.95
CA PHE D 392 -48.11 -6.11 -7.94
C PHE D 392 -48.57 -5.46 -9.23
N LYS D 393 -49.20 -4.29 -9.15
CA LYS D 393 -49.79 -3.69 -10.34
C LYS D 393 -48.74 -3.06 -11.24
N ASN D 394 -47.92 -2.16 -10.69
CA ASN D 394 -47.12 -1.25 -11.49
C ASN D 394 -45.64 -1.64 -11.52
N LYS D 395 -45.31 -2.92 -11.36
CA LYS D 395 -43.92 -3.33 -11.49
C LYS D 395 -43.74 -4.82 -11.76
N ARG D 396 -44.48 -5.68 -11.06
CA ARG D 396 -44.25 -7.11 -11.22
C ARG D 396 -45.13 -7.73 -12.29
N HIS D 397 -46.44 -7.44 -12.27
CA HIS D 397 -47.35 -8.06 -13.22
C HIS D 397 -47.17 -7.45 -14.60
N GLY D 398 -47.10 -8.31 -15.62
CA GLY D 398 -46.95 -7.87 -16.98
C GLY D 398 -45.60 -7.30 -17.36
N LYS D 399 -44.67 -7.20 -16.41
CA LYS D 399 -43.36 -6.62 -16.69
C LYS D 399 -42.25 -7.66 -16.49
N ILE D 400 -42.02 -8.13 -15.27
CA ILE D 400 -40.94 -9.09 -15.03
C ILE D 400 -41.43 -10.49 -15.37
N THR D 401 -40.53 -11.28 -15.96
CA THR D 401 -40.86 -12.67 -16.27
C THR D 401 -40.44 -13.58 -15.12
N PRO D 402 -41.34 -14.42 -14.62
CA PRO D 402 -41.02 -15.20 -13.42
C PRO D 402 -40.38 -16.55 -13.72
N LYS D 403 -39.26 -16.84 -13.08
CA LYS D 403 -38.58 -18.12 -13.20
C LYS D 403 -38.65 -18.81 -11.84
N ILE D 404 -39.61 -19.70 -11.68
CA ILE D 404 -39.85 -20.42 -10.43
C ILE D 404 -39.41 -21.87 -10.66
N PRO D 405 -38.35 -22.33 -10.02
CA PRO D 405 -37.94 -23.74 -10.17
C PRO D 405 -38.99 -24.69 -9.64
N ALA D 406 -38.90 -25.94 -10.09
CA ALA D 406 -39.86 -26.97 -9.71
C ALA D 406 -39.48 -27.70 -8.44
N ASN D 407 -38.28 -27.47 -7.91
CA ASN D 407 -37.81 -28.18 -6.73
C ASN D 407 -38.64 -27.83 -5.51
N ILE D 408 -39.50 -28.75 -5.09
CA ILE D 408 -40.29 -28.60 -3.86
C ILE D 408 -40.05 -29.85 -3.01
N GLN D 409 -39.76 -29.63 -1.72
CA GLN D 409 -39.53 -30.75 -0.81
C GLN D 409 -40.57 -30.72 0.30
N LYS D 410 -40.80 -31.87 0.92
CA LYS D 410 -41.73 -31.99 2.03
C LYS D 410 -40.97 -32.44 3.27
N ALA D 411 -41.30 -31.82 4.40
CA ALA D 411 -40.60 -32.07 5.65
C ALA D 411 -41.58 -32.00 6.82
N ILE D 412 -41.28 -32.73 7.88
CA ILE D 412 -42.10 -32.75 9.09
C ILE D 412 -41.49 -31.78 10.08
N THR D 413 -42.19 -30.67 10.29
CA THR D 413 -41.70 -29.56 11.11
C THR D 413 -42.51 -29.46 12.39
N GLY D 414 -41.96 -28.72 13.36
CA GLY D 414 -42.66 -28.43 14.59
C GLY D 414 -42.29 -29.29 15.79
N PHE D 415 -41.15 -29.98 15.74
CA PHE D 415 -40.79 -30.88 16.83
C PHE D 415 -40.35 -30.09 18.06
N THR D 416 -40.93 -30.45 19.21
CA THR D 416 -40.66 -29.82 20.50
C THR D 416 -40.50 -30.90 21.55
N PRO D 417 -40.04 -30.58 22.76
CA PRO D 417 -39.97 -31.62 23.81
C PRO D 417 -41.31 -32.29 24.09
N GLU D 418 -42.40 -31.52 24.13
CA GLU D 418 -43.71 -32.09 24.41
C GLU D 418 -44.14 -33.05 23.31
N ALA D 419 -43.82 -32.72 22.05
CA ALA D 419 -44.11 -33.63 20.96
C ALA D 419 -43.27 -34.90 21.04
N ILE D 420 -42.01 -34.76 21.47
CA ILE D 420 -41.17 -35.94 21.69
C ILE D 420 -41.78 -36.83 22.77
N LEU D 421 -42.35 -36.22 23.80
CA LEU D 421 -43.02 -37.01 24.84
C LEU D 421 -44.24 -37.73 24.27
N LYS D 422 -45.08 -37.00 23.54
CA LYS D 422 -46.30 -37.59 23.00
C LYS D 422 -45.99 -38.70 22.01
N ALA D 423 -44.86 -38.62 21.31
CA ALA D 423 -44.44 -39.70 20.43
C ALA D 423 -43.90 -40.89 21.21
N LEU D 424 -43.36 -40.67 22.40
CA LEU D 424 -42.81 -41.72 23.24
C LEU D 424 -43.78 -42.17 24.32
N GLY D 425 -45.08 -41.91 24.15
CA GLY D 425 -46.09 -42.36 25.08
C GLY D 425 -46.21 -41.57 26.35
N GLY D 426 -45.63 -40.38 26.43
CA GLY D 426 -45.73 -39.54 27.60
C GLY D 426 -44.55 -39.63 28.55
N SER D 427 -43.69 -40.65 28.40
CA SER D 427 -42.51 -40.82 29.23
C SER D 427 -41.26 -40.82 28.37
N ILE D 428 -40.16 -40.35 28.97
CA ILE D 428 -38.88 -40.32 28.26
C ILE D 428 -38.11 -41.62 28.39
N ASN D 429 -38.67 -42.61 29.10
CA ASN D 429 -38.01 -43.90 29.33
C ASN D 429 -37.85 -44.75 28.06
N PRO D 430 -38.79 -44.71 27.10
CA PRO D 430 -38.53 -45.46 25.85
C PRO D 430 -37.30 -44.99 25.10
N LEU D 431 -37.05 -43.68 25.03
CA LEU D 431 -35.83 -43.20 24.40
C LEU D 431 -34.60 -43.59 25.20
N ILE D 432 -34.70 -43.49 26.53
CA ILE D 432 -33.63 -43.97 27.40
C ILE D 432 -33.29 -45.42 27.09
N GLU D 433 -34.32 -46.24 26.89
CA GLU D 433 -34.12 -47.67 26.68
C GLU D 433 -33.55 -47.97 25.30
N VAL D 434 -34.02 -47.28 24.26
CA VAL D 434 -33.46 -47.51 22.94
C VAL D 434 -32.04 -46.96 22.82
N ILE D 435 -31.67 -46.00 23.66
CA ILE D 435 -30.28 -45.56 23.69
C ILE D 435 -29.43 -46.51 24.53
N LYS D 436 -30.02 -47.13 25.56
CA LYS D 436 -29.30 -48.16 26.32
C LYS D 436 -29.01 -49.36 25.45
N ALA D 437 -29.99 -49.81 24.67
CA ALA D 437 -29.82 -51.03 23.88
C ALA D 437 -28.80 -50.85 22.77
N GLY D 438 -28.62 -49.62 22.27
CA GLY D 438 -27.69 -49.36 21.19
C GLY D 438 -28.33 -49.08 19.86
N LYS D 439 -29.66 -49.09 19.77
CA LYS D 439 -30.33 -48.73 18.52
C LYS D 439 -29.99 -47.31 18.12
N ILE D 440 -30.02 -46.39 19.07
CA ILE D 440 -29.62 -45.00 18.86
C ILE D 440 -28.38 -44.78 19.72
N LYS D 441 -27.22 -44.66 19.07
CA LYS D 441 -25.98 -44.44 19.80
C LYS D 441 -26.06 -43.18 20.64
N GLY D 442 -26.56 -42.09 20.05
CA GLY D 442 -26.71 -40.85 20.79
C GLY D 442 -27.54 -39.86 20.00
N ALA D 443 -27.63 -38.66 20.57
CA ALA D 443 -28.36 -37.55 19.94
C ALA D 443 -27.43 -36.36 19.81
N VAL D 444 -27.57 -35.63 18.70
CA VAL D 444 -26.74 -34.47 18.40
C VAL D 444 -27.65 -33.27 18.20
N GLY D 445 -27.35 -32.19 18.91
CA GLY D 445 -28.03 -30.93 18.70
C GLY D 445 -27.38 -30.15 17.58
N LEU D 446 -27.98 -30.17 16.40
CA LEU D 446 -27.41 -29.58 15.20
C LEU D 446 -28.07 -28.21 14.96
N ILE D 447 -27.64 -27.22 15.72
CA ILE D 447 -28.01 -25.83 15.43
C ILE D 447 -26.92 -25.24 14.55
N ASN D 448 -27.33 -24.60 13.46
CA ASN D 448 -26.34 -24.18 12.48
C ASN D 448 -26.89 -23.05 11.62
N CYS D 449 -25.96 -22.27 11.07
CA CYS D 449 -26.28 -21.29 10.05
C CYS D 449 -25.92 -21.87 8.68
N THR D 450 -25.56 -21.02 7.74
CA THR D 450 -24.99 -21.45 6.48
C THR D 450 -24.02 -20.39 6.00
N THR D 451 -23.03 -20.80 5.21
CA THR D 451 -21.96 -19.92 4.80
C THR D 451 -21.25 -20.54 3.60
N LEU D 452 -20.42 -19.74 2.95
CA LEU D 452 -19.61 -20.18 1.83
C LEU D 452 -18.16 -20.38 2.19
N LYS D 453 -17.82 -20.25 3.48
CA LYS D 453 -16.42 -20.28 3.89
C LYS D 453 -15.80 -21.67 3.67
N ASN D 454 -16.44 -22.72 4.20
CA ASN D 454 -15.89 -24.06 4.15
C ASN D 454 -16.54 -24.92 3.08
N GLY D 455 -17.24 -24.32 2.12
CA GLY D 455 -17.86 -25.07 1.06
C GLY D 455 -19.08 -24.36 0.50
N PRO D 456 -19.66 -24.92 -0.56
CA PRO D 456 -20.91 -24.37 -1.11
C PRO D 456 -22.03 -24.46 -0.08
N GLN D 457 -23.15 -23.81 -0.42
CA GLN D 457 -24.26 -23.68 0.52
C GLN D 457 -24.75 -25.03 1.01
N ASP D 458 -24.65 -25.26 2.32
CA ASP D 458 -25.25 -26.37 3.05
C ASP D 458 -24.58 -27.72 2.76
N TYR D 459 -23.47 -27.73 2.02
CA TYR D 459 -22.82 -28.99 1.65
C TYR D 459 -22.41 -29.78 2.90
N VAL D 460 -21.55 -29.17 3.73
CA VAL D 460 -21.04 -29.85 4.92
C VAL D 460 -22.20 -30.23 5.85
N THR D 461 -23.15 -29.32 6.05
CA THR D 461 -24.28 -29.58 6.94
C THR D 461 -25.01 -30.85 6.55
N VAL D 462 -25.47 -30.93 5.30
CA VAL D 462 -26.30 -32.05 4.87
C VAL D 462 -25.48 -33.34 4.83
N ASN D 463 -24.26 -33.29 4.30
CA ASN D 463 -23.48 -34.52 4.20
C ASN D 463 -23.09 -35.04 5.59
N LEU D 464 -22.74 -34.15 6.51
CA LEU D 464 -22.41 -34.56 7.87
C LEU D 464 -23.63 -35.13 8.59
N ALA D 465 -24.81 -34.52 8.40
CA ALA D 465 -26.01 -35.08 9.01
C ALA D 465 -26.33 -36.45 8.44
N LYS D 466 -26.12 -36.64 7.14
CA LYS D 466 -26.28 -37.96 6.53
C LYS D 466 -25.37 -38.97 7.20
N GLU D 467 -24.08 -38.65 7.34
CA GLU D 467 -23.16 -39.59 7.99
C GLU D 467 -23.55 -39.86 9.44
N LEU D 468 -24.00 -38.82 10.15
CA LEU D 468 -24.39 -38.98 11.54
C LEU D 468 -25.56 -39.95 11.68
N ILE D 469 -26.63 -39.72 10.92
CA ILE D 469 -27.77 -40.63 11.00
C ILE D 469 -27.43 -42.00 10.43
N LYS D 470 -26.42 -42.08 9.56
CA LYS D 470 -25.91 -43.38 9.11
C LYS D 470 -25.25 -44.13 10.25
N ARG D 471 -24.62 -43.41 11.18
CA ARG D 471 -24.01 -44.02 12.36
C ARG D 471 -24.99 -44.20 13.51
N ASP D 472 -26.30 -44.18 13.24
CA ASP D 472 -27.33 -44.37 14.26
C ASP D 472 -27.28 -43.28 15.32
N ILE D 473 -27.15 -42.03 14.89
CA ILE D 473 -27.13 -40.87 15.77
C ILE D 473 -28.28 -39.98 15.38
N LEU D 474 -29.25 -39.83 16.28
CA LEU D 474 -30.38 -38.94 16.04
C LEU D 474 -29.91 -37.49 16.06
N ILE D 475 -30.67 -36.63 15.39
CA ILE D 475 -30.29 -35.23 15.22
C ILE D 475 -31.51 -34.35 15.49
N LEU D 476 -31.39 -33.49 16.50
CA LEU D 476 -32.36 -32.42 16.74
C LEU D 476 -31.80 -31.16 16.10
N SER D 477 -32.40 -30.74 14.99
CA SER D 477 -31.81 -29.72 14.11
C SER D 477 -32.51 -28.38 14.27
N GLY D 478 -31.72 -27.31 14.24
CA GLY D 478 -32.24 -25.97 14.40
C GLY D 478 -31.39 -24.95 13.66
N GLY D 479 -32.00 -23.80 13.42
CA GLY D 479 -31.36 -22.74 12.68
C GLY D 479 -31.46 -22.96 11.17
N CYS D 480 -30.59 -22.27 10.44
CA CYS D 480 -30.52 -22.50 9.00
C CYS D 480 -30.02 -23.90 8.69
N GLY D 481 -29.21 -24.48 9.59
CA GLY D 481 -28.87 -25.88 9.47
C GLY D 481 -30.10 -26.76 9.41
N ASN D 482 -31.18 -26.34 10.06
CA ASN D 482 -32.46 -27.04 9.90
C ASN D 482 -33.00 -26.86 8.49
N HIS D 483 -33.04 -25.61 8.01
CA HIS D 483 -33.55 -25.32 6.67
C HIS D 483 -32.92 -26.23 5.63
N ALA D 484 -31.60 -26.27 5.59
CA ALA D 484 -30.87 -27.16 4.70
C ALA D 484 -31.41 -28.58 4.77
N LEU D 485 -31.45 -29.14 5.98
CA LEU D 485 -31.86 -30.53 6.14
C LEU D 485 -33.31 -30.72 5.73
N GLU D 486 -34.12 -29.66 5.80
CA GLU D 486 -35.49 -29.75 5.31
C GLU D 486 -35.54 -29.68 3.79
N VAL D 487 -34.69 -28.84 3.19
CA VAL D 487 -34.68 -28.73 1.73
C VAL D 487 -34.02 -29.95 1.11
N ALA D 488 -33.00 -30.49 1.76
CA ALA D 488 -32.32 -31.67 1.24
C ALA D 488 -33.18 -32.93 1.36
N GLY D 489 -34.20 -32.91 2.21
CA GLY D 489 -35.08 -34.05 2.38
C GLY D 489 -34.80 -34.92 3.57
N LEU D 490 -33.92 -34.51 4.48
CA LEU D 490 -33.59 -35.31 5.65
C LEU D 490 -34.64 -35.22 6.75
N CYS D 491 -35.69 -34.41 6.57
CA CYS D 491 -36.67 -34.17 7.63
C CYS D 491 -38.05 -34.74 7.30
N ASN D 492 -38.13 -35.67 6.37
CA ASN D 492 -39.37 -36.37 6.07
C ASN D 492 -39.20 -37.86 6.32
N LEU D 493 -40.29 -38.61 6.11
CA LEU D 493 -40.29 -40.03 6.46
C LEU D 493 -39.46 -40.85 5.47
N ASP D 494 -39.35 -40.39 4.22
CA ASP D 494 -38.48 -41.07 3.26
C ASP D 494 -37.03 -41.10 3.73
N ALA D 495 -36.64 -40.20 4.62
CA ALA D 495 -35.29 -40.19 5.17
C ALA D 495 -35.05 -41.31 6.16
N ILE D 496 -36.10 -42.02 6.59
CA ILE D 496 -35.91 -43.15 7.50
C ILE D 496 -34.95 -44.16 6.90
N ASN D 497 -35.05 -44.39 5.58
CA ASN D 497 -34.17 -45.35 4.92
C ASN D 497 -32.73 -44.85 4.82
N LEU D 498 -32.52 -43.54 4.99
CA LEU D 498 -31.16 -43.00 4.96
C LEU D 498 -30.41 -43.26 6.27
N ALA D 499 -31.12 -43.61 7.34
CA ALA D 499 -30.49 -43.82 8.63
C ALA D 499 -29.89 -45.24 8.69
N GLY D 500 -29.08 -45.46 9.73
CA GLY D 500 -28.53 -46.76 9.98
C GLY D 500 -29.56 -47.72 10.53
N PRO D 501 -29.11 -48.95 10.84
CA PRO D 501 -30.06 -50.01 11.23
C PRO D 501 -30.95 -49.65 12.41
N GLY D 502 -30.35 -49.46 13.59
CA GLY D 502 -31.15 -49.20 14.78
C GLY D 502 -31.96 -47.93 14.68
N LEU D 503 -31.34 -46.85 14.21
CA LEU D 503 -32.05 -45.58 14.10
C LEU D 503 -33.20 -45.68 13.10
N SER D 504 -32.95 -46.31 11.94
CA SER D 504 -34.02 -46.45 10.95
C SER D 504 -35.17 -47.28 11.50
N GLU D 505 -34.87 -48.38 12.20
CA GLU D 505 -35.95 -49.21 12.72
C GLU D 505 -36.76 -48.47 13.79
N VAL D 506 -36.06 -47.80 14.72
CA VAL D 506 -36.76 -47.07 15.77
C VAL D 506 -37.62 -45.96 15.19
N CYS D 507 -37.06 -45.20 14.24
CA CYS D 507 -37.81 -44.10 13.65
C CYS D 507 -38.99 -44.61 12.81
N ARG D 508 -38.81 -45.74 12.12
CA ARG D 508 -39.89 -46.32 11.34
C ARG D 508 -41.02 -46.80 12.25
N ASN D 509 -40.67 -47.32 13.43
CA ASN D 509 -41.70 -47.69 14.39
C ASN D 509 -42.40 -46.45 14.95
N LEU D 510 -41.64 -45.37 15.19
CA LEU D 510 -42.25 -44.14 15.67
C LEU D 510 -42.88 -43.30 14.56
N ASN D 511 -42.52 -43.58 13.31
CA ASN D 511 -42.96 -42.78 12.16
C ASN D 511 -42.55 -41.32 12.31
N ILE D 512 -41.32 -41.10 12.76
CA ILE D 512 -40.72 -39.77 12.78
C ILE D 512 -39.44 -39.83 11.95
N PRO D 513 -39.04 -38.75 11.29
CA PRO D 513 -37.78 -38.75 10.54
C PRO D 513 -36.60 -38.82 11.50
N PRO D 514 -35.44 -39.26 11.03
CA PRO D 514 -34.25 -39.27 11.91
C PRO D 514 -33.70 -37.90 12.21
N VAL D 515 -34.18 -36.86 11.52
CA VAL D 515 -33.76 -35.49 11.77
C VAL D 515 -35.01 -34.72 12.22
N LEU D 516 -35.10 -34.45 13.52
CA LEU D 516 -36.25 -33.77 14.09
C LEU D 516 -36.04 -32.27 13.99
N SER D 517 -36.89 -31.60 13.21
CA SER D 517 -36.81 -30.16 13.02
C SER D 517 -37.31 -29.42 14.27
N PHE D 518 -36.40 -29.06 15.17
CA PHE D 518 -36.76 -28.32 16.36
C PHE D 518 -36.91 -26.82 16.11
N GLY D 519 -36.42 -26.31 14.98
CA GLY D 519 -36.68 -24.93 14.63
C GLY D 519 -35.46 -24.07 14.36
N THR D 520 -35.16 -23.16 15.28
CA THR D 520 -34.23 -22.06 15.05
C THR D 520 -33.01 -22.20 15.96
N CYS D 521 -32.03 -21.32 15.73
CA CYS D 521 -30.93 -21.17 16.66
C CYS D 521 -31.44 -20.74 18.03
N THR D 522 -32.45 -19.87 18.06
CA THR D 522 -33.08 -19.45 19.31
C THR D 522 -33.72 -20.61 20.05
N ASP D 523 -33.83 -21.78 19.44
CA ASP D 523 -34.37 -22.94 20.14
C ASP D 523 -33.29 -23.76 20.83
N THR D 524 -32.03 -23.32 20.79
CA THR D 524 -30.96 -24.03 21.49
C THR D 524 -31.31 -24.23 22.95
N GLY D 525 -31.71 -23.15 23.64
CA GLY D 525 -32.14 -23.28 25.02
C GLY D 525 -33.27 -24.28 25.19
N ARG D 526 -34.21 -24.29 24.23
CA ARG D 526 -35.27 -25.30 24.26
C ARG D 526 -34.68 -26.69 24.21
N ILE D 527 -33.72 -26.91 23.29
CA ILE D 527 -33.01 -28.19 23.24
C ILE D 527 -32.31 -28.45 24.57
N SER D 528 -31.80 -27.40 25.21
CA SER D 528 -31.19 -27.53 26.53
C SER D 528 -32.12 -28.21 27.52
N LEU D 529 -33.43 -28.00 27.38
CA LEU D 529 -34.38 -28.67 28.27
C LEU D 529 -34.37 -30.18 28.03
N VAL D 530 -34.38 -30.59 26.75
CA VAL D 530 -34.43 -32.01 26.42
C VAL D 530 -33.31 -32.76 27.13
N VAL D 531 -32.07 -32.38 26.84
CA VAL D 531 -30.92 -33.02 27.48
C VAL D 531 -31.03 -32.88 28.99
N THR D 532 -31.54 -31.75 29.47
CA THR D 532 -31.72 -31.57 30.91
C THR D 532 -32.63 -32.64 31.48
N ALA D 533 -33.74 -32.93 30.78
CA ALA D 533 -34.57 -34.07 31.16
C ALA D 533 -33.76 -35.35 31.16
N LEU D 534 -32.96 -35.56 30.11
CA LEU D 534 -32.08 -36.71 30.06
C LEU D 534 -31.05 -36.67 31.18
N ALA D 535 -30.70 -35.47 31.64
CA ALA D 535 -29.82 -35.36 32.80
C ALA D 535 -30.58 -35.67 34.09
N ASN D 536 -31.86 -35.33 34.14
CA ASN D 536 -32.68 -35.63 35.32
C ASN D 536 -33.19 -37.06 35.30
N ALA D 537 -33.21 -37.71 34.14
CA ALA D 537 -33.68 -39.09 34.06
C ALA D 537 -32.59 -40.07 34.48
N LEU D 538 -31.39 -39.92 33.91
CA LEU D 538 -30.27 -40.78 34.25
C LEU D 538 -29.53 -40.35 35.51
N ASN D 539 -29.93 -39.21 36.11
CA ASN D 539 -29.33 -38.73 37.35
C ASN D 539 -27.83 -38.50 37.20
N VAL D 540 -27.42 -38.01 36.03
CA VAL D 540 -26.02 -37.75 35.74
C VAL D 540 -25.88 -36.34 35.19
N ASP D 541 -24.65 -35.84 35.23
CA ASP D 541 -24.34 -34.54 34.65
C ASP D 541 -24.50 -34.59 33.13
N THR D 542 -24.78 -33.43 32.54
CA THR D 542 -24.91 -33.34 31.09
C THR D 542 -23.62 -33.72 30.39
N ALA D 543 -22.47 -33.49 31.04
CA ALA D 543 -21.18 -33.84 30.46
C ALA D 543 -20.96 -35.35 30.39
N ASP D 544 -21.85 -36.15 30.95
CA ASP D 544 -21.74 -37.60 30.90
C ASP D 544 -22.70 -38.25 29.91
N LEU D 545 -23.63 -37.49 29.35
CA LEU D 545 -24.63 -38.02 28.44
C LEU D 545 -24.03 -38.28 27.06
N PRO D 546 -24.52 -39.31 26.35
CA PRO D 546 -24.03 -39.57 24.99
C PRO D 546 -24.55 -38.53 24.01
N VAL D 547 -24.12 -37.28 24.16
CA VAL D 547 -24.65 -36.16 23.41
C VAL D 547 -23.50 -35.35 22.84
N ALA D 548 -23.78 -34.65 21.74
CA ALA D 548 -22.82 -33.74 21.13
C ALA D 548 -23.58 -32.62 20.44
N VAL D 549 -22.85 -31.57 20.08
CA VAL D 549 -23.41 -30.40 19.39
C VAL D 549 -22.47 -30.02 18.26
N THR D 550 -23.04 -29.72 17.09
CA THR D 550 -22.24 -29.34 15.93
C THR D 550 -22.82 -28.10 15.27
N ALA D 551 -21.93 -27.16 14.92
CA ALA D 551 -22.25 -26.02 14.07
C ALA D 551 -21.37 -26.17 12.83
N PRO D 552 -21.75 -27.06 11.91
CA PRO D 552 -20.83 -27.43 10.81
C PRO D 552 -20.58 -26.33 9.82
N MET D 553 -21.46 -25.32 9.73
CA MET D 553 -21.27 -24.22 8.79
C MET D 553 -21.75 -22.92 9.45
N TYR D 554 -21.14 -22.58 10.58
CA TYR D 554 -21.46 -21.36 11.28
C TYR D 554 -21.01 -20.15 10.46
N MET D 555 -21.62 -19.00 10.74
CA MET D 555 -21.24 -17.77 10.06
C MET D 555 -21.05 -16.64 11.05
N GLU D 556 -22.09 -16.30 11.78
CA GLU D 556 -22.09 -15.15 12.67
C GLU D 556 -22.01 -15.60 14.13
N GLN D 557 -22.27 -14.68 15.05
CA GLN D 557 -22.13 -14.93 16.47
C GLN D 557 -23.42 -15.42 17.12
N LYS D 558 -24.54 -15.42 16.41
CA LYS D 558 -25.75 -16.04 16.93
C LYS D 558 -25.56 -17.53 17.15
N ALA D 559 -24.71 -18.17 16.34
CA ALA D 559 -24.40 -19.58 16.54
C ALA D 559 -23.29 -19.77 17.56
N THR D 560 -22.27 -18.90 17.54
CA THR D 560 -21.18 -19.04 18.49
C THR D 560 -21.63 -18.75 19.92
N ILE D 561 -22.72 -17.99 20.10
CA ILE D 561 -23.27 -17.80 21.43
C ILE D 561 -23.83 -19.12 21.96
N ASP D 562 -24.61 -19.82 21.14
CA ASP D 562 -25.10 -21.13 21.53
C ASP D 562 -23.95 -22.12 21.72
N ALA D 563 -22.88 -21.96 20.94
CA ALA D 563 -21.71 -22.81 21.10
C ALA D 563 -21.02 -22.54 22.44
N LEU D 564 -20.90 -21.27 22.83
CA LEU D 564 -20.36 -20.93 24.14
C LEU D 564 -21.23 -21.48 25.25
N PHE D 565 -22.55 -21.43 25.07
CA PHE D 565 -23.45 -22.04 26.04
C PHE D 565 -23.18 -23.54 26.16
N ALA D 566 -23.09 -24.23 25.02
CA ALA D 566 -22.81 -25.67 25.03
C ALA D 566 -21.48 -25.96 25.70
N LEU D 567 -20.50 -25.07 25.52
CA LEU D 567 -19.22 -25.22 26.21
C LEU D 567 -19.41 -25.11 27.72
N ALA D 568 -20.10 -24.05 28.17
CA ALA D 568 -20.43 -23.92 29.59
C ALA D 568 -21.43 -24.98 30.04
N TYR D 569 -22.23 -25.52 29.12
CA TYR D 569 -23.11 -26.64 29.42
C TYR D 569 -22.37 -27.97 29.49
N GLY D 570 -21.06 -27.98 29.20
CA GLY D 570 -20.26 -29.18 29.29
C GLY D 570 -20.54 -30.18 28.20
N LEU D 571 -20.54 -29.74 26.95
CA LEU D 571 -20.86 -30.59 25.82
C LEU D 571 -19.73 -30.57 24.80
N TYR D 572 -19.56 -31.71 24.12
CA TYR D 572 -18.74 -31.80 22.93
C TYR D 572 -19.34 -30.91 21.86
N THR D 573 -18.64 -29.84 21.47
CA THR D 573 -19.18 -28.82 20.57
C THR D 573 -18.29 -28.74 19.34
N HIS D 574 -18.80 -29.23 18.21
CA HIS D 574 -18.08 -29.14 16.94
C HIS D 574 -18.48 -27.85 16.25
N VAL D 575 -17.48 -27.06 15.86
CA VAL D 575 -17.72 -25.79 15.17
C VAL D 575 -16.88 -25.75 13.91
N ALA D 576 -17.54 -25.68 12.76
CA ALA D 576 -16.89 -25.49 11.48
C ALA D 576 -17.58 -24.37 10.72
N PRO D 577 -16.83 -23.54 9.98
CA PRO D 577 -15.38 -23.54 9.82
C PRO D 577 -14.65 -23.10 11.09
N ASP D 578 -13.34 -22.95 10.99
CA ASP D 578 -12.53 -22.63 12.17
C ASP D 578 -12.88 -21.24 12.70
N PRO D 579 -13.24 -21.12 13.98
CA PRO D 579 -13.37 -19.79 14.58
C PRO D 579 -12.06 -19.04 14.52
N PRO D 580 -12.09 -17.73 14.26
CA PRO D 580 -10.84 -16.98 13.98
C PRO D 580 -10.02 -16.72 15.24
N VAL D 581 -9.48 -17.79 15.84
CA VAL D 581 -8.64 -17.69 17.03
C VAL D 581 -7.51 -18.70 16.94
N MET D 582 -7.40 -19.39 15.81
CA MET D 582 -6.44 -20.50 15.68
C MET D 582 -5.00 -20.04 15.81
N GLY D 583 -4.71 -18.76 15.53
CA GLY D 583 -3.38 -18.23 15.71
C GLY D 583 -2.96 -18.04 17.15
N ALA D 584 -3.82 -18.39 18.11
CA ALA D 584 -3.55 -18.29 19.53
C ALA D 584 -3.41 -19.69 20.11
N PRO D 585 -2.19 -20.23 20.19
CA PRO D 585 -2.05 -21.66 20.55
C PRO D 585 -2.58 -22.00 21.93
N ASN D 586 -2.35 -21.15 22.94
CA ASN D 586 -2.79 -21.48 24.29
C ASN D 586 -4.31 -21.37 24.43
N LEU D 587 -4.92 -20.41 23.74
CA LEU D 587 -6.38 -20.32 23.74
C LEU D 587 -6.99 -21.55 23.07
N VAL D 588 -6.38 -22.03 21.99
CA VAL D 588 -6.87 -23.24 21.33
C VAL D 588 -6.69 -24.44 22.24
N LYS D 589 -5.57 -24.51 22.96
CA LYS D 589 -5.35 -25.59 23.92
C LYS D 589 -6.43 -25.56 25.01
N LEU D 590 -6.79 -24.36 25.48
CA LEU D 590 -7.85 -24.25 26.48
C LEU D 590 -9.19 -24.71 25.93
N LEU D 591 -9.55 -24.24 24.75
CA LEU D 591 -10.87 -24.52 24.19
C LEU D 591 -11.03 -25.94 23.68
N THR D 592 -9.93 -26.62 23.35
CA THR D 592 -10.02 -27.96 22.77
C THR D 592 -9.63 -29.08 23.72
N ARG D 593 -8.71 -28.83 24.67
CA ARG D 593 -8.17 -29.92 25.48
C ARG D 593 -8.30 -29.66 26.98
N ASP D 594 -8.18 -28.39 27.39
CA ASP D 594 -8.20 -28.08 28.82
C ASP D 594 -9.62 -27.91 29.35
N LEU D 595 -10.58 -27.55 28.48
CA LEU D 595 -11.94 -27.33 28.94
C LEU D 595 -12.61 -28.55 29.57
N PRO D 596 -12.42 -29.78 29.08
CA PRO D 596 -13.12 -30.93 29.71
C PRO D 596 -12.88 -31.08 31.20
N SER D 597 -11.73 -30.63 31.72
CA SER D 597 -11.48 -30.67 33.15
C SER D 597 -11.95 -29.41 33.87
N ILE D 598 -12.74 -28.58 33.19
CA ILE D 598 -13.26 -27.35 33.78
C ILE D 598 -14.77 -27.37 33.71
N THR D 599 -15.32 -27.36 32.50
CA THR D 599 -16.76 -27.44 32.29
C THR D 599 -17.22 -28.82 31.82
N GLY D 600 -16.30 -29.66 31.36
CA GLY D 600 -16.64 -30.95 30.79
C GLY D 600 -16.73 -30.97 29.28
N GLY D 601 -16.98 -29.81 28.66
CA GLY D 601 -17.09 -29.73 27.22
C GLY D 601 -15.76 -29.42 26.54
N ARG D 602 -15.79 -29.44 25.21
CA ARG D 602 -14.60 -29.19 24.41
C ARG D 602 -15.05 -28.73 23.03
N ILE D 603 -14.08 -28.19 22.28
CA ILE D 603 -14.32 -27.68 20.93
C ILE D 603 -13.68 -28.62 19.93
N ALA D 604 -14.44 -29.04 18.94
CA ALA D 604 -13.97 -29.87 17.85
C ALA D 604 -14.01 -29.09 16.54
N VAL D 605 -13.08 -29.40 15.64
CA VAL D 605 -12.97 -28.70 14.36
C VAL D 605 -12.85 -29.73 13.25
N GLY D 606 -13.07 -29.26 12.02
CA GLY D 606 -13.03 -30.12 10.85
C GLY D 606 -14.20 -29.90 9.92
N SER D 607 -13.94 -29.97 8.61
CA SER D 607 -14.99 -29.81 7.62
C SER D 607 -15.24 -31.07 6.80
N ASP D 608 -14.52 -32.15 7.07
CA ASP D 608 -14.77 -33.42 6.41
C ASP D 608 -15.95 -34.12 7.08
N PRO D 609 -17.05 -34.38 6.37
CA PRO D 609 -18.21 -34.99 7.04
C PRO D 609 -17.91 -36.34 7.66
N VAL D 610 -17.16 -37.18 6.97
CA VAL D 610 -16.84 -38.52 7.49
C VAL D 610 -16.04 -38.40 8.78
N LYS D 611 -15.01 -37.55 8.79
CA LYS D 611 -14.14 -37.46 9.96
C LYS D 611 -14.86 -36.79 11.13
N VAL D 612 -15.67 -35.76 10.86
CA VAL D 612 -16.44 -35.13 11.93
C VAL D 612 -17.42 -36.13 12.54
N ALA D 613 -18.10 -36.90 11.70
CA ALA D 613 -19.01 -37.92 12.20
C ALA D 613 -18.24 -38.98 13.00
N ASP D 614 -17.06 -39.36 12.55
CA ASP D 614 -16.25 -40.34 13.27
C ASP D 614 -15.89 -39.82 14.66
N ASP D 615 -15.45 -38.56 14.75
CA ASP D 615 -15.07 -38.01 16.05
C ASP D 615 -16.28 -37.87 16.98
N ILE D 616 -17.42 -37.45 16.44
CA ILE D 616 -18.62 -37.33 17.26
C ILE D 616 -19.05 -38.69 17.78
N LEU D 617 -19.06 -39.70 16.91
CA LEU D 617 -19.41 -41.05 17.34
C LEU D 617 -18.41 -41.59 18.35
N ALA D 618 -17.13 -41.26 18.19
CA ALA D 618 -16.12 -41.69 19.15
C ALA D 618 -16.38 -41.10 20.52
N HIS D 619 -16.71 -39.81 20.58
CA HIS D 619 -17.03 -39.19 21.88
C HIS D 619 -18.29 -39.80 22.47
N ILE D 620 -19.30 -40.07 21.63
CA ILE D 620 -20.54 -40.65 22.13
C ILE D 620 -20.30 -42.04 22.72
N ASN D 621 -19.50 -42.85 22.03
CA ASN D 621 -19.19 -44.18 22.55
C ASN D 621 -18.30 -44.10 23.78
N ASP D 622 -17.41 -43.10 23.86
CA ASP D 622 -16.61 -42.93 25.06
C ASP D 622 -17.48 -42.59 26.26
N ARG D 623 -18.50 -41.76 26.05
CA ARG D 623 -19.45 -41.47 27.13
C ARG D 623 -20.30 -42.68 27.47
N ARG D 624 -20.66 -43.50 26.47
CA ARG D 624 -21.41 -44.72 26.74
C ARG D 624 -20.60 -45.73 27.53
N ALA D 625 -19.29 -45.74 27.34
CA ALA D 625 -18.43 -46.68 28.06
C ALA D 625 -18.52 -46.47 29.57
N LYS D 626 -18.54 -45.20 30.01
CA LYS D 626 -18.63 -44.89 31.42
C LYS D 626 -20.05 -45.01 31.97
N LEU D 627 -21.06 -45.08 31.10
CA LEU D 627 -22.44 -45.30 31.50
C LEU D 627 -22.81 -46.78 31.56
N GLY D 628 -21.85 -47.67 31.34
CA GLY D 628 -22.14 -49.09 31.32
C GLY D 628 -22.88 -49.58 30.10
N ILE D 629 -23.00 -48.75 29.07
CA ILE D 629 -23.72 -49.14 27.87
C ILE D 629 -22.81 -49.07 26.64
#